data_3RGT
#
_entry.id   3RGT
#
_cell.length_a   110.712
_cell.length_b   179.657
_cell.length_c   85.422
_cell.angle_alpha   90.00
_cell.angle_beta   90.00
_cell.angle_gamma   90.00
#
_symmetry.space_group_name_H-M   'P 21 21 2'
#
loop_
_entity.id
_entity.type
_entity.pdbx_description
1 polymer 'D-mannonate dehydratase'
2 non-polymer 'COBALT (II) ION'
3 non-polymer (2S,3R,4R)-2,3,4,5-tetrahydroxy-N-oxo-pentanamide
4 water water
#
_entity_poly.entity_id   1
_entity_poly.type   'polypeptide(L)'
_entity_poly.pdbx_seq_one_letter_code
;MSLKIRDAYTIVTCPGRNFVTLKIVTESGTHGIGDATLNGREMAVAAYLDEHVVPALIGRDAGRIEDTWQYLYRGAYWRR
GPVTMTAIAAVDMALWDIKAKAAGMPLYQLLGGKSRERVMTYAHCTGQTIEDCLGEVARHVELGYRAVRVQSGVPGIETT
YGVAKTPGERYEPADSSLPAEHVWSTEKYLNHAPKLFAAVRERFGDDLHVLHDVHHRLTPIEAARLGKAVEPYHLFWLED
CVPAENQESLRLIREHTTTPLAIGEVFNSIHDCRELIQNQWIDYIRMPLTHGGGITAMRRVADLASLYHVRTGFHGPTDL
SPVCLGAAIHFDTWVPNFGIQEHMPHTDETDAVFPHDYRFEDGHFLAGESPGHGVDIDEELAAKYPYERASLPVNRLEDG
TLWHW
;
_entity_poly.pdbx_strand_id   A,B,C,D
#
# COMPACT_ATOMS: atom_id res chain seq x y z
N LEU A 3 19.51 23.07 -8.20
CA LEU A 3 18.47 23.36 -9.19
C LEU A 3 17.38 24.28 -8.65
N LYS A 4 17.78 25.41 -8.07
CA LYS A 4 16.81 26.35 -7.50
C LYS A 4 15.78 26.88 -8.51
N ILE A 5 14.53 26.96 -8.06
CA ILE A 5 13.47 27.53 -8.88
C ILE A 5 13.62 29.05 -8.95
N ARG A 6 13.73 29.58 -10.16
CA ARG A 6 13.85 31.02 -10.36
C ARG A 6 12.47 31.66 -10.48
N ASP A 7 11.61 31.05 -11.28
CA ASP A 7 10.28 31.60 -11.52
C ASP A 7 9.26 30.47 -11.62
N ALA A 8 8.02 30.80 -11.31
CA ALA A 8 6.89 29.87 -11.45
C ALA A 8 5.63 30.69 -11.69
N TYR A 9 4.80 30.25 -12.61
CA TYR A 9 3.57 30.99 -12.91
C TYR A 9 2.57 30.10 -13.64
N THR A 10 1.33 30.55 -13.69
CA THR A 10 0.28 29.80 -14.35
C THR A 10 -0.09 30.47 -15.66
N ILE A 11 -0.58 29.67 -16.58
CA ILE A 11 -1.06 30.14 -17.86
C ILE A 11 -2.47 29.62 -18.02
N VAL A 12 -3.39 30.53 -18.29
CA VAL A 12 -4.78 30.17 -18.51
C VAL A 12 -5.10 30.40 -19.98
N THR A 13 -5.74 29.42 -20.63
CA THR A 13 -6.00 29.52 -22.05
C THR A 13 -7.19 28.66 -22.45
N CYS A 14 -7.89 29.07 -23.51
CA CYS A 14 -9.11 28.37 -23.90
C CYS A 14 -9.17 28.00 -25.39
N PRO A 15 -8.25 27.14 -25.84
CA PRO A 15 -8.20 26.67 -27.24
C PRO A 15 -9.27 25.62 -27.57
N GLY A 16 -10.53 26.00 -27.46
CA GLY A 16 -11.62 25.05 -27.60
C GLY A 16 -12.26 24.73 -26.25
N ARG A 17 -11.49 24.86 -25.18
CA ARG A 17 -11.98 24.71 -23.81
C ARG A 17 -10.90 25.22 -22.86
N ASN A 18 -11.25 25.39 -21.57
CA ASN A 18 -10.33 25.98 -20.60
C ASN A 18 -9.25 24.99 -20.13
N PHE A 19 -8.01 25.47 -20.04
CA PHE A 19 -6.93 24.73 -19.38
C PHE A 19 -6.13 25.67 -18.50
N VAL A 20 -5.71 25.20 -17.33
CA VAL A 20 -4.76 25.93 -16.51
C VAL A 20 -3.49 25.09 -16.42
N THR A 21 -2.35 25.74 -16.66
CA THR A 21 -1.04 25.09 -16.70
C THR A 21 -0.06 25.80 -15.73
N LEU A 22 0.76 25.03 -15.03
CA LEU A 22 1.78 25.62 -14.18
C LEU A 22 3.12 25.44 -14.88
N LYS A 23 3.89 26.52 -14.97
CA LYS A 23 5.26 26.43 -15.46
C LYS A 23 6.24 26.78 -14.34
N ILE A 24 7.28 25.97 -14.21
CA ILE A 24 8.35 26.20 -13.25
C ILE A 24 9.66 26.31 -14.02
N VAL A 25 10.47 27.31 -13.67
CA VAL A 25 11.74 27.57 -14.36
C VAL A 25 12.88 27.69 -13.36
N THR A 26 13.92 26.89 -13.56
CA THR A 26 15.07 26.88 -12.64
C THR A 26 16.13 27.91 -13.04
N GLU A 27 17.11 28.15 -12.17
CA GLU A 27 18.18 29.11 -12.42
C GLU A 27 18.92 28.83 -13.73
N SER A 28 19.15 27.56 -14.01
CA SER A 28 19.90 27.15 -15.19
C SER A 28 19.03 27.15 -16.45
N GLY A 29 17.83 27.71 -16.36
CA GLY A 29 16.96 27.83 -17.51
C GLY A 29 16.10 26.64 -17.85
N THR A 30 16.39 25.47 -17.27
CA THR A 30 15.53 24.30 -17.50
C THR A 30 14.13 24.56 -16.94
N HIS A 31 13.11 24.07 -17.64
CA HIS A 31 11.74 24.31 -17.23
C HIS A 31 10.84 23.06 -17.27
N GLY A 32 9.76 23.11 -16.50
CA GLY A 32 8.79 22.04 -16.46
C GLY A 32 7.37 22.56 -16.35
N ILE A 33 6.42 21.80 -16.87
CA ILE A 33 5.01 22.18 -16.77
C ILE A 33 4.14 21.04 -16.22
N GLY A 34 3.09 21.41 -15.51
CA GLY A 34 2.12 20.46 -15.02
C GLY A 34 0.72 20.96 -15.31
N ASP A 35 -0.21 20.03 -15.48
CA ASP A 35 -1.60 20.40 -15.73
C ASP A 35 -2.27 20.72 -14.40
N ALA A 36 -3.07 21.77 -14.39
CA ALA A 36 -3.78 22.21 -13.19
C ALA A 36 -5.24 22.47 -13.53
N THR A 37 -5.75 21.81 -14.56
CA THR A 37 -7.12 22.03 -15.00
C THR A 37 -8.15 21.28 -14.17
N LEU A 38 -9.11 22.01 -13.61
CA LEU A 38 -10.23 21.44 -12.85
C LEU A 38 -11.53 21.93 -13.46
N ASN A 39 -12.12 21.12 -14.34
CA ASN A 39 -13.28 21.50 -15.15
C ASN A 39 -14.43 22.17 -14.40
N GLY A 40 -14.80 23.36 -14.84
CA GLY A 40 -15.91 24.08 -14.23
C GLY A 40 -15.54 24.80 -12.94
N ARG A 41 -14.31 24.62 -12.46
CA ARG A 41 -13.84 25.34 -11.27
C ARG A 41 -12.42 25.87 -11.48
N GLU A 42 -12.09 26.15 -12.73
CA GLU A 42 -10.70 26.41 -13.11
C GLU A 42 -10.01 27.51 -12.32
N MET A 43 -10.71 28.61 -12.06
CA MET A 43 -10.07 29.77 -11.45
C MET A 43 -9.77 29.60 -9.95
N ALA A 44 -10.42 28.63 -9.31
CA ALA A 44 -10.13 28.33 -7.91
C ALA A 44 -8.73 27.74 -7.79
N VAL A 45 -8.40 26.85 -8.71
CA VAL A 45 -7.03 26.30 -8.77
C VAL A 45 -6.01 27.36 -9.17
N ALA A 46 -6.34 28.14 -10.21
CA ALA A 46 -5.45 29.23 -10.62
C ALA A 46 -5.09 30.14 -9.44
N ALA A 47 -6.08 30.52 -8.64
CA ALA A 47 -5.81 31.40 -7.48
C ALA A 47 -5.07 30.67 -6.36
N TYR A 48 -5.44 29.42 -6.13
CA TYR A 48 -4.73 28.61 -5.17
C TYR A 48 -3.24 28.67 -5.52
N LEU A 49 -2.93 28.38 -6.77
CA LEU A 49 -1.55 28.37 -7.24
C LEU A 49 -0.92 29.77 -7.22
N ASP A 50 -1.53 30.71 -7.93
CA ASP A 50 -0.99 32.05 -8.07
C ASP A 50 -0.74 32.69 -6.72
N GLU A 51 -1.71 32.59 -5.82
CA GLU A 51 -1.66 33.41 -4.63
C GLU A 51 -1.02 32.75 -3.40
N HIS A 52 -0.96 31.42 -3.38
CA HIS A 52 -0.55 30.71 -2.16
C HIS A 52 0.56 29.70 -2.37
N VAL A 53 0.66 29.14 -3.56
CA VAL A 53 1.68 28.12 -3.81
C VAL A 53 2.92 28.70 -4.49
N VAL A 54 2.71 29.33 -5.64
CA VAL A 54 3.80 29.97 -6.39
C VAL A 54 4.82 30.76 -5.53
N PRO A 55 4.36 31.71 -4.71
CA PRO A 55 5.33 32.50 -3.94
C PRO A 55 6.24 31.64 -3.09
N ALA A 56 5.74 30.50 -2.64
CA ALA A 56 6.51 29.60 -1.79
C ALA A 56 7.44 28.69 -2.59
N LEU A 57 7.24 28.62 -3.91
CA LEU A 57 8.10 27.81 -4.78
C LEU A 57 9.43 28.51 -5.08
N ILE A 58 9.40 29.83 -5.16
CA ILE A 58 10.58 30.59 -5.54
C ILE A 58 11.76 30.30 -4.60
N GLY A 59 12.89 29.90 -5.17
CA GLY A 59 14.07 29.65 -4.37
C GLY A 59 14.16 28.26 -3.80
N ARG A 60 13.12 27.45 -4.01
CA ARG A 60 13.17 26.05 -3.58
C ARG A 60 14.02 25.24 -4.51
N ASP A 61 14.61 24.18 -4.00
CA ASP A 61 15.35 23.22 -4.80
C ASP A 61 14.38 22.38 -5.63
N ALA A 62 14.37 22.57 -6.94
CA ALA A 62 13.43 21.84 -7.82
C ALA A 62 13.62 20.32 -7.80
N GLY A 63 14.79 19.87 -7.38
CA GLY A 63 15.07 18.45 -7.29
C GLY A 63 14.35 17.74 -6.15
N ARG A 64 13.93 18.50 -5.15
N ARG A 64 13.93 18.50 -5.16
CA ARG A 64 13.29 17.94 -3.97
CA ARG A 64 13.29 17.93 -3.97
C ARG A 64 11.80 17.73 -4.20
C ARG A 64 11.79 17.73 -4.19
N ILE A 65 11.47 16.78 -5.07
CA ILE A 65 10.09 16.53 -5.46
C ILE A 65 9.23 16.05 -4.28
N GLU A 66 9.76 15.06 -3.56
CA GLU A 66 9.07 14.50 -2.41
C GLU A 66 8.86 15.54 -1.29
N ASP A 67 9.90 16.30 -0.98
CA ASP A 67 9.77 17.30 0.09
C ASP A 67 8.78 18.39 -0.33
N THR A 68 8.75 18.70 -1.62
CA THR A 68 7.81 19.71 -2.10
C THR A 68 6.37 19.22 -2.00
N TRP A 69 6.13 17.96 -2.35
CA TRP A 69 4.79 17.36 -2.28
C TRP A 69 4.27 17.38 -0.85
N GLN A 70 5.09 16.88 0.07
CA GLN A 70 4.75 16.86 1.48
C GLN A 70 4.57 18.27 2.04
N TYR A 71 5.46 19.17 1.63
CA TYR A 71 5.42 20.57 2.07
C TYR A 71 4.08 21.19 1.67
N LEU A 72 3.63 20.94 0.44
CA LEU A 72 2.35 21.47 -0.02
C LEU A 72 1.15 20.73 0.59
N TYR A 73 1.29 19.41 0.73
CA TYR A 73 0.19 18.57 1.18
C TYR A 73 -0.10 18.78 2.66
N ARG A 74 0.90 18.55 3.50
CA ARG A 74 0.80 18.77 4.94
C ARG A 74 0.74 20.26 5.27
N GLY A 75 1.57 21.04 4.58
CA GLY A 75 1.73 22.45 4.90
C GLY A 75 0.48 23.29 4.69
N ALA A 76 -0.38 22.86 3.76
CA ALA A 76 -1.64 23.57 3.53
C ALA A 76 -2.50 23.54 4.78
N TYR A 77 -2.22 22.56 5.65
CA TYR A 77 -2.99 22.35 6.89
C TYR A 77 -4.35 21.74 6.58
N TRP A 78 -5.09 22.35 5.66
CA TRP A 78 -6.37 21.80 5.24
C TRP A 78 -6.08 20.85 4.10
N ARG A 79 -6.13 19.54 4.39
CA ARG A 79 -5.60 18.53 3.46
C ARG A 79 -6.68 17.97 2.52
N ARG A 80 -6.24 17.51 1.35
CA ARG A 80 -7.09 16.81 0.37
C ARG A 80 -8.05 17.78 -0.33
N GLY A 81 -8.86 17.28 -1.25
CA GLY A 81 -9.83 18.15 -1.94
C GLY A 81 -9.45 18.44 -3.37
N PRO A 82 -10.45 18.75 -4.22
CA PRO A 82 -10.17 18.83 -5.66
C PRO A 82 -9.34 20.06 -6.03
N VAL A 83 -9.55 21.19 -5.36
CA VAL A 83 -8.76 22.37 -5.65
C VAL A 83 -7.34 22.18 -5.12
N THR A 84 -7.26 21.75 -3.87
CA THR A 84 -5.99 21.51 -3.21
C THR A 84 -5.11 20.51 -3.98
N MET A 85 -5.65 19.35 -4.29
CA MET A 85 -4.84 18.28 -4.88
C MET A 85 -4.51 18.51 -6.35
N THR A 86 -5.31 19.33 -7.04
CA THR A 86 -4.98 19.71 -8.42
C THR A 86 -3.79 20.68 -8.46
N ALA A 87 -3.77 21.63 -7.55
CA ALA A 87 -2.63 22.53 -7.40
C ALA A 87 -1.37 21.71 -7.12
N ILE A 88 -1.52 20.74 -6.23
CA ILE A 88 -0.36 19.95 -5.81
C ILE A 88 0.13 19.09 -6.96
N ALA A 89 -0.81 18.53 -7.72
CA ALA A 89 -0.49 17.75 -8.91
C ALA A 89 0.26 18.54 -9.98
N ALA A 90 -0.10 19.81 -10.16
CA ALA A 90 0.56 20.65 -11.17
C ALA A 90 2.04 20.90 -10.82
N VAL A 91 2.30 21.26 -9.57
CA VAL A 91 3.67 21.41 -9.10
C VAL A 91 4.44 20.10 -9.30
N ASP A 92 3.82 18.99 -8.92
CA ASP A 92 4.47 17.68 -8.91
C ASP A 92 4.83 17.18 -10.32
N MET A 93 3.88 17.33 -11.24
CA MET A 93 4.09 16.97 -12.63
C MET A 93 5.19 17.87 -13.25
N ALA A 94 5.15 19.15 -12.96
CA ALA A 94 6.19 20.07 -13.44
C ALA A 94 7.58 19.69 -12.91
N LEU A 95 7.64 19.21 -11.67
CA LEU A 95 8.94 18.86 -11.10
C LEU A 95 9.47 17.55 -11.65
N TRP A 96 8.56 16.62 -11.92
CA TRP A 96 8.97 15.37 -12.58
C TRP A 96 9.41 15.65 -14.01
N ASP A 97 8.78 16.63 -14.64
CA ASP A 97 9.19 17.08 -15.97
C ASP A 97 10.64 17.55 -15.91
N ILE A 98 10.94 18.42 -14.95
CA ILE A 98 12.29 18.93 -14.76
C ILE A 98 13.29 17.81 -14.43
N LYS A 99 12.92 16.91 -13.53
CA LYS A 99 13.83 15.85 -13.11
C LYS A 99 14.16 14.93 -14.27
N ALA A 100 13.16 14.57 -15.08
CA ALA A 100 13.40 13.74 -16.26
C ALA A 100 14.31 14.44 -17.28
N LYS A 101 14.06 15.71 -17.55
CA LYS A 101 14.95 16.49 -18.42
C LYS A 101 16.40 16.49 -17.91
N ALA A 102 16.57 16.74 -16.61
CA ALA A 102 17.89 16.74 -16.00
C ALA A 102 18.58 15.37 -16.08
N ALA A 103 17.80 14.30 -16.07
CA ALA A 103 18.32 12.96 -16.21
C ALA A 103 18.57 12.62 -17.68
N GLY A 104 18.14 13.49 -18.57
CA GLY A 104 18.22 13.26 -20.00
C GLY A 104 17.45 12.02 -20.44
N MET A 105 16.33 11.77 -19.77
CA MET A 105 15.49 10.58 -20.02
C MET A 105 14.03 10.96 -20.25
N PRO A 106 13.31 10.18 -21.06
CA PRO A 106 11.86 10.38 -21.06
C PRO A 106 11.29 9.87 -19.71
N LEU A 107 10.16 10.44 -19.29
CA LEU A 107 9.64 10.16 -17.96
C LEU A 107 9.54 8.66 -17.62
N TYR A 108 9.04 7.84 -18.54
CA TYR A 108 8.86 6.43 -18.20
C TYR A 108 10.15 5.74 -17.78
N GLN A 109 11.29 6.23 -18.27
CA GLN A 109 12.57 5.60 -17.96
C GLN A 109 12.91 5.89 -16.51
N LEU A 110 12.51 7.08 -16.07
CA LEU A 110 12.80 7.54 -14.71
C LEU A 110 11.99 6.74 -13.68
N LEU A 111 10.81 6.28 -14.09
CA LEU A 111 9.88 5.59 -13.21
C LEU A 111 10.21 4.10 -12.98
N GLY A 112 11.12 3.56 -13.78
CA GLY A 112 11.47 2.15 -13.70
C GLY A 112 11.48 1.49 -15.07
N GLY A 113 11.24 2.28 -16.09
CA GLY A 113 11.36 1.79 -17.46
C GLY A 113 10.08 1.17 -18.00
N LYS A 114 10.13 0.84 -19.28
CA LYS A 114 9.00 0.27 -20.03
C LYS A 114 8.50 -1.09 -19.51
N SER A 115 7.19 -1.19 -19.22
CA SER A 115 6.58 -2.49 -18.88
C SER A 115 5.75 -3.06 -20.05
N ARG A 116 5.54 -2.24 -21.08
CA ARG A 116 4.77 -2.64 -22.26
C ARG A 116 5.22 -1.80 -23.45
N GLU A 117 4.90 -2.26 -24.66
CA GLU A 117 5.39 -1.60 -25.87
C GLU A 117 4.41 -0.54 -26.36
N ARG A 118 3.16 -0.65 -25.94
CA ARG A 118 2.15 0.35 -26.29
C ARG A 118 1.03 0.35 -25.27
N VAL A 119 0.19 1.38 -25.33
CA VAL A 119 -0.79 1.66 -24.29
C VAL A 119 -2.21 1.64 -24.85
N MET A 120 -2.97 0.60 -24.53
CA MET A 120 -4.30 0.46 -25.11
C MET A 120 -5.24 1.55 -24.60
N THR A 121 -6.08 2.07 -25.49
CA THR A 121 -7.03 3.12 -25.17
C THR A 121 -8.46 2.67 -25.44
N TYR A 122 -9.43 3.45 -24.95
CA TYR A 122 -10.80 3.28 -25.39
C TYR A 122 -11.34 4.62 -25.87
N ALA A 123 -12.31 4.58 -26.76
CA ALA A 123 -12.92 5.79 -27.30
C ALA A 123 -14.37 5.91 -26.84
N HIS A 124 -14.91 7.13 -26.85
CA HIS A 124 -16.31 7.36 -26.52
C HIS A 124 -17.19 7.16 -27.74
N CYS A 125 -18.25 6.38 -27.58
CA CYS A 125 -19.23 6.14 -28.63
C CYS A 125 -20.63 6.47 -28.13
N THR A 126 -21.14 7.62 -28.53
CA THR A 126 -22.38 8.14 -27.98
C THR A 126 -23.40 8.41 -29.08
N GLY A 127 -24.66 8.09 -28.82
CA GLY A 127 -25.73 8.38 -29.76
C GLY A 127 -27.04 8.57 -29.04
N GLN A 128 -28.01 9.17 -29.73
CA GLN A 128 -29.34 9.39 -29.15
C GLN A 128 -30.11 8.08 -29.05
N THR A 129 -30.12 7.29 -30.12
CA THR A 129 -30.73 5.96 -30.08
C THR A 129 -29.64 4.90 -30.03
N ILE A 130 -30.03 3.66 -29.77
CA ILE A 130 -29.07 2.58 -29.83
C ILE A 130 -28.38 2.58 -31.19
N GLU A 131 -29.17 2.70 -32.26
CA GLU A 131 -28.60 2.66 -33.62
C GLU A 131 -27.55 3.75 -33.87
N ASP A 132 -27.86 4.99 -33.48
CA ASP A 132 -26.88 6.07 -33.55
C ASP A 132 -25.57 5.66 -32.86
N CYS A 133 -25.68 4.96 -31.74
CA CYS A 133 -24.49 4.57 -30.98
C CYS A 133 -23.73 3.48 -31.71
N LEU A 134 -24.44 2.50 -32.25
CA LEU A 134 -23.78 1.44 -33.02
C LEU A 134 -23.03 2.03 -34.23
N GLY A 135 -23.58 3.09 -34.81
CA GLY A 135 -22.89 3.81 -35.87
C GLY A 135 -21.55 4.36 -35.41
N GLU A 136 -21.55 5.05 -34.28
CA GLU A 136 -20.30 5.55 -33.71
C GLU A 136 -19.30 4.44 -33.36
N VAL A 137 -19.79 3.34 -32.80
CA VAL A 137 -18.93 2.19 -32.53
C VAL A 137 -18.20 1.73 -33.81
N ALA A 138 -18.91 1.72 -34.93
CA ALA A 138 -18.35 1.30 -36.20
C ALA A 138 -17.18 2.21 -36.61
N ARG A 139 -17.43 3.51 -36.63
CA ARG A 139 -16.37 4.41 -37.08
C ARG A 139 -15.18 4.43 -36.12
N HIS A 140 -15.41 4.12 -34.85
CA HIS A 140 -14.29 4.05 -33.93
C HIS A 140 -13.51 2.74 -34.05
N VAL A 141 -14.19 1.66 -34.37
CA VAL A 141 -13.48 0.42 -34.68
C VAL A 141 -12.62 0.64 -35.94
N GLU A 142 -13.14 1.41 -36.88
CA GLU A 142 -12.44 1.70 -38.14
C GLU A 142 -11.14 2.47 -37.88
N LEU A 143 -11.18 3.36 -36.89
CA LEU A 143 -9.98 4.09 -36.48
C LEU A 143 -8.96 3.22 -35.74
N GLY A 144 -9.33 1.98 -35.43
CA GLY A 144 -8.42 1.06 -34.75
C GLY A 144 -8.62 0.84 -33.25
N TYR A 145 -9.58 1.52 -32.65
CA TYR A 145 -9.86 1.31 -31.23
C TYR A 145 -10.31 -0.12 -30.97
N ARG A 146 -9.69 -0.77 -29.97
CA ARG A 146 -10.06 -2.13 -29.57
C ARG A 146 -11.10 -2.11 -28.45
N ALA A 147 -11.46 -0.92 -28.00
CA ALA A 147 -12.33 -0.79 -26.84
C ALA A 147 -13.15 0.48 -26.99
N VAL A 148 -14.41 0.39 -26.61
CA VAL A 148 -15.32 1.52 -26.76
C VAL A 148 -16.16 1.69 -25.53
N ARG A 149 -16.35 2.93 -25.12
CA ARG A 149 -17.28 3.22 -24.04
C ARG A 149 -18.60 3.66 -24.66
N VAL A 150 -19.65 2.87 -24.47
CA VAL A 150 -20.92 3.14 -25.18
C VAL A 150 -22.00 3.75 -24.27
N GLN A 151 -22.68 4.75 -24.82
CA GLN A 151 -23.72 5.47 -24.09
C GLN A 151 -24.81 5.80 -25.10
N SER A 152 -26.07 5.58 -24.76
CA SER A 152 -27.16 6.04 -25.62
C SER A 152 -28.23 6.75 -24.82
N GLY A 153 -29.11 7.47 -25.51
CA GLY A 153 -30.17 8.19 -24.85
C GLY A 153 -31.19 7.22 -24.30
N VAL A 154 -31.98 7.70 -23.36
CA VAL A 154 -33.05 6.88 -22.80
C VAL A 154 -34.39 7.40 -23.30
N PRO A 155 -35.19 6.52 -23.91
CA PRO A 155 -36.51 6.86 -24.46
C PRO A 155 -37.48 7.34 -23.38
N GLY A 156 -38.32 8.32 -23.70
CA GLY A 156 -39.28 8.84 -22.74
C GLY A 156 -38.80 10.11 -22.05
N SER A 177 -23.08 28.89 -20.32
CA SER A 177 -22.09 29.39 -19.38
C SER A 177 -22.40 28.98 -17.93
N LEU A 178 -23.69 28.84 -17.63
CA LEU A 178 -24.14 28.35 -16.33
C LEU A 178 -24.47 26.86 -16.45
N PRO A 179 -24.59 26.17 -15.31
CA PRO A 179 -24.87 24.72 -15.42
C PRO A 179 -26.17 24.47 -16.17
N ALA A 180 -26.10 23.68 -17.24
CA ALA A 180 -27.32 23.25 -17.93
C ALA A 180 -28.06 22.28 -17.02
N GLU A 181 -29.37 22.19 -17.20
CA GLU A 181 -30.19 21.35 -16.32
C GLU A 181 -30.82 20.17 -17.06
N HIS A 182 -30.36 18.96 -16.73
CA HIS A 182 -30.89 17.74 -17.35
C HIS A 182 -31.93 17.03 -16.46
N VAL A 183 -32.83 16.28 -17.08
CA VAL A 183 -33.83 15.49 -16.35
C VAL A 183 -33.44 14.03 -16.42
N TRP A 184 -33.71 13.28 -15.36
CA TRP A 184 -33.25 11.90 -15.31
C TRP A 184 -34.27 10.95 -14.70
N SER A 185 -34.30 9.72 -15.21
CA SER A 185 -35.16 8.66 -14.70
C SER A 185 -34.36 7.37 -14.57
N THR A 186 -34.10 6.96 -13.35
CA THR A 186 -33.34 5.75 -13.09
C THR A 186 -34.06 4.53 -13.63
N GLU A 187 -35.36 4.47 -13.36
CA GLU A 187 -36.17 3.32 -13.72
C GLU A 187 -36.16 3.07 -15.23
N LYS A 188 -36.32 4.13 -16.03
CA LYS A 188 -36.31 3.99 -17.48
C LYS A 188 -34.91 3.62 -17.98
N TYR A 189 -33.89 4.15 -17.34
CA TYR A 189 -32.52 3.80 -17.69
C TYR A 189 -32.17 2.33 -17.42
N LEU A 190 -32.63 1.79 -16.30
CA LEU A 190 -32.27 0.41 -15.95
C LEU A 190 -32.94 -0.62 -16.86
N ASN A 191 -34.14 -0.32 -17.33
CA ASN A 191 -34.80 -1.20 -18.30
C ASN A 191 -34.18 -1.09 -19.69
N HIS A 192 -33.64 0.09 -20.02
CA HIS A 192 -33.13 0.34 -21.36
C HIS A 192 -31.68 -0.06 -21.59
N ALA A 193 -30.80 0.27 -20.65
CA ALA A 193 -29.36 0.12 -20.86
C ALA A 193 -28.87 -1.26 -21.30
N PRO A 194 -29.44 -2.34 -20.73
CA PRO A 194 -28.92 -3.64 -21.14
C PRO A 194 -29.18 -3.93 -22.62
N LYS A 195 -30.16 -3.26 -23.21
CA LYS A 195 -30.49 -3.44 -24.63
C LYS A 195 -29.36 -2.92 -25.49
N LEU A 196 -28.78 -1.80 -25.07
CA LEU A 196 -27.63 -1.26 -25.77
C LEU A 196 -26.51 -2.29 -25.86
N PHE A 197 -26.22 -2.96 -24.75
CA PHE A 197 -25.06 -3.87 -24.74
C PHE A 197 -25.33 -5.13 -25.54
N ALA A 198 -26.54 -5.65 -25.43
CA ALA A 198 -26.98 -6.76 -26.25
C ALA A 198 -26.80 -6.41 -27.74
N ALA A 199 -27.18 -5.18 -28.10
CA ALA A 199 -27.12 -4.76 -29.50
C ALA A 199 -25.67 -4.62 -29.95
N VAL A 200 -24.80 -4.14 -29.07
CA VAL A 200 -23.37 -4.04 -29.40
C VAL A 200 -22.75 -5.41 -29.63
N ARG A 201 -23.12 -6.40 -28.81
CA ARG A 201 -22.60 -7.75 -28.99
C ARG A 201 -23.18 -8.41 -30.26
N GLU A 202 -24.46 -8.13 -30.53
CA GLU A 202 -25.12 -8.70 -31.70
C GLU A 202 -24.40 -8.24 -32.96
N ARG A 203 -24.07 -6.94 -33.03
CA ARG A 203 -23.46 -6.40 -34.24
C ARG A 203 -21.94 -6.55 -34.29
N PHE A 204 -21.25 -6.49 -33.15
CA PHE A 204 -19.80 -6.40 -33.18
C PHE A 204 -19.03 -7.60 -32.61
N GLY A 205 -19.75 -8.55 -32.02
CA GLY A 205 -19.13 -9.77 -31.52
C GLY A 205 -18.46 -9.66 -30.15
N ASP A 206 -17.63 -10.65 -29.83
CA ASP A 206 -17.15 -10.86 -28.47
C ASP A 206 -15.75 -10.35 -28.17
N ASP A 207 -15.00 -9.95 -29.19
CA ASP A 207 -13.61 -9.57 -28.99
C ASP A 207 -13.44 -8.09 -28.63
N LEU A 208 -14.33 -7.25 -29.16
CA LEU A 208 -14.35 -5.84 -28.80
C LEU A 208 -14.50 -5.69 -27.28
N HIS A 209 -13.73 -4.81 -26.66
CA HIS A 209 -13.95 -4.51 -25.24
C HIS A 209 -15.03 -3.43 -25.16
N VAL A 210 -16.04 -3.65 -24.33
CA VAL A 210 -17.15 -2.71 -24.21
C VAL A 210 -17.27 -2.16 -22.78
N LEU A 211 -17.14 -0.84 -22.66
CA LEU A 211 -17.22 -0.16 -21.36
C LEU A 211 -18.51 0.62 -21.27
N HIS A 212 -18.97 0.86 -20.04
CA HIS A 212 -20.13 1.71 -19.82
C HIS A 212 -19.93 2.57 -18.58
N ASP A 213 -20.34 3.82 -18.67
CA ASP A 213 -20.23 4.77 -17.58
C ASP A 213 -21.63 5.08 -17.02
N VAL A 214 -21.92 4.55 -15.84
CA VAL A 214 -23.21 4.79 -15.14
C VAL A 214 -23.31 6.24 -14.67
N HIS A 215 -22.17 6.83 -14.36
CA HIS A 215 -22.12 8.26 -14.08
C HIS A 215 -22.89 8.67 -12.83
N HIS A 216 -22.73 7.89 -11.76
CA HIS A 216 -23.15 8.30 -10.41
C HIS A 216 -24.65 8.25 -10.11
N ARG A 217 -25.45 7.82 -11.08
CA ARG A 217 -26.91 7.98 -10.99
C ARG A 217 -27.69 6.97 -10.14
N LEU A 218 -27.08 5.83 -9.80
CA LEU A 218 -27.80 4.72 -9.18
C LEU A 218 -27.56 4.58 -7.67
N THR A 219 -28.46 3.87 -6.99
CA THR A 219 -28.17 3.42 -5.64
C THR A 219 -27.49 2.07 -5.75
N PRO A 220 -26.84 1.63 -4.65
CA PRO A 220 -26.08 0.39 -4.74
C PRO A 220 -26.90 -0.82 -5.17
N ILE A 221 -28.10 -1.02 -4.63
CA ILE A 221 -28.90 -2.19 -5.03
C ILE A 221 -29.38 -2.06 -6.49
N GLU A 222 -29.62 -0.85 -6.95
CA GLU A 222 -29.93 -0.62 -8.36
C GLU A 222 -28.72 -0.95 -9.25
N ALA A 223 -27.54 -0.58 -8.80
CA ALA A 223 -26.31 -0.92 -9.52
C ALA A 223 -26.07 -2.42 -9.49
N ALA A 224 -26.46 -3.06 -8.39
CA ALA A 224 -26.31 -4.51 -8.26
C ALA A 224 -27.17 -5.18 -9.34
N ARG A 225 -28.39 -4.68 -9.51
CA ARG A 225 -29.33 -5.19 -10.50
C ARG A 225 -28.76 -5.06 -11.91
N LEU A 226 -28.32 -3.84 -12.26
CA LEU A 226 -27.74 -3.57 -13.57
C LEU A 226 -26.49 -4.43 -13.82
N GLY A 227 -25.61 -4.52 -12.82
CA GLY A 227 -24.46 -5.41 -12.90
C GLY A 227 -24.86 -6.81 -13.37
N LYS A 228 -25.85 -7.38 -12.70
CA LYS A 228 -26.29 -8.72 -13.00
C LYS A 228 -26.91 -8.82 -14.40
N ALA A 229 -27.77 -7.87 -14.73
CA ALA A 229 -28.40 -7.83 -16.05
C ALA A 229 -27.37 -7.78 -17.19
N VAL A 230 -26.21 -7.16 -16.98
CA VAL A 230 -25.24 -7.04 -18.07
C VAL A 230 -24.13 -8.07 -18.05
N GLU A 231 -24.22 -9.03 -17.13
CA GLU A 231 -23.21 -10.09 -17.06
C GLU A 231 -23.02 -10.87 -18.36
N PRO A 232 -24.11 -11.23 -19.04
CA PRO A 232 -24.00 -11.99 -20.30
C PRO A 232 -23.21 -11.23 -21.37
N TYR A 233 -23.11 -9.92 -21.20
CA TYR A 233 -22.45 -9.08 -22.18
C TYR A 233 -20.98 -8.84 -21.88
N HIS A 234 -20.53 -9.26 -20.70
CA HIS A 234 -19.13 -9.21 -20.32
C HIS A 234 -18.49 -7.86 -20.59
N LEU A 235 -18.95 -6.82 -19.90
CA LEU A 235 -18.35 -5.50 -20.05
C LEU A 235 -16.92 -5.47 -19.52
N PHE A 236 -16.07 -4.70 -20.18
CA PHE A 236 -14.72 -4.43 -19.68
C PHE A 236 -14.82 -3.82 -18.30
N TRP A 237 -15.71 -2.83 -18.14
CA TRP A 237 -16.07 -2.35 -16.82
C TRP A 237 -17.42 -1.62 -16.81
N LEU A 238 -17.99 -1.54 -15.62
CA LEU A 238 -19.14 -0.69 -15.34
C LEU A 238 -18.59 0.37 -14.40
N GLU A 239 -18.68 1.64 -14.83
CA GLU A 239 -17.96 2.73 -14.18
C GLU A 239 -18.87 3.67 -13.37
N ASP A 240 -18.37 4.10 -12.22
CA ASP A 240 -19.04 5.08 -11.39
C ASP A 240 -20.53 4.76 -11.15
N CYS A 241 -20.81 3.55 -10.69
CA CYS A 241 -22.20 3.14 -10.43
C CYS A 241 -22.93 4.02 -9.43
N VAL A 242 -22.24 4.42 -8.37
CA VAL A 242 -22.87 5.12 -7.25
C VAL A 242 -21.91 6.17 -6.70
N PRO A 243 -22.46 7.30 -6.20
CA PRO A 243 -21.55 8.25 -5.53
C PRO A 243 -20.87 7.52 -4.37
N ALA A 244 -19.57 7.71 -4.22
CA ALA A 244 -18.79 6.87 -3.32
C ALA A 244 -17.94 7.64 -2.28
N GLU A 245 -18.41 8.81 -1.87
CA GLU A 245 -17.81 9.48 -0.71
C GLU A 245 -17.80 8.50 0.45
N ASN A 246 -18.91 7.77 0.59
CA ASN A 246 -19.00 6.62 1.48
C ASN A 246 -18.55 5.40 0.68
N GLN A 247 -17.34 4.94 0.93
CA GLN A 247 -16.76 3.85 0.14
C GLN A 247 -17.55 2.56 0.30
N GLU A 248 -18.25 2.40 1.42
CA GLU A 248 -19.04 1.20 1.65
C GLU A 248 -20.14 1.04 0.59
N SER A 249 -20.42 2.11 -0.16
CA SER A 249 -21.50 2.07 -1.15
C SER A 249 -21.26 1.02 -2.23
N LEU A 250 -20.01 0.62 -2.40
CA LEU A 250 -19.67 -0.35 -3.44
C LEU A 250 -19.94 -1.80 -3.01
N ARG A 251 -20.07 -2.04 -1.71
N ARG A 251 -20.06 -2.02 -1.69
CA ARG A 251 -20.13 -3.41 -1.21
CA ARG A 251 -20.20 -3.36 -1.13
C ARG A 251 -21.32 -4.26 -1.72
C ARG A 251 -21.29 -4.21 -1.77
N LEU A 252 -22.52 -3.69 -1.76
CA LEU A 252 -23.69 -4.43 -2.23
C LEU A 252 -23.57 -4.80 -3.70
N ILE A 253 -22.97 -3.92 -4.47
CA ILE A 253 -22.74 -4.18 -5.88
C ILE A 253 -21.78 -5.36 -6.06
N ARG A 254 -20.59 -5.24 -5.45
CA ARG A 254 -19.59 -6.30 -5.53
C ARG A 254 -20.13 -7.67 -5.10
N GLU A 255 -20.98 -7.69 -4.08
CA GLU A 255 -21.51 -8.95 -3.56
C GLU A 255 -22.57 -9.60 -4.45
N HIS A 256 -23.11 -8.82 -5.40
CA HIS A 256 -24.24 -9.30 -6.20
C HIS A 256 -23.94 -9.52 -7.69
N THR A 257 -22.79 -9.07 -8.18
CA THR A 257 -22.47 -9.22 -9.60
C THR A 257 -20.99 -9.50 -9.87
N THR A 258 -20.72 -10.15 -11.01
CA THR A 258 -19.34 -10.38 -11.43
C THR A 258 -18.90 -9.48 -12.58
N THR A 259 -19.76 -8.54 -12.98
CA THR A 259 -19.38 -7.49 -13.92
C THR A 259 -18.28 -6.66 -13.26
N PRO A 260 -17.15 -6.45 -13.95
CA PRO A 260 -16.04 -5.70 -13.35
C PRO A 260 -16.45 -4.26 -13.11
N LEU A 261 -15.90 -3.65 -12.06
CA LEU A 261 -16.32 -2.32 -11.65
C LEU A 261 -15.15 -1.35 -11.65
N ALA A 262 -15.42 -0.14 -12.11
CA ALA A 262 -14.42 0.91 -12.20
C ALA A 262 -14.93 2.16 -11.49
N ILE A 263 -14.03 2.87 -10.82
CA ILE A 263 -14.45 4.10 -10.16
C ILE A 263 -13.28 5.04 -9.88
N GLY A 264 -13.57 6.33 -9.76
CA GLY A 264 -12.62 7.24 -9.10
C GLY A 264 -12.19 8.53 -9.78
N GLU A 265 -12.77 8.83 -10.94
CA GLU A 265 -12.44 10.08 -11.61
C GLU A 265 -12.70 11.32 -10.76
N VAL A 266 -13.67 11.26 -9.86
CA VAL A 266 -13.92 12.41 -8.98
C VAL A 266 -13.14 12.34 -7.67
N PHE A 267 -12.24 11.36 -7.56
CA PHE A 267 -11.39 11.23 -6.37
C PHE A 267 -10.12 12.05 -6.49
N ASN A 268 -9.53 12.43 -5.35
CA ASN A 268 -8.29 13.18 -5.42
C ASN A 268 -7.25 12.72 -4.41
N SER A 269 -7.60 11.72 -3.59
CA SER A 269 -6.69 11.23 -2.56
C SER A 269 -6.66 9.72 -2.52
N ILE A 270 -5.56 9.17 -2.03
CA ILE A 270 -5.52 7.74 -1.76
C ILE A 270 -6.54 7.40 -0.66
N HIS A 271 -6.88 8.37 0.18
CA HIS A 271 -7.84 8.15 1.26
C HIS A 271 -9.30 8.10 0.78
N ASP A 272 -9.52 8.42 -0.49
CA ASP A 272 -10.83 8.30 -1.11
C ASP A 272 -11.14 6.85 -1.53
N CYS A 273 -10.12 6.00 -1.59
CA CYS A 273 -10.28 4.70 -2.23
C CYS A 273 -9.45 3.61 -1.58
N ARG A 274 -8.79 3.91 -0.48
CA ARG A 274 -8.00 2.91 0.24
C ARG A 274 -8.86 1.69 0.63
N GLU A 275 -10.05 1.94 1.14
CA GLU A 275 -10.95 0.87 1.55
C GLU A 275 -11.56 0.17 0.32
N LEU A 276 -11.88 0.92 -0.72
CA LEU A 276 -12.41 0.33 -1.94
C LEU A 276 -11.43 -0.73 -2.48
N ILE A 277 -10.14 -0.47 -2.33
CA ILE A 277 -9.13 -1.34 -2.91
C ILE A 277 -8.86 -2.55 -2.02
N GLN A 278 -8.61 -2.30 -0.75
CA GLN A 278 -8.26 -3.35 0.20
C GLN A 278 -9.43 -4.30 0.45
N ASN A 279 -10.66 -3.82 0.28
CA ASN A 279 -11.83 -4.67 0.44
C ASN A 279 -12.17 -5.40 -0.86
N GLN A 280 -11.43 -5.11 -1.92
CA GLN A 280 -11.67 -5.73 -3.23
C GLN A 280 -13.03 -5.42 -3.80
N TRP A 281 -13.42 -4.15 -3.71
CA TRP A 281 -14.74 -3.72 -4.17
C TRP A 281 -14.72 -3.16 -5.60
N ILE A 282 -13.52 -3.00 -6.18
CA ILE A 282 -13.38 -2.47 -7.53
C ILE A 282 -12.28 -3.20 -8.30
N ASP A 283 -12.35 -3.14 -9.63
CA ASP A 283 -11.33 -3.75 -10.50
C ASP A 283 -10.39 -2.74 -11.16
N TYR A 284 -10.84 -1.50 -11.28
CA TYR A 284 -10.08 -0.46 -11.95
C TYR A 284 -10.18 0.85 -11.19
N ILE A 285 -9.03 1.46 -10.91
CA ILE A 285 -9.02 2.78 -10.27
C ILE A 285 -8.81 3.89 -11.32
N ARG A 286 -9.67 4.91 -11.29
CA ARG A 286 -9.79 5.88 -12.38
C ARG A 286 -9.13 7.23 -12.13
N MET A 287 -8.73 7.50 -10.89
CA MET A 287 -8.18 8.79 -10.54
C MET A 287 -6.97 9.11 -11.41
N PRO A 288 -6.96 10.31 -12.04
CA PRO A 288 -5.89 10.68 -12.95
C PRO A 288 -4.81 11.54 -12.29
N LEU A 289 -3.70 11.76 -12.99
CA LEU A 289 -2.58 12.52 -12.45
C LEU A 289 -2.95 13.94 -12.00
N THR A 290 -3.71 14.67 -12.81
CA THR A 290 -3.89 16.07 -12.48
C THR A 290 -4.80 16.32 -11.31
N HIS A 291 -5.72 15.40 -11.07
CA HIS A 291 -6.63 15.53 -9.94
C HIS A 291 -6.17 14.69 -8.75
N GLY A 292 -5.28 13.72 -9.00
CA GLY A 292 -4.84 12.81 -7.97
C GLY A 292 -3.48 13.11 -7.34
N GLY A 293 -3.06 14.37 -7.35
CA GLY A 293 -1.81 14.74 -6.71
C GLY A 293 -0.56 14.41 -7.49
N GLY A 294 -0.72 14.15 -8.78
CA GLY A 294 0.42 14.00 -9.66
C GLY A 294 1.05 12.62 -9.62
N ILE A 295 2.24 12.51 -10.22
CA ILE A 295 2.99 11.25 -10.29
C ILE A 295 3.33 10.69 -8.91
N THR A 296 3.78 11.56 -8.01
CA THR A 296 4.20 11.13 -6.68
C THR A 296 3.10 10.37 -5.93
N ALA A 297 1.88 10.90 -5.95
CA ALA A 297 0.77 10.27 -5.26
C ALA A 297 0.18 9.11 -6.04
N MET A 298 0.09 9.23 -7.36
CA MET A 298 -0.58 8.19 -8.13
C MET A 298 0.23 6.90 -8.21
N ARG A 299 1.55 7.03 -8.04
CA ARG A 299 2.40 5.84 -7.99
C ARG A 299 1.97 5.01 -6.78
N ARG A 300 1.70 5.70 -5.67
CA ARG A 300 1.36 5.04 -4.42
C ARG A 300 -0.02 4.39 -4.52
N VAL A 301 -0.97 5.12 -5.08
CA VAL A 301 -2.28 4.55 -5.37
C VAL A 301 -2.16 3.30 -6.27
N ALA A 302 -1.41 3.41 -7.36
CA ALA A 302 -1.25 2.29 -8.28
C ALA A 302 -0.65 1.07 -7.58
N ASP A 303 0.32 1.32 -6.70
CA ASP A 303 1.00 0.24 -5.98
C ASP A 303 0.09 -0.44 -4.95
N LEU A 304 -0.74 0.33 -4.25
CA LEU A 304 -1.74 -0.26 -3.34
C LEU A 304 -2.69 -1.16 -4.11
N ALA A 305 -3.19 -0.64 -5.23
CA ALA A 305 -4.12 -1.37 -6.08
C ALA A 305 -3.53 -2.71 -6.51
N SER A 306 -2.25 -2.73 -6.91
CA SER A 306 -1.59 -3.96 -7.40
C SER A 306 -1.56 -5.10 -6.37
N LEU A 307 -1.52 -4.77 -5.08
CA LEU A 307 -1.62 -5.82 -4.05
C LEU A 307 -2.92 -6.59 -4.15
N TYR A 308 -3.95 -5.96 -4.71
CA TYR A 308 -5.28 -6.57 -4.75
C TYR A 308 -5.79 -6.84 -6.18
N HIS A 309 -4.86 -6.88 -7.14
CA HIS A 309 -5.19 -7.16 -8.55
C HIS A 309 -5.98 -6.04 -9.22
N VAL A 310 -6.08 -4.90 -8.55
CA VAL A 310 -6.77 -3.74 -9.15
C VAL A 310 -5.86 -3.08 -10.18
N ARG A 311 -6.43 -2.70 -11.34
CA ARG A 311 -5.64 -2.09 -12.40
C ARG A 311 -5.96 -0.61 -12.61
N THR A 312 -5.07 0.10 -13.31
CA THR A 312 -5.25 1.52 -13.59
C THR A 312 -6.11 1.75 -14.83
N GLY A 313 -7.02 2.71 -14.73
CA GLY A 313 -7.87 3.10 -15.84
C GLY A 313 -8.03 4.60 -15.80
N PHE A 314 -6.93 5.32 -16.03
CA PHE A 314 -6.91 6.76 -15.92
C PHE A 314 -8.05 7.47 -16.65
N HIS A 315 -8.72 8.36 -15.94
CA HIS A 315 -9.68 9.32 -16.52
C HIS A 315 -8.91 10.12 -17.55
N GLY A 316 -9.42 10.19 -18.79
CA GLY A 316 -8.72 10.93 -19.82
C GLY A 316 -9.62 11.70 -20.78
N PRO A 317 -10.39 12.66 -20.25
CA PRO A 317 -11.31 13.45 -21.05
C PRO A 317 -10.61 14.65 -21.68
N THR A 318 -11.35 15.45 -22.41
CA THR A 318 -10.80 16.67 -22.98
C THR A 318 -10.41 17.68 -21.90
N ASP A 319 -11.02 17.59 -20.72
CA ASP A 319 -10.74 18.59 -19.67
C ASP A 319 -9.46 18.36 -18.87
N LEU A 320 -8.74 17.27 -19.18
CA LEU A 320 -7.35 17.18 -18.74
C LEU A 320 -6.51 17.51 -19.97
N SER A 321 -5.53 18.40 -19.82
CA SER A 321 -4.74 18.84 -20.98
C SER A 321 -3.78 17.78 -21.50
N PRO A 322 -3.20 18.04 -22.69
CA PRO A 322 -2.16 17.18 -23.25
C PRO A 322 -0.96 17.07 -22.31
N VAL A 323 -0.78 18.02 -21.41
CA VAL A 323 0.28 17.89 -20.43
C VAL A 323 0.02 16.63 -19.60
N CYS A 324 -1.20 16.52 -19.09
CA CYS A 324 -1.60 15.37 -18.30
C CYS A 324 -1.57 14.08 -19.12
N LEU A 325 -2.09 14.15 -20.35
CA LEU A 325 -2.12 12.98 -21.22
C LEU A 325 -0.71 12.42 -21.47
N GLY A 326 0.24 13.29 -21.79
CA GLY A 326 1.60 12.82 -22.05
C GLY A 326 2.25 12.20 -20.83
N ALA A 327 2.09 12.86 -19.70
CA ALA A 327 2.56 12.33 -18.42
C ALA A 327 1.89 11.00 -18.11
N ALA A 328 0.58 10.92 -18.40
CA ALA A 328 -0.19 9.71 -18.16
C ALA A 328 0.31 8.56 -19.03
N ILE A 329 0.73 8.88 -20.25
CA ILE A 329 1.16 7.84 -21.17
C ILE A 329 2.51 7.29 -20.73
N HIS A 330 3.36 8.15 -20.19
CA HIS A 330 4.59 7.69 -19.59
C HIS A 330 4.33 6.80 -18.40
N PHE A 331 3.44 7.25 -17.52
CA PHE A 331 3.02 6.46 -16.37
C PHE A 331 2.45 5.11 -16.83
N ASP A 332 1.49 5.14 -17.75
CA ASP A 332 0.89 3.91 -18.32
C ASP A 332 1.94 2.96 -18.86
N THR A 333 3.02 3.51 -19.39
CA THR A 333 4.06 2.73 -20.04
C THR A 333 4.88 1.92 -19.04
N TRP A 334 5.09 2.49 -17.84
CA TRP A 334 5.84 1.82 -16.79
C TRP A 334 4.99 0.95 -15.85
N VAL A 335 3.83 1.44 -15.43
CA VAL A 335 3.08 0.81 -14.33
C VAL A 335 2.75 -0.65 -14.65
N PRO A 336 3.13 -1.57 -13.75
CA PRO A 336 2.88 -3.00 -13.98
C PRO A 336 1.38 -3.28 -14.13
N ASN A 337 0.57 -2.70 -13.27
CA ASN A 337 -0.86 -2.99 -13.24
C ASN A 337 -1.69 -2.02 -14.08
N PHE A 338 -1.24 -1.79 -15.30
CA PHE A 338 -1.97 -0.96 -16.25
C PHE A 338 -3.24 -1.70 -16.67
N GLY A 339 -4.35 -0.99 -16.76
CA GLY A 339 -5.56 -1.58 -17.30
C GLY A 339 -5.88 -1.00 -18.67
N ILE A 340 -6.16 0.29 -18.70
CA ILE A 340 -6.54 0.93 -19.94
C ILE A 340 -6.38 2.46 -19.82
N GLN A 341 -6.34 3.14 -20.96
CA GLN A 341 -6.24 4.60 -20.94
C GLN A 341 -7.41 5.21 -21.75
N GLU A 342 -8.24 5.99 -21.07
CA GLU A 342 -9.31 6.71 -21.74
C GLU A 342 -8.71 7.71 -22.73
N HIS A 343 -9.31 7.82 -23.92
CA HIS A 343 -8.88 8.80 -24.90
C HIS A 343 -10.04 9.57 -25.51
N MET A 344 -10.17 10.83 -25.14
CA MET A 344 -11.01 11.78 -25.86
C MET A 344 -10.07 12.73 -26.57
N PRO A 345 -10.04 12.70 -27.91
CA PRO A 345 -9.15 13.58 -28.67
C PRO A 345 -9.36 15.07 -28.37
N HIS A 346 -8.29 15.79 -28.06
CA HIS A 346 -8.32 17.25 -27.99
C HIS A 346 -8.49 17.90 -29.37
N THR A 347 -8.98 19.14 -29.37
CA THR A 347 -9.12 19.89 -30.62
C THR A 347 -7.76 20.14 -31.24
N ASP A 348 -7.75 20.52 -32.51
CA ASP A 348 -6.51 20.91 -33.19
C ASP A 348 -5.84 22.11 -32.51
N GLU A 349 -6.63 23.12 -32.16
CA GLU A 349 -6.09 24.32 -31.50
C GLU A 349 -5.41 23.92 -30.19
N THR A 350 -6.05 23.04 -29.41
CA THR A 350 -5.47 22.54 -28.16
C THR A 350 -4.15 21.80 -28.36
N ASP A 351 -4.09 20.92 -29.36
CA ASP A 351 -2.86 20.19 -29.68
C ASP A 351 -1.74 21.15 -30.10
N ALA A 352 -2.11 22.22 -30.81
CA ALA A 352 -1.13 23.23 -31.20
C ALA A 352 -0.62 24.02 -29.98
N VAL A 353 -1.49 24.31 -29.01
CA VAL A 353 -1.04 25.04 -27.81
C VAL A 353 -0.09 24.21 -26.94
N PHE A 354 -0.25 22.88 -27.01
CA PHE A 354 0.51 21.95 -26.20
C PHE A 354 1.26 20.92 -27.05
N PRO A 355 2.33 21.34 -27.71
CA PRO A 355 3.10 20.42 -28.56
C PRO A 355 3.62 19.25 -27.74
N HIS A 356 3.67 18.07 -28.34
CA HIS A 356 3.95 16.87 -27.57
C HIS A 356 4.51 15.75 -28.45
N ASP A 357 5.18 14.79 -27.84
CA ASP A 357 5.77 13.72 -28.64
C ASP A 357 5.17 12.32 -28.44
N TYR A 358 4.10 12.20 -27.65
CA TYR A 358 3.33 10.96 -27.64
C TYR A 358 2.61 10.80 -28.97
N ARG A 359 2.40 9.56 -29.39
CA ARG A 359 1.76 9.28 -30.67
C ARG A 359 0.59 8.32 -30.51
N PHE A 360 -0.48 8.58 -31.26
CA PHE A 360 -1.60 7.67 -31.33
C PHE A 360 -1.55 6.86 -32.62
N GLU A 361 -1.52 5.54 -32.50
CA GLU A 361 -1.52 4.66 -33.67
C GLU A 361 -2.33 3.40 -33.42
N ASP A 362 -3.24 3.08 -34.34
CA ASP A 362 -3.94 1.79 -34.31
C ASP A 362 -4.52 1.48 -32.93
N GLY A 363 -5.25 2.43 -32.35
CA GLY A 363 -5.93 2.23 -31.09
C GLY A 363 -5.10 2.38 -29.82
N HIS A 364 -3.80 2.59 -29.95
CA HIS A 364 -2.91 2.66 -28.79
C HIS A 364 -2.06 3.94 -28.77
N PHE A 365 -1.59 4.34 -27.60
CA PHE A 365 -0.60 5.41 -27.50
C PHE A 365 0.80 4.80 -27.45
N LEU A 366 1.79 5.53 -27.95
CA LEU A 366 3.21 5.21 -27.73
C LEU A 366 3.80 6.38 -26.99
N ALA A 367 4.49 6.11 -25.88
CA ALA A 367 5.18 7.15 -25.13
C ALA A 367 6.23 7.90 -25.98
N GLY A 368 6.37 9.20 -25.74
CA GLY A 368 7.49 9.95 -26.33
C GLY A 368 8.85 9.51 -25.83
N GLU A 369 9.91 9.85 -26.57
CA GLU A 369 11.27 9.52 -26.16
C GLU A 369 12.06 10.75 -25.76
N SER A 370 11.46 11.93 -25.87
CA SER A 370 12.12 13.17 -25.46
C SER A 370 12.29 13.19 -23.97
N PRO A 371 13.38 13.80 -23.49
CA PRO A 371 13.52 13.98 -22.04
C PRO A 371 12.37 14.82 -21.49
N GLY A 372 11.91 14.49 -20.27
CA GLY A 372 10.74 15.10 -19.68
C GLY A 372 9.52 14.21 -19.87
N HIS A 373 8.33 14.77 -19.66
CA HIS A 373 7.13 14.05 -20.07
C HIS A 373 6.83 14.23 -21.56
N GLY A 374 7.62 15.09 -22.22
CA GLY A 374 7.54 15.25 -23.66
C GLY A 374 6.48 16.24 -24.14
N VAL A 375 5.92 17.02 -23.22
CA VAL A 375 4.90 18.00 -23.57
C VAL A 375 5.39 19.40 -23.22
N ASP A 376 5.05 20.38 -24.05
CA ASP A 376 5.38 21.77 -23.74
C ASP A 376 4.16 22.64 -23.97
N ILE A 377 4.24 23.90 -23.57
CA ILE A 377 3.17 24.84 -23.87
C ILE A 377 3.75 26.00 -24.69
N ASP A 378 3.04 26.37 -25.75
CA ASP A 378 3.41 27.51 -26.60
C ASP A 378 2.72 28.76 -26.08
N GLU A 379 3.43 29.57 -25.29
CA GLU A 379 2.80 30.67 -24.58
C GLU A 379 2.22 31.77 -25.45
N GLU A 380 2.87 32.07 -26.57
CA GLU A 380 2.36 33.09 -27.47
C GLU A 380 1.08 32.61 -28.13
N LEU A 381 1.04 31.34 -28.48
CA LEU A 381 -0.18 30.78 -29.04
C LEU A 381 -1.29 30.71 -27.98
N ALA A 382 -0.92 30.39 -26.73
CA ALA A 382 -1.91 30.25 -25.66
C ALA A 382 -2.62 31.58 -25.34
N ALA A 383 -1.88 32.66 -25.49
CA ALA A 383 -2.41 33.97 -25.15
C ALA A 383 -3.49 34.41 -26.14
N LYS A 384 -3.61 33.69 -27.26
CA LYS A 384 -4.59 34.05 -28.28
C LYS A 384 -5.98 33.50 -27.98
N TYR A 385 -6.07 32.67 -26.94
CA TYR A 385 -7.33 32.04 -26.57
C TYR A 385 -7.70 32.35 -25.13
N PRO A 386 -8.46 33.43 -24.91
CA PRO A 386 -8.75 33.87 -23.55
C PRO A 386 -9.72 32.92 -22.86
N TYR A 387 -9.59 32.85 -21.54
CA TYR A 387 -10.53 32.11 -20.70
C TYR A 387 -11.99 32.42 -21.05
N GLU A 388 -12.82 31.38 -21.07
CA GLU A 388 -14.27 31.50 -21.25
C GLU A 388 -14.99 30.61 -20.26
N ARG A 389 -15.74 31.22 -19.34
CA ARG A 389 -16.43 30.47 -18.31
C ARG A 389 -17.35 29.41 -18.92
N ALA A 390 -17.19 28.17 -18.47
CA ALA A 390 -18.12 27.11 -18.83
C ALA A 390 -18.28 26.17 -17.63
N SER A 391 -19.52 25.83 -17.33
CA SER A 391 -19.84 24.98 -16.19
C SER A 391 -20.37 23.61 -16.62
N LEU A 392 -20.04 22.58 -15.83
CA LEU A 392 -20.66 21.26 -15.97
C LEU A 392 -22.15 21.30 -15.67
N PRO A 393 -22.94 20.43 -16.34
CA PRO A 393 -24.39 20.37 -16.14
C PRO A 393 -24.75 19.84 -14.75
N VAL A 394 -25.96 20.14 -14.28
CA VAL A 394 -26.53 19.42 -13.16
C VAL A 394 -27.64 18.49 -13.66
N ASN A 395 -28.06 17.60 -12.78
CA ASN A 395 -29.05 16.59 -13.11
C ASN A 395 -30.20 16.69 -12.12
N ARG A 396 -31.43 16.64 -12.62
CA ARG A 396 -32.60 16.63 -11.75
C ARG A 396 -33.51 15.44 -12.08
N LEU A 397 -34.16 14.89 -11.05
CA LEU A 397 -35.18 13.87 -11.27
C LEU A 397 -36.47 14.53 -11.78
N GLU A 398 -37.41 13.73 -12.25
CA GLU A 398 -38.62 14.27 -12.86
C GLU A 398 -39.42 15.18 -11.90
N ASP A 399 -39.28 14.96 -10.60
CA ASP A 399 -40.00 15.78 -9.62
C ASP A 399 -39.26 17.06 -9.23
N GLY A 400 -38.07 17.26 -9.80
CA GLY A 400 -37.27 18.43 -9.48
C GLY A 400 -36.08 18.17 -8.56
N THR A 401 -36.01 16.97 -7.97
CA THR A 401 -34.90 16.67 -7.06
C THR A 401 -33.54 16.83 -7.73
N LEU A 402 -32.71 17.70 -7.14
CA LEU A 402 -31.33 17.86 -7.58
C LEU A 402 -30.58 16.54 -7.32
N TRP A 403 -30.20 15.87 -8.39
CA TRP A 403 -29.65 14.52 -8.31
C TRP A 403 -28.17 14.55 -8.65
N HIS A 404 -27.58 13.38 -8.87
CA HIS A 404 -26.19 13.28 -9.31
C HIS A 404 -26.10 13.34 -10.83
N TRP A 405 -25.24 14.21 -11.34
CA TRP A 405 -25.01 14.24 -12.77
C TRP A 405 -23.87 13.31 -13.14
N LEU B 3 20.32 0.45 -24.38
CA LEU B 3 21.54 -0.23 -23.93
C LEU B 3 21.27 -1.58 -23.29
N LYS B 4 21.87 -2.63 -23.83
CA LYS B 4 21.59 -3.98 -23.38
C LYS B 4 22.66 -4.50 -22.43
N ILE B 5 22.28 -5.47 -21.60
CA ILE B 5 23.23 -6.10 -20.69
C ILE B 5 24.19 -6.96 -21.50
N ARG B 6 25.48 -6.68 -21.35
CA ARG B 6 26.49 -7.44 -22.08
C ARG B 6 27.00 -8.58 -21.22
N ASP B 7 27.21 -8.32 -19.94
CA ASP B 7 27.71 -9.35 -19.07
C ASP B 7 27.17 -9.16 -17.66
N ALA B 8 27.08 -10.26 -16.91
CA ALA B 8 26.63 -10.20 -15.52
C ALA B 8 27.24 -11.38 -14.76
N TYR B 9 27.67 -11.16 -13.53
CA TYR B 9 28.34 -12.20 -12.79
C TYR B 9 28.42 -11.87 -11.31
N THR B 10 28.61 -12.92 -10.52
CA THR B 10 28.73 -12.75 -9.07
C THR B 10 30.18 -12.70 -8.65
N ILE B 11 30.43 -12.06 -7.51
CA ILE B 11 31.74 -12.02 -6.90
C ILE B 11 31.56 -12.41 -5.44
N VAL B 12 32.34 -13.39 -4.99
CA VAL B 12 32.28 -13.84 -3.62
C VAL B 12 33.58 -13.49 -2.94
N THR B 13 33.50 -12.96 -1.73
CA THR B 13 34.69 -12.53 -1.04
C THR B 13 34.46 -12.55 0.46
N CYS B 14 35.53 -12.61 1.24
CA CYS B 14 35.40 -12.71 2.69
C CYS B 14 36.36 -11.80 3.45
N PRO B 15 36.18 -10.48 3.29
CA PRO B 15 37.01 -9.49 3.98
C PRO B 15 36.63 -9.33 5.46
N GLY B 16 36.59 -10.44 6.19
CA GLY B 16 36.12 -10.41 7.57
C GLY B 16 34.90 -11.28 7.78
N ARG B 17 34.15 -11.45 6.70
CA ARG B 17 32.95 -12.29 6.69
C ARG B 17 32.50 -12.36 5.23
N ASN B 18 31.57 -13.26 4.89
CA ASN B 18 31.20 -13.45 3.48
C ASN B 18 30.30 -12.36 2.90
N PHE B 19 30.62 -11.92 1.69
CA PHE B 19 29.69 -11.13 0.89
C PHE B 19 29.58 -11.72 -0.50
N VAL B 20 28.40 -11.64 -1.09
CA VAL B 20 28.21 -12.00 -2.49
C VAL B 20 27.65 -10.75 -3.14
N THR B 21 28.24 -10.37 -4.27
CA THR B 21 27.88 -9.17 -5.01
C THR B 21 27.58 -9.54 -6.47
N LEU B 22 26.56 -8.93 -7.04
CA LEU B 22 26.27 -9.12 -8.46
C LEU B 22 26.70 -7.89 -9.23
N LYS B 23 27.42 -8.11 -10.32
CA LYS B 23 27.81 -7.00 -11.19
C LYS B 23 27.18 -7.14 -12.58
N ILE B 24 26.54 -6.08 -13.06
CA ILE B 24 25.93 -6.08 -14.39
C ILE B 24 26.62 -5.02 -15.25
N VAL B 25 26.98 -5.38 -16.48
CA VAL B 25 27.74 -4.50 -17.37
C VAL B 25 26.98 -4.36 -18.68
N THR B 26 26.77 -3.13 -19.13
CA THR B 26 26.06 -2.89 -20.37
C THR B 26 27.01 -2.92 -21.55
N GLU B 27 26.45 -2.92 -22.75
CA GLU B 27 27.24 -2.99 -23.98
C GLU B 27 28.11 -1.75 -24.20
N SER B 28 27.87 -0.69 -23.43
CA SER B 28 28.70 0.52 -23.51
C SER B 28 29.82 0.49 -22.47
N GLY B 29 29.81 -0.53 -21.62
CA GLY B 29 30.79 -0.66 -20.56
C GLY B 29 30.37 -0.02 -19.24
N THR B 30 29.25 0.70 -19.22
CA THR B 30 28.75 1.19 -17.93
C THR B 30 28.37 -0.03 -17.08
N HIS B 31 28.38 0.12 -15.77
CA HIS B 31 28.09 -1.00 -14.88
C HIS B 31 27.49 -0.60 -13.54
N GLY B 32 26.96 -1.59 -12.83
CA GLY B 32 26.38 -1.40 -11.52
C GLY B 32 26.46 -2.68 -10.69
N ILE B 33 26.38 -2.53 -9.39
CA ILE B 33 26.44 -3.71 -8.53
C ILE B 33 25.26 -3.76 -7.56
N GLY B 34 24.93 -4.97 -7.13
CA GLY B 34 23.89 -5.17 -6.13
C GLY B 34 24.38 -6.16 -5.08
N ASP B 35 23.95 -5.98 -3.84
CA ASP B 35 24.27 -6.93 -2.79
C ASP B 35 23.39 -8.17 -2.90
N ALA B 36 24.00 -9.35 -2.75
CA ALA B 36 23.25 -10.61 -2.79
C ALA B 36 23.57 -11.50 -1.57
N THR B 37 24.01 -10.88 -0.48
CA THR B 37 24.48 -11.64 0.67
C THR B 37 23.34 -12.16 1.55
N LEU B 38 23.26 -13.47 1.74
CA LEU B 38 22.30 -14.09 2.67
C LEU B 38 23.04 -14.86 3.77
N ASN B 39 23.13 -14.25 4.95
CA ASN B 39 23.98 -14.78 6.01
C ASN B 39 23.75 -16.24 6.35
N GLY B 40 24.79 -17.06 6.19
CA GLY B 40 24.68 -18.47 6.53
C GLY B 40 24.11 -19.34 5.42
N ARG B 41 23.58 -18.74 4.36
CA ARG B 41 23.13 -19.51 3.20
C ARG B 41 23.66 -18.89 1.91
N GLU B 42 24.84 -18.26 2.01
CA GLU B 42 25.40 -17.46 0.90
C GLU B 42 25.42 -18.14 -0.48
N MET B 43 25.87 -19.38 -0.53
CA MET B 43 26.12 -20.07 -1.80
C MET B 43 24.83 -20.48 -2.49
N ALA B 44 23.76 -20.55 -1.71
CA ALA B 44 22.45 -20.82 -2.28
C ALA B 44 22.07 -19.66 -3.21
N VAL B 45 22.30 -18.43 -2.76
CA VAL B 45 22.02 -17.26 -3.60
C VAL B 45 22.98 -17.18 -4.79
N ALA B 46 24.27 -17.39 -4.53
CA ALA B 46 25.27 -17.37 -5.58
C ALA B 46 24.88 -18.30 -6.73
N ALA B 47 24.37 -19.48 -6.38
CA ALA B 47 23.98 -20.45 -7.39
C ALA B 47 22.67 -20.07 -8.07
N TYR B 48 21.74 -19.51 -7.30
CA TYR B 48 20.48 -19.05 -7.89
C TYR B 48 20.84 -18.08 -9.00
N LEU B 49 21.70 -17.13 -8.68
CA LEU B 49 22.19 -16.14 -9.65
C LEU B 49 23.07 -16.72 -10.78
N ASP B 50 24.15 -17.40 -10.42
CA ASP B 50 25.09 -17.89 -11.43
C ASP B 50 24.39 -18.78 -12.47
N GLU B 51 23.54 -19.69 -12.00
CA GLU B 51 23.03 -20.75 -12.87
C GLU B 51 21.67 -20.50 -13.51
N HIS B 52 20.88 -19.60 -12.94
CA HIS B 52 19.50 -19.52 -13.36
C HIS B 52 19.06 -18.10 -13.72
N VAL B 53 19.62 -17.10 -13.04
CA VAL B 53 19.27 -15.70 -13.31
C VAL B 53 20.20 -15.06 -14.33
N VAL B 54 21.50 -15.14 -14.08
CA VAL B 54 22.51 -14.50 -14.95
C VAL B 54 22.38 -14.83 -16.45
N PRO B 55 22.15 -16.11 -16.80
CA PRO B 55 22.00 -16.36 -18.24
C PRO B 55 20.80 -15.65 -18.86
N ALA B 56 19.73 -15.44 -18.09
CA ALA B 56 18.56 -14.75 -18.63
C ALA B 56 18.75 -13.23 -18.72
N LEU B 57 19.76 -12.71 -18.04
CA LEU B 57 19.98 -11.27 -18.07
C LEU B 57 20.63 -10.80 -19.37
N ILE B 58 21.51 -11.61 -19.94
CA ILE B 58 22.28 -11.21 -21.12
C ILE B 58 21.33 -10.78 -22.23
N GLY B 59 21.67 -9.68 -22.88
CA GLY B 59 20.87 -9.18 -23.97
C GLY B 59 19.63 -8.39 -23.56
N ARG B 60 19.31 -8.40 -22.27
CA ARG B 60 18.16 -7.64 -21.81
C ARG B 60 18.44 -6.14 -21.86
N ASP B 61 17.38 -5.34 -22.01
CA ASP B 61 17.48 -3.89 -21.94
C ASP B 61 17.71 -3.50 -20.48
N ALA B 62 18.85 -2.89 -20.16
CA ALA B 62 19.19 -2.67 -18.76
C ALA B 62 18.34 -1.60 -18.09
N GLY B 63 17.66 -0.80 -18.88
CA GLY B 63 16.83 0.27 -18.34
C GLY B 63 15.45 -0.19 -17.89
N ARG B 64 15.08 -1.41 -18.28
N ARG B 64 15.08 -1.41 -18.27
CA ARG B 64 13.78 -1.97 -17.93
CA ARG B 64 13.76 -1.96 -17.93
C ARG B 64 13.79 -2.62 -16.55
C ARG B 64 13.76 -2.62 -16.55
N ILE B 65 13.88 -1.79 -15.51
CA ILE B 65 14.02 -2.29 -14.16
C ILE B 65 12.77 -3.03 -13.71
N GLU B 66 11.63 -2.37 -13.87
CA GLU B 66 10.33 -2.93 -13.49
C GLU B 66 10.09 -4.26 -14.20
N ASP B 67 10.32 -4.29 -15.51
CA ASP B 67 10.03 -5.48 -16.31
C ASP B 67 10.96 -6.64 -15.90
N THR B 68 12.19 -6.32 -15.50
CA THR B 68 13.11 -7.36 -15.08
C THR B 68 12.69 -7.92 -13.73
N TRP B 69 12.23 -7.03 -12.86
CA TRP B 69 11.81 -7.43 -11.51
C TRP B 69 10.64 -8.39 -11.67
N GLN B 70 9.61 -7.97 -12.40
CA GLN B 70 8.46 -8.83 -12.67
C GLN B 70 8.87 -10.13 -13.36
N TYR B 71 9.82 -10.03 -14.28
CA TYR B 71 10.28 -11.18 -15.06
C TYR B 71 10.90 -12.24 -14.14
N LEU B 72 11.72 -11.81 -13.18
CA LEU B 72 12.35 -12.73 -12.25
C LEU B 72 11.39 -13.18 -11.17
N TYR B 73 10.52 -12.28 -10.73
CA TYR B 73 9.63 -12.57 -9.62
C TYR B 73 8.53 -13.54 -10.03
N ARG B 74 7.79 -13.18 -11.08
CA ARG B 74 6.75 -14.06 -11.60
C ARG B 74 7.34 -15.24 -12.35
N GLY B 75 8.33 -14.98 -13.19
CA GLY B 75 8.93 -16.00 -14.03
C GLY B 75 9.61 -17.15 -13.29
N ALA B 76 10.08 -16.88 -12.08
CA ALA B 76 10.60 -17.96 -11.21
C ALA B 76 9.58 -19.06 -11.00
N TYR B 77 8.30 -18.72 -11.14
CA TYR B 77 7.17 -19.62 -10.85
C TYR B 77 6.99 -19.90 -9.35
N TRP B 78 8.08 -20.28 -8.68
CA TRP B 78 8.10 -20.40 -7.22
C TRP B 78 8.43 -19.03 -6.66
N ARG B 79 7.43 -18.38 -6.05
CA ARG B 79 7.54 -16.97 -5.69
C ARG B 79 7.94 -16.74 -4.23
N ARG B 80 8.62 -15.62 -3.97
CA ARG B 80 9.03 -15.22 -2.63
C ARG B 80 10.14 -16.13 -2.10
N GLY B 81 10.56 -15.89 -0.86
CA GLY B 81 11.56 -16.73 -0.22
C GLY B 81 12.87 -15.99 -0.07
N PRO B 82 13.65 -16.37 0.95
CA PRO B 82 14.88 -15.61 1.19
C PRO B 82 15.91 -15.75 0.07
N VAL B 83 16.06 -16.95 -0.50
CA VAL B 83 17.03 -17.11 -1.58
C VAL B 83 16.57 -16.38 -2.83
N THR B 84 15.31 -16.61 -3.19
CA THR B 84 14.69 -16.00 -4.35
C THR B 84 14.75 -14.47 -4.34
N MET B 85 14.27 -13.88 -3.24
CA MET B 85 14.16 -12.43 -3.21
C MET B 85 15.52 -11.74 -3.04
N THR B 86 16.50 -12.43 -2.48
CA THR B 86 17.87 -11.85 -2.39
C THR B 86 18.50 -11.78 -3.78
N ALA B 87 18.28 -12.79 -4.60
CA ALA B 87 18.82 -12.77 -5.95
C ALA B 87 18.17 -11.64 -6.74
N ILE B 88 16.86 -11.52 -6.57
CA ILE B 88 16.11 -10.48 -7.25
C ILE B 88 16.55 -9.11 -6.76
N ALA B 89 16.69 -8.96 -5.45
CA ALA B 89 17.19 -7.70 -4.91
C ALA B 89 18.51 -7.27 -5.56
N ALA B 90 19.41 -8.23 -5.77
CA ALA B 90 20.75 -7.92 -6.28
C ALA B 90 20.72 -7.43 -7.73
N VAL B 91 19.92 -8.07 -8.57
CA VAL B 91 19.72 -7.58 -9.92
C VAL B 91 19.10 -6.17 -9.83
N ASP B 92 18.05 -6.03 -9.03
CA ASP B 92 17.36 -4.75 -8.94
C ASP B 92 18.32 -3.62 -8.52
N MET B 93 19.13 -3.90 -7.50
CA MET B 93 20.02 -2.87 -6.97
C MET B 93 21.06 -2.47 -8.00
N ALA B 94 21.53 -3.47 -8.77
CA ALA B 94 22.50 -3.21 -9.81
C ALA B 94 21.89 -2.36 -10.93
N LEU B 95 20.65 -2.63 -11.31
CA LEU B 95 19.99 -1.86 -12.35
C LEU B 95 19.70 -0.42 -11.95
N TRP B 96 19.32 -0.20 -10.69
CA TRP B 96 19.13 1.18 -10.22
C TRP B 96 20.45 1.95 -10.16
N ASP B 97 21.52 1.24 -9.83
CA ASP B 97 22.86 1.81 -9.84
C ASP B 97 23.14 2.29 -11.28
N ILE B 98 22.96 1.39 -12.25
CA ILE B 98 23.11 1.73 -13.66
C ILE B 98 22.21 2.90 -14.07
N LYS B 99 20.95 2.90 -13.66
CA LYS B 99 20.05 3.97 -14.10
C LYS B 99 20.44 5.33 -13.53
N ALA B 100 20.84 5.37 -12.26
CA ALA B 100 21.25 6.63 -11.65
C ALA B 100 22.53 7.18 -12.29
N LYS B 101 23.44 6.27 -12.66
CA LYS B 101 24.64 6.67 -13.38
C LYS B 101 24.27 7.27 -14.73
N ALA B 102 23.40 6.58 -15.47
CA ALA B 102 22.99 7.06 -16.77
C ALA B 102 22.35 8.45 -16.66
N ALA B 103 21.64 8.67 -15.56
CA ALA B 103 20.96 9.95 -15.33
C ALA B 103 21.89 11.01 -14.80
N GLY B 104 23.11 10.61 -14.43
CA GLY B 104 24.09 11.52 -13.86
C GLY B 104 23.71 12.02 -12.48
N MET B 105 23.00 11.19 -11.73
CA MET B 105 22.48 11.56 -10.42
C MET B 105 22.83 10.55 -9.34
N PRO B 106 23.07 11.02 -8.12
CA PRO B 106 23.11 10.07 -7.02
C PRO B 106 21.72 9.49 -6.85
N LEU B 107 21.63 8.26 -6.38
CA LEU B 107 20.35 7.55 -6.32
C LEU B 107 19.21 8.30 -5.59
N TYR B 108 19.47 8.93 -4.47
CA TYR B 108 18.38 9.62 -3.76
C TYR B 108 17.68 10.66 -4.66
N GLN B 109 18.43 11.28 -5.55
CA GLN B 109 17.82 12.28 -6.45
C GLN B 109 16.84 11.62 -7.41
N LEU B 110 17.20 10.42 -7.87
CA LEU B 110 16.41 9.70 -8.84
C LEU B 110 15.12 9.18 -8.20
N LEU B 111 15.17 8.94 -6.89
CA LEU B 111 14.00 8.45 -6.18
C LEU B 111 13.00 9.55 -5.86
N GLY B 112 13.38 10.81 -6.08
CA GLY B 112 12.49 11.93 -5.75
C GLY B 112 13.11 12.98 -4.85
N GLY B 113 14.43 12.90 -4.65
CA GLY B 113 15.17 13.93 -3.93
C GLY B 113 15.17 13.79 -2.41
N LYS B 114 15.97 14.60 -1.73
CA LYS B 114 16.05 14.46 -0.28
C LYS B 114 14.85 14.98 0.47
N SER B 115 14.48 14.21 1.49
CA SER B 115 13.45 14.58 2.45
C SER B 115 14.11 15.00 3.77
N ARG B 116 15.37 14.63 3.96
CA ARG B 116 16.11 15.02 5.17
C ARG B 116 17.57 15.30 4.83
N GLU B 117 18.26 15.98 5.74
CA GLU B 117 19.63 16.41 5.49
C GLU B 117 20.65 15.36 5.97
N ARG B 118 20.20 14.48 6.86
CA ARG B 118 21.04 13.40 7.33
C ARG B 118 20.21 12.25 7.88
N VAL B 119 20.87 11.13 8.12
CA VAL B 119 20.17 9.90 8.42
C VAL B 119 20.59 9.37 9.79
N MET B 120 19.68 9.42 10.76
CA MET B 120 20.02 9.02 12.12
C MET B 120 20.22 7.52 12.22
N THR B 121 21.21 7.10 12.99
CA THR B 121 21.51 5.69 13.13
C THR B 121 21.36 5.24 14.58
N TYR B 122 21.48 3.94 14.80
CA TYR B 122 21.64 3.45 16.14
C TYR B 122 22.80 2.47 16.17
N ALA B 123 23.49 2.40 17.30
CA ALA B 123 24.64 1.52 17.43
C ALA B 123 24.32 0.38 18.37
N HIS B 124 25.08 -0.70 18.27
CA HIS B 124 24.89 -1.85 19.13
C HIS B 124 25.71 -1.70 20.40
N CYS B 125 25.05 -1.83 21.54
CA CYS B 125 25.74 -1.80 22.83
C CYS B 125 25.46 -3.10 23.52
N THR B 126 26.50 -3.87 23.76
CA THR B 126 26.30 -5.17 24.37
C THR B 126 27.31 -5.43 25.49
N GLY B 127 26.88 -6.19 26.49
CA GLY B 127 27.74 -6.51 27.62
C GLY B 127 27.25 -7.75 28.35
N GLN B 128 28.16 -8.39 29.09
CA GLN B 128 27.81 -9.58 29.82
C GLN B 128 26.90 -9.21 30.98
N THR B 129 27.29 -8.21 31.74
CA THR B 129 26.49 -7.74 32.84
C THR B 129 25.83 -6.43 32.41
N ILE B 130 24.86 -5.96 33.19
CA ILE B 130 24.20 -4.71 32.87
C ILE B 130 25.23 -3.61 32.85
N GLU B 131 26.13 -3.66 33.82
CA GLU B 131 27.17 -2.67 33.96
C GLU B 131 28.08 -2.62 32.75
N ASP B 132 28.49 -3.80 32.27
CA ASP B 132 29.28 -3.89 31.05
C ASP B 132 28.57 -3.14 29.92
N CYS B 133 27.26 -3.36 29.81
CA CYS B 133 26.48 -2.77 28.73
C CYS B 133 26.44 -1.26 28.86
N LEU B 134 26.25 -0.75 30.07
CA LEU B 134 26.24 0.70 30.28
C LEU B 134 27.57 1.33 29.84
N GLY B 135 28.66 0.58 30.02
CA GLY B 135 29.95 1.04 29.57
C GLY B 135 30.01 1.22 28.07
N GLU B 136 29.42 0.28 27.34
CA GLU B 136 29.33 0.40 25.87
C GLU B 136 28.38 1.52 25.45
N VAL B 137 27.26 1.67 26.15
CA VAL B 137 26.40 2.81 25.86
C VAL B 137 27.24 4.08 25.91
N ALA B 138 28.01 4.25 26.99
CA ALA B 138 28.80 5.47 27.18
C ALA B 138 29.77 5.77 26.04
N ARG B 139 30.56 4.78 25.61
CA ARG B 139 31.51 5.06 24.52
C ARG B 139 30.83 5.36 23.19
N HIS B 140 29.65 4.77 22.95
CA HIS B 140 28.93 5.07 21.72
C HIS B 140 28.27 6.46 21.76
N VAL B 141 27.82 6.87 22.94
CA VAL B 141 27.32 8.23 23.08
C VAL B 141 28.46 9.22 22.84
N GLU B 142 29.67 8.82 23.21
CA GLU B 142 30.87 9.61 22.95
C GLU B 142 31.09 9.79 21.44
N LEU B 143 30.73 8.78 20.66
CA LEU B 143 30.92 8.82 19.21
C LEU B 143 29.84 9.62 18.48
N GLY B 144 28.85 10.10 19.21
CA GLY B 144 27.79 10.91 18.62
C GLY B 144 26.46 10.20 18.38
N TYR B 145 26.40 8.89 18.62
CA TYR B 145 25.14 8.16 18.47
C TYR B 145 24.05 8.70 19.39
N ARG B 146 22.91 9.04 18.80
CA ARG B 146 21.74 9.52 19.55
C ARG B 146 20.83 8.37 19.96
N ALA B 147 21.15 7.17 19.47
CA ALA B 147 20.31 6.00 19.68
C ALA B 147 21.15 4.75 19.84
N VAL B 148 20.79 3.94 20.83
CA VAL B 148 21.52 2.71 21.12
C VAL B 148 20.55 1.55 21.29
N ARG B 149 20.97 0.38 20.83
CA ARG B 149 20.29 -0.88 21.10
C ARG B 149 21.06 -1.56 22.20
N VAL B 150 20.38 -1.89 23.29
CA VAL B 150 21.06 -2.43 24.45
C VAL B 150 20.72 -3.91 24.66
N GLN B 151 21.76 -4.70 24.89
CA GLN B 151 21.60 -6.12 25.17
C GLN B 151 22.63 -6.48 26.25
N SER B 152 22.23 -7.33 27.18
CA SER B 152 23.16 -7.80 28.22
C SER B 152 22.83 -9.23 28.58
N GLY B 153 23.78 -9.88 29.25
CA GLY B 153 23.61 -11.28 29.62
C GLY B 153 22.46 -11.52 30.59
N VAL B 154 21.97 -12.76 30.60
CA VAL B 154 20.94 -13.17 31.55
C VAL B 154 21.57 -14.04 32.63
N PRO B 155 21.54 -13.56 33.88
CA PRO B 155 22.09 -14.33 35.00
C PRO B 155 21.47 -15.73 35.08
N GLY B 156 22.32 -16.76 35.02
CA GLY B 156 21.84 -18.13 35.01
C GLY B 156 21.66 -18.68 33.61
N ILE B 157 22.18 -17.93 32.63
CA ILE B 157 22.16 -18.38 31.23
C ILE B 157 23.51 -18.07 30.61
N GLU B 158 24.21 -19.13 30.21
CA GLU B 158 25.58 -19.02 29.69
C GLU B 158 25.66 -18.13 28.45
N THR B 159 24.78 -18.39 27.49
CA THR B 159 24.73 -17.63 26.25
C THR B 159 23.36 -16.97 26.02
N THR B 160 23.38 -15.71 25.64
CA THR B 160 22.15 -14.98 25.31
C THR B 160 22.39 -14.20 24.02
N TYR B 161 21.31 -13.83 23.34
CA TYR B 161 21.49 -13.10 22.09
C TYR B 161 22.08 -11.68 22.26
N GLY B 162 22.99 -11.33 21.35
CA GLY B 162 23.55 -10.00 21.32
C GLY B 162 24.74 -9.81 22.23
N VAL B 163 25.10 -10.87 22.97
CA VAL B 163 26.20 -10.79 23.93
C VAL B 163 27.38 -11.70 23.57
N TYR B 171 31.50 -8.82 18.56
CA TYR B 171 30.40 -9.79 18.45
C TYR B 171 29.82 -9.88 17.02
N GLU B 172 30.09 -10.99 16.36
CA GLU B 172 29.55 -11.31 15.04
C GLU B 172 28.92 -12.70 15.11
N PRO B 173 27.58 -12.77 15.02
CA PRO B 173 26.75 -13.95 15.32
C PRO B 173 27.15 -15.22 14.58
N ALA B 174 27.40 -15.13 13.27
CA ALA B 174 27.86 -16.27 12.49
C ALA B 174 29.36 -16.45 12.73
N ASP B 175 29.72 -17.01 13.88
CA ASP B 175 31.12 -16.99 14.32
C ASP B 175 31.82 -18.34 14.21
N SER B 176 31.17 -19.34 13.62
CA SER B 176 31.83 -20.61 13.36
C SER B 176 31.28 -21.27 12.12
N SER B 177 31.98 -22.27 11.61
CA SER B 177 31.63 -22.90 10.35
C SER B 177 30.22 -23.51 10.41
N LEU B 178 29.93 -24.20 11.50
CA LEU B 178 28.62 -24.80 11.71
C LEU B 178 27.92 -24.13 12.89
N PRO B 179 26.58 -24.22 12.95
CA PRO B 179 25.81 -23.49 13.97
C PRO B 179 26.22 -23.79 15.42
N ALA B 180 26.57 -22.75 16.16
CA ALA B 180 26.80 -22.90 17.60
C ALA B 180 25.46 -23.21 18.25
N GLU B 181 25.52 -23.90 19.38
CA GLU B 181 24.32 -24.27 20.11
C GLU B 181 24.24 -23.48 21.39
N HIS B 182 23.22 -22.64 21.51
CA HIS B 182 23.01 -21.79 22.69
C HIS B 182 21.85 -22.32 23.53
N VAL B 183 21.88 -22.06 24.84
CA VAL B 183 20.80 -22.47 25.73
C VAL B 183 19.98 -21.23 26.13
N TRP B 184 18.69 -21.42 26.38
CA TRP B 184 17.78 -20.30 26.63
C TRP B 184 16.70 -20.57 27.68
N SER B 185 16.38 -19.52 28.45
CA SER B 185 15.31 -19.53 29.45
C SER B 185 14.51 -18.24 29.33
N THR B 186 13.27 -18.34 28.90
CA THR B 186 12.42 -17.17 28.73
C THR B 186 12.14 -16.52 30.07
N GLU B 187 11.87 -17.35 31.08
CA GLU B 187 11.45 -16.87 32.37
C GLU B 187 12.51 -16.03 33.05
N LYS B 188 13.76 -16.49 32.99
CA LYS B 188 14.86 -15.71 33.55
C LYS B 188 15.07 -14.41 32.79
N TYR B 189 14.94 -14.48 31.47
CA TYR B 189 15.09 -13.28 30.64
C TYR B 189 14.03 -12.23 30.95
N LEU B 190 12.77 -12.66 31.09
CA LEU B 190 11.68 -11.72 31.34
C LEU B 190 11.84 -11.01 32.68
N ASN B 191 12.35 -11.71 33.68
CA ASN B 191 12.56 -11.08 34.99
C ASN B 191 13.74 -10.12 34.98
N HIS B 192 14.68 -10.37 34.09
CA HIS B 192 15.90 -9.57 34.07
C HIS B 192 15.89 -8.34 33.15
N ALA B 193 15.35 -8.49 31.94
CA ALA B 193 15.44 -7.42 30.94
C ALA B 193 14.97 -6.03 31.40
N PRO B 194 13.87 -5.96 32.15
CA PRO B 194 13.45 -4.61 32.54
C PRO B 194 14.51 -3.91 33.40
N LYS B 195 15.31 -4.68 34.11
CA LYS B 195 16.37 -4.11 34.95
C LYS B 195 17.41 -3.38 34.10
N LEU B 196 17.68 -3.88 32.90
CA LEU B 196 18.63 -3.26 31.99
C LEU B 196 18.16 -1.86 31.58
N PHE B 197 16.91 -1.78 31.12
CA PHE B 197 16.39 -0.50 30.63
C PHE B 197 16.30 0.53 31.75
N ALA B 198 15.87 0.10 32.93
CA ALA B 198 15.87 0.97 34.11
C ALA B 198 17.27 1.50 34.39
N ALA B 199 18.28 0.64 34.25
CA ALA B 199 19.65 1.03 34.52
C ALA B 199 20.13 2.05 33.48
N VAL B 200 19.77 1.80 32.22
CA VAL B 200 20.10 2.72 31.12
C VAL B 200 19.49 4.12 31.33
N ARG B 201 18.19 4.19 31.67
CA ARG B 201 17.57 5.49 31.94
C ARG B 201 18.22 6.18 33.15
N GLU B 202 18.50 5.41 34.20
CA GLU B 202 19.10 6.00 35.39
C GLU B 202 20.46 6.63 35.09
N ARG B 203 21.29 5.96 34.29
CA ARG B 203 22.60 6.52 34.02
C ARG B 203 22.60 7.59 32.94
N PHE B 204 21.84 7.38 31.87
CA PHE B 204 21.96 8.25 30.71
C PHE B 204 20.79 9.21 30.44
N GLY B 205 19.71 9.12 31.23
CA GLY B 205 18.61 10.06 31.12
C GLY B 205 17.59 9.75 30.03
N ASP B 206 16.69 10.70 29.76
CA ASP B 206 15.52 10.48 28.92
C ASP B 206 15.68 10.78 27.41
N ASP B 207 16.66 11.61 27.04
CA ASP B 207 16.76 12.06 25.66
C ASP B 207 17.28 10.97 24.75
N LEU B 208 18.15 10.12 25.30
CA LEU B 208 18.73 9.02 24.54
C LEU B 208 17.66 8.08 23.96
N HIS B 209 17.76 7.74 22.68
CA HIS B 209 16.84 6.74 22.12
C HIS B 209 17.32 5.35 22.47
N VAL B 210 16.47 4.55 23.12
CA VAL B 210 16.91 3.22 23.56
C VAL B 210 16.10 2.10 22.91
N LEU B 211 16.79 1.20 22.21
CA LEU B 211 16.18 0.11 21.45
C LEU B 211 16.55 -1.25 22.05
N HIS B 212 15.67 -2.24 21.88
CA HIS B 212 15.92 -3.60 22.34
C HIS B 212 15.41 -4.63 21.36
N ASP B 213 16.24 -5.64 21.11
CA ASP B 213 15.94 -6.71 20.18
C ASP B 213 15.62 -7.98 20.95
N VAL B 214 14.34 -8.37 20.96
CA VAL B 214 13.90 -9.55 21.70
C VAL B 214 14.37 -10.81 20.97
N HIS B 215 14.56 -10.66 19.66
CA HIS B 215 15.14 -11.70 18.83
C HIS B 215 14.37 -13.03 18.82
N HIS B 216 13.05 -12.93 18.65
CA HIS B 216 12.19 -14.08 18.33
C HIS B 216 11.87 -15.07 19.46
N ARG B 217 12.31 -14.79 20.69
CA ARG B 217 12.24 -15.81 21.75
C ARG B 217 10.91 -15.94 22.54
N LEU B 218 10.05 -14.94 22.45
CA LEU B 218 8.83 -14.90 23.27
C LEU B 218 7.57 -15.44 22.58
N THR B 219 6.58 -15.85 23.37
CA THR B 219 5.23 -16.07 22.86
C THR B 219 4.48 -14.75 22.93
N PRO B 220 3.37 -14.61 22.19
CA PRO B 220 2.67 -13.31 22.22
C PRO B 220 2.35 -12.76 23.61
N ILE B 221 1.78 -13.56 24.50
CA ILE B 221 1.38 -13.03 25.81
C ILE B 221 2.63 -12.68 26.65
N GLU B 222 3.71 -13.44 26.46
CA GLU B 222 4.97 -13.10 27.12
C GLU B 222 5.53 -11.77 26.63
N ALA B 223 5.40 -11.51 25.33
CA ALA B 223 5.87 -10.25 24.75
C ALA B 223 4.99 -9.12 25.25
N ALA B 224 3.70 -9.41 25.40
CA ALA B 224 2.76 -8.42 25.92
C ALA B 224 3.23 -8.00 27.32
N ARG B 225 3.56 -8.99 28.12
CA ARG B 225 4.04 -8.77 29.48
C ARG B 225 5.31 -7.91 29.50
N LEU B 226 6.29 -8.25 28.67
CA LEU B 226 7.53 -7.48 28.57
C LEU B 226 7.28 -6.04 28.12
N GLY B 227 6.46 -5.87 27.09
CA GLY B 227 6.13 -4.54 26.60
C GLY B 227 5.59 -3.64 27.70
N LYS B 228 4.66 -4.18 28.49
CA LYS B 228 4.07 -3.47 29.62
C LYS B 228 5.11 -3.15 30.70
N ALA B 229 5.96 -4.13 31.00
CA ALA B 229 7.00 -3.94 32.00
C ALA B 229 7.99 -2.85 31.58
N VAL B 230 8.18 -2.68 30.29
CA VAL B 230 9.16 -1.70 29.84
C VAL B 230 8.57 -0.36 29.46
N GLU B 231 7.26 -0.22 29.61
CA GLU B 231 6.61 1.06 29.30
C GLU B 231 7.25 2.27 30.01
N PRO B 232 7.65 2.11 31.28
CA PRO B 232 8.25 3.28 31.94
C PRO B 232 9.55 3.80 31.33
N TYR B 233 10.26 2.93 30.60
CA TYR B 233 11.56 3.30 30.06
C TYR B 233 11.46 3.86 28.65
N HIS B 234 10.24 3.88 28.09
CA HIS B 234 9.96 4.52 26.80
C HIS B 234 10.95 4.13 25.71
N LEU B 235 11.03 2.84 25.42
CA LEU B 235 11.95 2.38 24.38
C LEU B 235 11.55 2.93 23.01
N PHE B 236 12.55 3.15 22.15
CA PHE B 236 12.33 3.56 20.76
C PHE B 236 11.59 2.44 20.05
N TRP B 237 12.04 1.20 20.28
CA TRP B 237 11.26 0.04 19.85
C TRP B 237 11.63 -1.25 20.60
N LEU B 238 10.69 -2.19 20.56
CA LEU B 238 10.96 -3.53 21.02
C LEU B 238 10.88 -4.36 19.74
N GLU B 239 11.96 -5.05 19.41
CA GLU B 239 12.11 -5.65 18.10
C GLU B 239 11.93 -7.17 18.09
N ASP B 240 11.27 -7.67 17.04
CA ASP B 240 11.14 -9.10 16.81
C ASP B 240 10.70 -9.90 18.03
N CYS B 241 9.63 -9.45 18.68
CA CYS B 241 9.11 -10.13 19.87
C CYS B 241 8.83 -11.61 19.69
N VAL B 242 8.23 -11.99 18.56
CA VAL B 242 7.76 -13.35 18.36
C VAL B 242 7.94 -13.72 16.91
N PRO B 243 8.12 -15.02 16.64
CA PRO B 243 8.17 -15.44 15.23
C PRO B 243 6.85 -15.04 14.61
N ALA B 244 6.90 -14.51 13.39
CA ALA B 244 5.71 -13.90 12.83
C ALA B 244 5.31 -14.40 11.44
N GLU B 245 5.62 -15.66 11.12
CA GLU B 245 5.12 -16.26 9.89
C GLU B 245 3.60 -16.17 9.91
N ASN B 246 3.04 -16.35 11.10
CA ASN B 246 1.64 -16.10 11.35
C ASN B 246 1.58 -14.66 11.85
N GLN B 247 1.05 -13.77 11.02
CA GLN B 247 1.10 -12.34 11.32
C GLN B 247 0.22 -11.95 12.50
N GLU B 248 -0.83 -12.73 12.72
CA GLU B 248 -1.71 -12.53 13.86
C GLU B 248 -0.96 -12.64 15.19
N SER B 249 0.24 -13.21 15.18
CA SER B 249 1.03 -13.34 16.40
C SER B 249 1.26 -12.00 17.08
N LEU B 250 1.19 -10.90 16.32
CA LEU B 250 1.45 -9.58 16.90
C LEU B 250 0.24 -9.00 17.64
N ARG B 251 -0.94 -9.55 17.38
N ARG B 251 -0.94 -9.54 17.37
CA ARG B 251 -2.18 -8.94 17.85
CA ARG B 251 -2.18 -8.95 17.86
C ARG B 251 -2.30 -8.77 19.37
C ARG B 251 -2.22 -8.75 19.38
N LEU B 252 -1.91 -9.80 20.12
CA LEU B 252 -2.01 -9.75 21.58
C LEU B 252 -1.01 -8.76 22.17
N ILE B 253 0.13 -8.62 21.52
CA ILE B 253 1.14 -7.67 21.98
C ILE B 253 0.58 -6.27 21.86
N ARG B 254 0.08 -5.95 20.67
CA ARG B 254 -0.43 -4.61 20.37
C ARG B 254 -1.58 -4.24 21.28
N GLU B 255 -2.46 -5.19 21.55
CA GLU B 255 -3.63 -4.94 22.36
C GLU B 255 -3.28 -4.68 23.83
N HIS B 256 -2.08 -5.06 24.24
CA HIS B 256 -1.71 -5.02 25.66
C HIS B 256 -0.62 -4.02 26.07
N THR B 257 0.06 -3.42 25.10
CA THR B 257 1.14 -2.50 25.45
C THR B 257 1.24 -1.32 24.50
N THR B 258 1.75 -0.20 25.00
CA THR B 258 2.04 0.98 24.16
C THR B 258 3.54 1.17 23.86
N THR B 259 4.36 0.20 24.24
CA THR B 259 5.75 0.20 23.80
C THR B 259 5.76 -0.01 22.29
N PRO B 260 6.50 0.84 21.54
CA PRO B 260 6.52 0.71 20.08
C PRO B 260 7.17 -0.59 19.62
N LEU B 261 6.65 -1.17 18.54
CA LEU B 261 7.08 -2.49 18.09
C LEU B 261 7.71 -2.46 16.71
N ALA B 262 8.73 -3.29 16.51
CA ALA B 262 9.42 -3.35 15.24
C ALA B 262 9.60 -4.80 14.85
N ILE B 263 9.52 -5.08 13.56
CA ILE B 263 9.67 -6.43 13.07
C ILE B 263 10.10 -6.43 11.59
N GLY B 264 10.75 -7.50 11.16
CA GLY B 264 10.79 -7.81 9.74
C GLY B 264 12.13 -8.07 9.08
N GLU B 265 13.22 -8.07 9.83
CA GLU B 265 14.51 -8.37 9.23
C GLU B 265 14.51 -9.74 8.58
N VAL B 266 13.66 -10.66 9.05
CA VAL B 266 13.63 -11.99 8.43
C VAL B 266 12.62 -12.11 7.29
N PHE B 267 11.89 -11.04 7.00
CA PHE B 267 10.90 -11.03 5.92
C PHE B 267 11.60 -10.78 4.60
N ASN B 268 10.96 -11.19 3.51
CA ASN B 268 11.48 -10.93 2.17
C ASN B 268 10.43 -10.42 1.18
N SER B 269 9.19 -10.28 1.62
CA SER B 269 8.14 -9.86 0.68
C SER B 269 7.07 -9.00 1.35
N ILE B 270 6.45 -8.10 0.59
CA ILE B 270 5.35 -7.31 1.12
C ILE B 270 4.26 -8.26 1.68
N HIS B 271 4.19 -9.48 1.18
CA HIS B 271 3.18 -10.42 1.63
C HIS B 271 3.50 -11.00 3.01
N ASP B 272 4.71 -10.71 3.50
CA ASP B 272 5.13 -11.13 4.83
C ASP B 272 4.67 -10.17 5.92
N CYS B 273 4.22 -8.99 5.51
CA CYS B 273 3.94 -7.94 6.49
C CYS B 273 2.73 -7.09 6.16
N ARG B 274 2.00 -7.42 5.09
CA ARG B 274 0.87 -6.59 4.66
C ARG B 274 -0.15 -6.37 5.77
N GLU B 275 -0.54 -7.46 6.42
CA GLU B 275 -1.56 -7.43 7.46
C GLU B 275 -1.05 -6.76 8.72
N LEU B 276 0.21 -7.01 9.05
CA LEU B 276 0.87 -6.39 10.20
C LEU B 276 0.77 -4.88 10.11
N ILE B 277 0.97 -4.38 8.90
CA ILE B 277 0.91 -2.95 8.65
C ILE B 277 -0.53 -2.43 8.64
N GLN B 278 -1.41 -3.09 7.87
CA GLN B 278 -2.79 -2.62 7.71
C GLN B 278 -3.60 -2.71 9.00
N ASN B 279 -3.25 -3.66 9.84
CA ASN B 279 -3.95 -3.82 11.11
C ASN B 279 -3.32 -2.98 12.22
N GLN B 280 -2.32 -2.19 11.86
CA GLN B 280 -1.58 -1.36 12.81
C GLN B 280 -1.01 -2.16 13.98
N TRP B 281 -0.30 -3.24 13.68
CA TRP B 281 0.25 -4.07 14.73
C TRP B 281 1.72 -3.75 15.03
N ILE B 282 2.34 -2.91 14.18
CA ILE B 282 3.73 -2.52 14.34
C ILE B 282 3.95 -1.04 14.01
N ASP B 283 5.09 -0.52 14.47
CA ASP B 283 5.47 0.87 14.25
C ASP B 283 6.61 1.05 13.28
N TYR B 284 7.44 0.02 13.14
CA TYR B 284 8.62 0.07 12.31
C TYR B 284 8.77 -1.21 11.52
N ILE B 285 9.01 -1.09 10.23
CA ILE B 285 9.25 -2.23 9.36
C ILE B 285 10.76 -2.35 9.08
N ARG B 286 11.33 -3.52 9.34
CA ARG B 286 12.80 -3.71 9.33
C ARG B 286 13.40 -4.37 8.09
N MET B 287 12.55 -4.90 7.22
CA MET B 287 13.03 -5.57 6.02
C MET B 287 13.96 -4.66 5.19
N PRO B 288 15.20 -5.10 4.92
CA PRO B 288 16.21 -4.29 4.19
C PRO B 288 16.20 -4.51 2.69
N LEU B 289 16.98 -3.71 1.94
CA LEU B 289 16.98 -3.80 0.48
C LEU B 289 17.40 -5.17 -0.06
N THR B 290 18.50 -5.69 0.46
CA THR B 290 19.11 -6.92 -0.04
C THR B 290 18.19 -8.13 0.08
N HIS B 291 17.45 -8.21 1.17
CA HIS B 291 16.59 -9.37 1.39
C HIS B 291 15.13 -9.16 0.98
N GLY B 292 14.76 -7.92 0.68
CA GLY B 292 13.37 -7.56 0.46
C GLY B 292 13.03 -7.23 -0.97
N GLY B 293 13.83 -7.74 -1.91
CA GLY B 293 13.54 -7.55 -3.33
C GLY B 293 14.03 -6.23 -3.90
N GLY B 294 14.92 -5.55 -3.17
CA GLY B 294 15.58 -4.36 -3.67
C GLY B 294 14.76 -3.10 -3.58
N ILE B 295 15.22 -2.07 -4.27
CA ILE B 295 14.58 -0.75 -4.30
C ILE B 295 13.16 -0.80 -4.85
N THR B 296 13.00 -1.47 -5.99
CA THR B 296 11.68 -1.62 -6.60
C THR B 296 10.61 -2.12 -5.61
N ALA B 297 10.94 -3.16 -4.84
CA ALA B 297 9.98 -3.73 -3.89
C ALA B 297 9.84 -2.90 -2.61
N MET B 298 10.96 -2.41 -2.08
CA MET B 298 10.90 -1.74 -0.79
C MET B 298 10.23 -0.37 -0.86
N ARG B 299 10.25 0.24 -2.04
CA ARG B 299 9.51 1.48 -2.24
C ARG B 299 8.02 1.21 -1.95
N ARG B 300 7.52 0.10 -2.49
CA ARG B 300 6.12 -0.28 -2.31
C ARG B 300 5.80 -0.62 -0.84
N VAL B 301 6.71 -1.35 -0.21
CA VAL B 301 6.55 -1.65 1.20
C VAL B 301 6.50 -0.37 2.03
N ALA B 302 7.44 0.54 1.78
CA ALA B 302 7.53 1.77 2.57
C ALA B 302 6.29 2.63 2.35
N ASP B 303 5.78 2.66 1.12
CA ASP B 303 4.59 3.44 0.83
C ASP B 303 3.36 2.86 1.54
N LEU B 304 3.23 1.54 1.56
CA LEU B 304 2.13 0.92 2.31
C LEU B 304 2.26 1.29 3.79
N ALA B 305 3.46 1.18 4.33
CA ALA B 305 3.69 1.51 5.74
C ALA B 305 3.20 2.93 6.08
N SER B 306 3.49 3.87 5.18
CA SER B 306 3.21 5.28 5.42
C SER B 306 1.71 5.59 5.56
N LEU B 307 0.86 4.79 4.92
CA LEU B 307 -0.59 4.95 5.07
C LEU B 307 -1.05 4.73 6.52
N TYR B 308 -0.23 4.01 7.28
CA TYR B 308 -0.62 3.56 8.62
C TYR B 308 0.33 4.05 9.73
N HIS B 309 1.14 5.06 9.40
CA HIS B 309 2.05 5.71 10.35
C HIS B 309 3.24 4.83 10.69
N VAL B 310 3.41 3.74 9.94
CA VAL B 310 4.57 2.87 10.13
C VAL B 310 5.81 3.45 9.44
N ARG B 311 6.95 3.40 10.11
CA ARG B 311 8.18 4.00 9.62
C ARG B 311 9.24 2.96 9.24
N THR B 312 10.18 3.32 8.39
CA THR B 312 11.25 2.38 8.03
C THR B 312 12.28 2.28 9.16
N GLY B 313 12.79 1.07 9.38
CA GLY B 313 13.91 0.85 10.27
C GLY B 313 14.80 -0.26 9.71
N PHE B 314 15.45 0.01 8.58
CA PHE B 314 16.19 -1.00 7.82
C PHE B 314 17.19 -1.79 8.68
N HIS B 315 17.07 -3.11 8.65
CA HIS B 315 18.09 -4.02 9.15
C HIS B 315 19.40 -3.56 8.52
N GLY B 316 20.43 -3.37 9.35
CA GLY B 316 21.70 -2.84 8.88
C GLY B 316 22.93 -3.49 9.51
N PRO B 317 23.02 -4.81 9.42
CA PRO B 317 24.09 -5.54 10.13
C PRO B 317 25.37 -5.65 9.29
N THR B 318 26.39 -6.29 9.83
CA THR B 318 27.62 -6.47 9.07
C THR B 318 27.37 -7.38 7.88
N ASP B 319 26.36 -8.25 7.98
CA ASP B 319 26.09 -9.23 6.90
C ASP B 319 25.30 -8.70 5.70
N LEU B 320 24.96 -7.41 5.72
CA LEU B 320 24.63 -6.72 4.48
C LEU B 320 25.84 -5.89 4.05
N SER B 321 26.19 -5.96 2.77
CA SER B 321 27.45 -5.35 2.32
C SER B 321 27.38 -3.82 2.23
N PRO B 322 28.54 -3.17 2.07
CA PRO B 322 28.51 -1.72 1.85
C PRO B 322 27.65 -1.32 0.64
N VAL B 323 27.48 -2.24 -0.29
CA VAL B 323 26.64 -1.96 -1.45
C VAL B 323 25.22 -1.69 -1.00
N CYS B 324 24.69 -2.57 -0.15
CA CYS B 324 23.36 -2.39 0.44
C CYS B 324 23.32 -1.12 1.28
N LEU B 325 24.34 -0.94 2.12
CA LEU B 325 24.35 0.20 3.04
C LEU B 325 24.27 1.52 2.27
N GLY B 326 25.10 1.65 1.23
CA GLY B 326 25.07 2.86 0.43
C GLY B 326 23.68 3.09 -0.16
N ALA B 327 23.15 2.05 -0.80
CA ALA B 327 21.82 2.13 -1.38
C ALA B 327 20.79 2.48 -0.32
N ALA B 328 20.96 1.89 0.86
CA ALA B 328 19.98 2.07 1.92
C ALA B 328 19.99 3.52 2.38
N ILE B 329 21.16 4.12 2.36
CA ILE B 329 21.30 5.50 2.80
C ILE B 329 20.68 6.43 1.77
N HIS B 330 20.81 6.08 0.50
CA HIS B 330 20.07 6.81 -0.53
C HIS B 330 18.56 6.71 -0.31
N PHE B 331 18.06 5.49 -0.13
CA PHE B 331 16.65 5.27 0.20
C PHE B 331 16.25 6.06 1.46
N ASP B 332 17.01 5.89 2.54
CA ASP B 332 16.72 6.59 3.79
C ASP B 332 16.59 8.09 3.58
N THR B 333 17.40 8.62 2.65
CA THR B 333 17.49 10.06 2.46
C THR B 333 16.26 10.61 1.74
N TRP B 334 15.68 9.81 0.84
CA TRP B 334 14.47 10.20 0.14
C TRP B 334 13.18 9.89 0.91
N VAL B 335 13.06 8.68 1.43
CA VAL B 335 11.77 8.14 1.86
C VAL B 335 11.12 8.99 2.97
N PRO B 336 9.84 9.34 2.79
CA PRO B 336 9.19 10.27 3.72
C PRO B 336 9.06 9.71 5.15
N ASN B 337 8.60 8.47 5.25
CA ASN B 337 8.38 7.84 6.55
C ASN B 337 9.62 7.08 7.07
N PHE B 338 10.79 7.70 6.94
CA PHE B 338 12.02 7.17 7.55
C PHE B 338 11.92 7.16 9.08
N GLY B 339 12.38 6.08 9.69
CA GLY B 339 12.39 5.97 11.14
C GLY B 339 13.81 6.02 11.69
N ILE B 340 14.60 5.00 11.37
CA ILE B 340 15.99 4.97 11.80
C ILE B 340 16.77 4.01 10.92
N GLN B 341 18.10 4.14 10.93
CA GLN B 341 18.98 3.23 10.18
C GLN B 341 19.97 2.52 11.10
N GLU B 342 19.89 1.19 11.12
CA GLU B 342 20.82 0.41 11.93
C GLU B 342 22.25 0.60 11.41
N HIS B 343 23.21 0.77 12.34
CA HIS B 343 24.63 0.83 11.95
C HIS B 343 25.53 -0.14 12.69
N MET B 344 25.99 -1.18 11.99
CA MET B 344 27.05 -2.05 12.48
C MET B 344 28.25 -1.85 11.58
N PRO B 345 29.29 -1.15 12.07
CA PRO B 345 30.44 -0.87 11.22
C PRO B 345 31.06 -2.13 10.61
N HIS B 346 31.34 -2.09 9.32
CA HIS B 346 32.11 -3.13 8.66
C HIS B 346 33.59 -3.03 9.02
N THR B 347 34.34 -4.10 8.78
CA THR B 347 35.77 -4.09 9.02
C THR B 347 36.45 -3.18 8.00
N ASP B 348 37.64 -2.69 8.34
CA ASP B 348 38.45 -1.90 7.39
C ASP B 348 38.66 -2.64 6.08
N GLU B 349 38.93 -3.94 6.16
CA GLU B 349 39.12 -4.75 4.97
C GLU B 349 37.86 -4.76 4.11
N THR B 350 36.70 -4.83 4.75
CA THR B 350 35.44 -4.80 4.00
C THR B 350 35.28 -3.45 3.31
N ASP B 351 35.51 -2.36 4.05
CA ASP B 351 35.40 -1.02 3.46
C ASP B 351 36.36 -0.84 2.28
N ALA B 352 37.53 -1.47 2.35
CA ALA B 352 38.50 -1.36 1.28
C ALA B 352 38.05 -2.11 0.04
N VAL B 353 37.32 -3.21 0.23
CA VAL B 353 36.85 -3.99 -0.92
C VAL B 353 35.68 -3.29 -1.62
N PHE B 354 34.98 -2.43 -0.88
CA PHE B 354 33.80 -1.76 -1.39
C PHE B 354 33.92 -0.25 -1.20
N PRO B 355 34.76 0.41 -2.01
CA PRO B 355 34.90 1.86 -1.90
C PRO B 355 33.54 2.52 -2.06
N HIS B 356 33.26 3.53 -1.25
CA HIS B 356 31.94 4.11 -1.23
C HIS B 356 32.02 5.59 -0.85
N ASP B 357 30.98 6.34 -1.16
CA ASP B 357 30.99 7.74 -0.83
C ASP B 357 29.97 8.19 0.24
N TYR B 358 29.28 7.25 0.87
CA TYR B 358 28.48 7.63 2.02
C TYR B 358 29.45 7.96 3.16
N ARG B 359 29.03 8.85 4.04
CA ARG B 359 29.89 9.27 5.15
C ARG B 359 29.15 9.14 6.47
N PHE B 360 29.88 8.80 7.53
CA PHE B 360 29.30 8.76 8.85
C PHE B 360 29.88 9.89 9.69
N GLU B 361 28.99 10.70 10.27
CA GLU B 361 29.40 11.86 11.06
C GLU B 361 28.42 12.10 12.18
N ASP B 362 28.94 12.30 13.40
CA ASP B 362 28.11 12.75 14.50
C ASP B 362 26.86 11.87 14.66
N GLY B 363 27.05 10.56 14.58
CA GLY B 363 25.96 9.61 14.76
C GLY B 363 24.99 9.48 13.59
N HIS B 364 25.26 10.16 12.47
CA HIS B 364 24.38 10.09 11.30
C HIS B 364 25.12 9.69 10.03
N PHE B 365 24.37 9.20 9.05
CA PHE B 365 24.91 8.98 7.72
C PHE B 365 24.56 10.14 6.82
N LEU B 366 25.45 10.44 5.88
CA LEU B 366 25.23 11.44 4.86
C LEU B 366 25.33 10.70 3.53
N ALA B 367 24.29 10.84 2.70
CA ALA B 367 24.28 10.18 1.40
C ALA B 367 25.39 10.71 0.49
N GLY B 368 25.95 9.82 -0.32
CA GLY B 368 26.90 10.20 -1.35
C GLY B 368 26.31 11.13 -2.39
N GLU B 369 27.20 11.85 -3.09
CA GLU B 369 26.76 12.72 -4.17
C GLU B 369 27.13 12.20 -5.56
N SER B 370 27.94 11.15 -5.61
CA SER B 370 28.28 10.49 -6.88
C SER B 370 27.06 9.86 -7.54
N PRO B 371 27.04 9.83 -8.88
CA PRO B 371 25.98 9.13 -9.61
C PRO B 371 25.97 7.65 -9.28
N GLY B 372 24.80 7.04 -9.34
CA GLY B 372 24.62 5.66 -8.88
C GLY B 372 24.34 5.66 -7.40
N HIS B 373 24.52 4.52 -6.74
CA HIS B 373 24.41 4.47 -5.28
C HIS B 373 25.73 4.79 -4.56
N GLY B 374 26.77 5.05 -5.35
CA GLY B 374 28.04 5.53 -4.82
C GLY B 374 28.97 4.46 -4.27
N VAL B 375 28.66 3.20 -4.56
CA VAL B 375 29.48 2.09 -4.08
C VAL B 375 30.09 1.33 -5.26
N ASP B 376 31.33 0.88 -5.08
CA ASP B 376 32.04 0.11 -6.09
C ASP B 376 32.58 -1.15 -5.45
N ILE B 377 33.02 -2.08 -6.27
CA ILE B 377 33.75 -3.25 -5.78
C ILE B 377 35.10 -3.38 -6.47
N ASP B 378 36.15 -3.50 -5.67
CA ASP B 378 37.48 -3.72 -6.18
C ASP B 378 37.71 -5.21 -6.33
N GLU B 379 37.52 -5.71 -7.55
CA GLU B 379 37.57 -7.14 -7.80
C GLU B 379 38.92 -7.79 -7.51
N GLU B 380 39.98 -7.05 -7.77
CA GLU B 380 41.33 -7.57 -7.56
C GLU B 380 41.60 -7.75 -6.06
N LEU B 381 41.14 -6.80 -5.25
CA LEU B 381 41.31 -6.92 -3.80
C LEU B 381 40.37 -8.00 -3.27
N ALA B 382 39.16 -8.04 -3.81
CA ALA B 382 38.17 -9.02 -3.34
C ALA B 382 38.71 -10.45 -3.45
N ALA B 383 39.48 -10.72 -4.50
CA ALA B 383 39.98 -12.08 -4.74
C ALA B 383 41.03 -12.51 -3.73
N LYS B 384 41.57 -11.55 -2.98
CA LYS B 384 42.57 -11.85 -1.95
C LYS B 384 41.95 -12.34 -0.63
N TYR B 385 40.61 -12.37 -0.58
CA TYR B 385 39.88 -12.84 0.61
C TYR B 385 38.97 -14.02 0.30
N PRO B 386 39.52 -15.25 0.28
CA PRO B 386 38.76 -16.45 -0.06
C PRO B 386 37.56 -16.72 0.88
N TYR B 387 36.47 -17.21 0.29
CA TYR B 387 35.26 -17.60 1.03
C TYR B 387 35.56 -18.51 2.22
N GLU B 388 34.90 -18.26 3.35
CA GLU B 388 34.90 -19.28 4.41
C GLU B 388 33.54 -19.41 5.07
N ARG B 389 32.97 -20.62 4.98
CA ARG B 389 31.64 -20.90 5.51
C ARG B 389 31.49 -20.38 6.94
N ALA B 390 30.36 -19.71 7.21
CA ALA B 390 30.01 -19.31 8.57
C ALA B 390 28.49 -19.37 8.77
N SER B 391 28.04 -20.11 9.79
CA SER B 391 26.62 -20.35 10.02
C SER B 391 26.07 -19.60 11.23
N LEU B 392 24.79 -19.22 11.17
CA LEU B 392 24.15 -18.65 12.34
C LEU B 392 23.92 -19.71 13.43
N PRO B 393 23.88 -19.27 14.69
CA PRO B 393 23.68 -20.22 15.80
C PRO B 393 22.24 -20.75 15.86
N VAL B 394 22.04 -21.90 16.51
CA VAL B 394 20.69 -22.31 16.91
C VAL B 394 20.54 -22.15 18.41
N ASN B 395 19.29 -22.13 18.87
CA ASN B 395 18.97 -21.86 20.26
C ASN B 395 18.11 -23.02 20.77
N ARG B 396 18.43 -23.54 21.96
CA ARG B 396 17.63 -24.62 22.56
C ARG B 396 17.18 -24.19 23.94
N LEU B 397 16.03 -24.70 24.38
CA LEU B 397 15.60 -24.45 25.76
C LEU B 397 16.39 -25.33 26.73
N GLU B 398 16.17 -25.13 28.02
CA GLU B 398 16.91 -25.89 29.03
C GLU B 398 16.68 -27.38 28.89
N ASP B 399 15.54 -27.77 28.32
CA ASP B 399 15.24 -29.18 28.18
C ASP B 399 15.72 -29.78 26.84
N GLY B 400 16.31 -28.94 26.00
CA GLY B 400 16.85 -29.39 24.73
C GLY B 400 15.97 -29.11 23.53
N THR B 401 14.82 -28.48 23.78
CA THR B 401 13.88 -28.14 22.70
C THR B 401 14.52 -27.16 21.74
N LEU B 402 14.51 -27.49 20.45
CA LEU B 402 15.04 -26.59 19.43
C LEU B 402 14.12 -25.37 19.36
N TRP B 403 14.60 -24.23 19.83
CA TRP B 403 13.80 -23.02 19.94
C TRP B 403 14.18 -22.02 18.83
N HIS B 404 13.73 -20.78 18.95
CA HIS B 404 14.10 -19.74 18.00
C HIS B 404 15.34 -19.01 18.47
N TRP B 405 16.28 -18.78 17.57
CA TRP B 405 17.46 -17.98 17.89
C TRP B 405 17.23 -16.52 17.54
N LEU C 3 -38.45 34.83 -2.13
CA LEU C 3 -37.80 35.92 -2.87
C LEU C 3 -36.56 35.49 -3.62
N LYS C 4 -36.31 36.13 -4.77
CA LYS C 4 -35.16 35.76 -5.58
C LYS C 4 -33.90 36.52 -5.22
N ILE C 5 -32.75 35.86 -5.42
CA ILE C 5 -31.45 36.49 -5.22
C ILE C 5 -31.21 37.48 -6.36
N ARG C 6 -30.90 38.71 -5.99
CA ARG C 6 -30.68 39.79 -6.94
C ARG C 6 -29.19 39.94 -7.19
N ASP C 7 -28.41 39.87 -6.12
CA ASP C 7 -26.98 40.03 -6.24
C ASP C 7 -26.23 39.21 -5.20
N ALA C 8 -25.01 38.81 -5.52
CA ALA C 8 -24.15 38.16 -4.57
C ALA C 8 -22.70 38.50 -4.88
N TYR C 9 -21.91 38.68 -3.82
CA TYR C 9 -20.51 39.07 -4.00
C TYR C 9 -19.69 38.81 -2.75
N THR C 10 -18.38 38.74 -2.94
CA THR C 10 -17.48 38.54 -1.82
C THR C 10 -16.82 39.83 -1.39
N ILE C 11 -16.47 39.87 -0.11
CA ILE C 11 -15.71 40.98 0.44
C ILE C 11 -14.45 40.39 1.06
N VAL C 12 -13.29 40.90 0.66
CA VAL C 12 -12.05 40.46 1.28
C VAL C 12 -11.47 41.61 2.09
N THR C 13 -11.10 41.34 3.33
CA THR C 13 -10.58 42.41 4.17
C THR C 13 -9.58 41.86 5.18
N CYS C 14 -8.77 42.73 5.78
CA CYS C 14 -7.73 42.28 6.70
C CYS C 14 -7.60 43.21 7.90
N PRO C 15 -8.62 43.21 8.78
CA PRO C 15 -8.56 44.04 10.00
C PRO C 15 -7.83 43.30 11.11
N GLY C 16 -6.53 43.07 10.95
CA GLY C 16 -5.77 42.29 11.92
C GLY C 16 -5.29 40.99 11.29
N ARG C 17 -6.14 40.43 10.44
CA ARG C 17 -5.82 39.26 9.65
C ARG C 17 -6.89 39.12 8.57
N ASN C 18 -6.72 38.15 7.67
CA ASN C 18 -7.62 38.01 6.52
C ASN C 18 -8.94 37.34 6.83
N PHE C 19 -10.02 37.96 6.32
CA PHE C 19 -11.35 37.37 6.29
C PHE C 19 -11.96 37.48 4.91
N VAL C 20 -12.64 36.43 4.48
CA VAL C 20 -13.41 36.48 3.25
C VAL C 20 -14.88 36.30 3.62
N THR C 21 -15.75 37.15 3.10
CA THR C 21 -17.17 37.07 3.40
C THR C 21 -18.00 37.02 2.13
N LEU C 22 -19.07 36.23 2.13
CA LEU C 22 -20.04 36.27 1.04
C LEU C 22 -21.30 37.01 1.50
N LYS C 23 -21.80 37.90 0.66
CA LYS C 23 -23.07 38.56 0.95
C LYS C 23 -24.08 38.27 -0.15
N ILE C 24 -25.29 37.85 0.24
CA ILE C 24 -26.35 37.61 -0.72
C ILE C 24 -27.47 38.63 -0.49
N VAL C 25 -27.97 39.20 -1.58
CA VAL C 25 -29.02 40.21 -1.49
C VAL C 25 -30.24 39.80 -2.32
N THR C 26 -31.42 39.76 -1.71
CA THR C 26 -32.62 39.38 -2.44
C THR C 26 -33.21 40.58 -3.17
N GLU C 27 -34.23 40.33 -3.98
CA GLU C 27 -34.88 41.37 -4.76
C GLU C 27 -35.55 42.46 -3.91
N SER C 28 -35.88 42.12 -2.68
CA SER C 28 -36.53 43.05 -1.78
C SER C 28 -35.50 43.91 -1.08
N GLY C 29 -34.23 43.56 -1.26
CA GLY C 29 -33.15 44.30 -0.62
C GLY C 29 -32.68 43.68 0.68
N THR C 30 -33.36 42.63 1.14
CA THR C 30 -32.91 41.93 2.35
C THR C 30 -31.62 41.21 2.04
N HIS C 31 -30.80 40.98 3.06
CA HIS C 31 -29.51 40.38 2.82
C HIS C 31 -29.04 39.50 3.99
N GLY C 32 -28.09 38.61 3.70
CA GLY C 32 -27.45 37.79 4.69
C GLY C 32 -25.99 37.61 4.32
N ILE C 33 -25.17 37.27 5.31
CA ILE C 33 -23.77 37.02 4.99
C ILE C 33 -23.31 35.68 5.54
N GLY C 34 -22.23 35.17 4.96
CA GLY C 34 -21.64 33.93 5.41
C GLY C 34 -20.12 34.00 5.40
N ASP C 35 -19.48 33.39 6.38
CA ASP C 35 -18.02 33.34 6.42
C ASP C 35 -17.47 32.40 5.36
N ALA C 36 -16.39 32.82 4.71
CA ALA C 36 -15.75 32.03 3.66
C ALA C 36 -14.24 31.97 3.86
N THR C 37 -13.81 32.21 5.09
CA THR C 37 -12.38 32.35 5.36
C THR C 37 -11.68 31.01 5.51
N LEU C 38 -10.62 30.81 4.74
CA LEU C 38 -9.83 29.59 4.83
C LEU C 38 -8.37 29.99 5.03
N ASN C 39 -7.89 29.87 6.25
CA ASN C 39 -6.59 30.44 6.64
C ASN C 39 -5.45 29.97 5.74
N GLY C 40 -4.74 30.90 5.12
CA GLY C 40 -3.57 30.59 4.32
C GLY C 40 -3.86 30.16 2.87
N ARG C 41 -5.13 29.98 2.56
CA ARG C 41 -5.55 29.66 1.18
C ARG C 41 -6.74 30.54 0.80
N GLU C 42 -6.84 31.71 1.43
CA GLU C 42 -8.04 32.57 1.32
C GLU C 42 -8.52 32.84 -0.10
N MET C 43 -7.60 33.09 -1.01
CA MET C 43 -7.97 33.57 -2.34
C MET C 43 -8.49 32.45 -3.24
N ALA C 44 -8.15 31.20 -2.91
CA ALA C 44 -8.74 30.06 -3.58
C ALA C 44 -10.26 30.08 -3.41
N VAL C 45 -10.72 30.33 -2.18
CA VAL C 45 -12.16 30.32 -1.90
C VAL C 45 -12.83 31.51 -2.54
N ALA C 46 -12.19 32.67 -2.41
CA ALA C 46 -12.70 33.89 -3.02
C ALA C 46 -12.90 33.71 -4.52
N ALA C 47 -11.94 33.07 -5.19
CA ALA C 47 -12.06 32.78 -6.62
C ALA C 47 -13.13 31.72 -6.94
N TYR C 48 -13.18 30.68 -6.12
CA TYR C 48 -14.25 29.68 -6.23
C TYR C 48 -15.60 30.42 -6.21
N LEU C 49 -15.79 31.27 -5.21
CA LEU C 49 -17.03 32.00 -5.07
C LEU C 49 -17.28 32.95 -6.24
N ASP C 50 -16.36 33.89 -6.46
CA ASP C 50 -16.52 34.94 -7.48
C ASP C 50 -16.73 34.37 -8.88
N GLU C 51 -15.93 33.39 -9.27
CA GLU C 51 -15.94 32.93 -10.65
C GLU C 51 -16.93 31.82 -10.96
N HIS C 52 -17.26 31.01 -9.97
CA HIS C 52 -17.97 29.77 -10.25
C HIS C 52 -19.30 29.61 -9.52
N VAL C 53 -19.39 30.15 -8.31
CA VAL C 53 -20.63 30.03 -7.55
C VAL C 53 -21.53 31.28 -7.72
N VAL C 54 -20.99 32.45 -7.39
CA VAL C 54 -21.77 33.69 -7.49
C VAL C 54 -22.65 33.80 -8.76
N PRO C 55 -22.06 33.61 -9.94
CA PRO C 55 -22.89 33.73 -11.16
C PRO C 55 -24.12 32.80 -11.17
N ALA C 56 -24.00 31.62 -10.58
CA ALA C 56 -25.11 30.66 -10.57
C ALA C 56 -26.15 30.96 -9.49
N LEU C 57 -25.80 31.82 -8.54
CA LEU C 57 -26.72 32.19 -7.48
C LEU C 57 -27.77 33.18 -7.97
N ILE C 58 -27.36 34.07 -8.87
CA ILE C 58 -28.24 35.14 -9.31
C ILE C 58 -29.56 34.56 -9.82
N GLY C 59 -30.67 35.04 -9.28
CA GLY C 59 -31.99 34.64 -9.77
C GLY C 59 -32.55 33.38 -9.15
N ARG C 60 -31.79 32.74 -8.27
CA ARG C 60 -32.28 31.58 -7.54
C ARG C 60 -33.18 32.03 -6.39
N ASP C 61 -34.06 31.14 -5.98
CA ASP C 61 -34.97 31.36 -4.87
C ASP C 61 -34.17 31.28 -3.56
N ALA C 62 -34.05 32.38 -2.84
CA ALA C 62 -33.21 32.40 -1.65
C ALA C 62 -33.70 31.44 -0.56
N GLY C 63 -34.98 31.10 -0.61
CA GLY C 63 -35.57 30.24 0.40
C GLY C 63 -35.23 28.77 0.29
N ARG C 64 -34.73 28.35 -0.87
N ARG C 64 -34.72 28.35 -0.86
CA ARG C 64 -34.40 26.96 -1.13
CA ARG C 64 -34.42 26.94 -1.10
C ARG C 64 -32.99 26.62 -0.65
C ARG C 64 -33.00 26.60 -0.65
N ILE C 65 -32.80 26.63 0.66
CA ILE C 65 -31.49 26.40 1.23
C ILE C 65 -30.98 25.02 0.89
N GLU C 66 -31.82 24.02 1.13
CA GLU C 66 -31.47 22.63 0.86
C GLU C 66 -31.12 22.35 -0.61
N ASP C 67 -31.96 22.83 -1.51
CA ASP C 67 -31.74 22.62 -2.94
C ASP C 67 -30.45 23.31 -3.36
N THR C 68 -30.21 24.51 -2.84
CA THR C 68 -29.00 25.23 -3.18
C THR C 68 -27.78 24.47 -2.67
N TRP C 69 -27.88 23.90 -1.47
CA TRP C 69 -26.76 23.15 -0.90
C TRP C 69 -26.44 21.93 -1.77
N GLN C 70 -27.46 21.14 -2.10
CA GLN C 70 -27.25 19.97 -2.95
C GLN C 70 -26.75 20.37 -4.32
N TYR C 71 -27.30 21.45 -4.84
CA TYR C 71 -26.95 21.97 -6.16
C TYR C 71 -25.46 22.32 -6.30
N LEU C 72 -24.89 22.93 -5.25
CA LEU C 72 -23.48 23.29 -5.26
C LEU C 72 -22.58 22.10 -4.88
N TYR C 73 -23.03 21.27 -3.95
CA TYR C 73 -22.26 20.13 -3.49
C TYR C 73 -22.17 19.05 -4.57
N ARG C 74 -23.32 18.61 -5.06
CA ARG C 74 -23.36 17.62 -6.12
C ARG C 74 -22.97 18.22 -7.46
N GLY C 75 -23.43 19.43 -7.72
CA GLY C 75 -23.23 20.05 -9.03
C GLY C 75 -21.79 20.44 -9.35
N ALA C 76 -20.98 20.67 -8.32
CA ALA C 76 -19.56 20.93 -8.53
C ALA C 76 -18.88 19.77 -9.23
N TYR C 77 -19.49 18.60 -9.16
CA TYR C 77 -18.97 17.33 -9.70
C TYR C 77 -17.76 16.79 -8.93
N TRP C 78 -16.79 17.65 -8.65
CA TRP C 78 -15.68 17.29 -7.77
C TRP C 78 -16.12 17.62 -6.36
N ARG C 79 -16.34 16.59 -5.55
CA ARG C 79 -17.00 16.80 -4.27
C ARG C 79 -16.03 16.91 -3.09
N ARG C 80 -16.45 17.64 -2.07
CA ARG C 80 -15.71 17.79 -0.80
C ARG C 80 -14.46 18.65 -0.99
N GLY C 81 -13.71 18.84 0.09
CA GLY C 81 -12.48 19.60 0.01
C GLY C 81 -12.62 20.89 0.77
N PRO C 82 -11.49 21.39 1.31
CA PRO C 82 -11.60 22.61 2.13
C PRO C 82 -12.06 23.81 1.32
N VAL C 83 -11.54 23.98 0.11
CA VAL C 83 -11.94 25.12 -0.71
C VAL C 83 -13.42 25.01 -1.08
N THR C 84 -13.78 23.84 -1.60
CA THR C 84 -15.15 23.53 -2.00
C THR C 84 -16.17 23.73 -0.88
N MET C 85 -15.94 23.10 0.27
CA MET C 85 -16.93 23.13 1.36
C MET C 85 -17.01 24.49 2.07
N THR C 86 -15.90 25.22 2.11
CA THR C 86 -15.93 26.59 2.66
C THR C 86 -16.77 27.50 1.77
N ALA C 87 -16.63 27.36 0.46
CA ALA C 87 -17.49 28.11 -0.46
C ALA C 87 -18.94 27.74 -0.23
N ILE C 88 -19.23 26.45 -0.17
CA ILE C 88 -20.60 26.00 0.06
C ILE C 88 -21.15 26.50 1.41
N ALA C 89 -20.31 26.46 2.44
CA ALA C 89 -20.70 26.91 3.78
C ALA C 89 -21.08 28.38 3.81
N ALA C 90 -20.34 29.20 3.05
CA ALA C 90 -20.55 30.63 3.04
C ALA C 90 -21.90 30.96 2.40
N VAL C 91 -22.29 30.23 1.35
CA VAL C 91 -23.61 30.40 0.76
C VAL C 91 -24.68 29.99 1.76
N ASP C 92 -24.50 28.81 2.34
CA ASP C 92 -25.44 28.25 3.28
C ASP C 92 -25.71 29.17 4.48
N MET C 93 -24.64 29.68 5.08
CA MET C 93 -24.75 30.57 6.22
C MET C 93 -25.51 31.85 5.85
N ALA C 94 -25.19 32.40 4.67
CA ALA C 94 -25.88 33.58 4.15
C ALA C 94 -27.38 33.34 3.97
N LEU C 95 -27.74 32.15 3.49
CA LEU C 95 -29.17 31.82 3.26
C LEU C 95 -29.94 31.57 4.56
N TRP C 96 -29.31 30.90 5.52
CA TRP C 96 -29.95 30.75 6.82
C TRP C 96 -30.17 32.11 7.48
N ASP C 97 -29.20 33.00 7.32
CA ASP C 97 -29.29 34.36 7.85
C ASP C 97 -30.55 35.02 7.29
N ILE C 98 -30.68 34.96 5.97
CA ILE C 98 -31.83 35.51 5.28
C ILE C 98 -33.13 34.84 5.77
N LYS C 99 -33.12 33.51 5.86
CA LYS C 99 -34.33 32.79 6.30
C LYS C 99 -34.76 33.21 7.70
N ALA C 100 -33.80 33.31 8.61
CA ALA C 100 -34.10 33.69 10.00
C ALA C 100 -34.65 35.12 10.03
N LYS C 101 -34.03 36.00 9.25
CA LYS C 101 -34.51 37.38 9.11
C LYS C 101 -35.95 37.41 8.61
N ALA C 102 -36.23 36.65 7.54
CA ALA C 102 -37.55 36.65 6.94
C ALA C 102 -38.59 36.11 7.93
N ALA C 103 -38.16 35.18 8.80
CA ALA C 103 -39.03 34.63 9.84
C ALA C 103 -39.15 35.54 11.09
N GLY C 104 -38.39 36.62 11.13
CA GLY C 104 -38.37 37.50 12.29
C GLY C 104 -37.85 36.84 13.55
N MET C 105 -36.91 35.91 13.40
CA MET C 105 -36.39 35.14 14.53
C MET C 105 -34.87 35.15 14.58
N PRO C 106 -34.28 35.13 15.80
CA PRO C 106 -32.86 34.81 15.86
C PRO C 106 -32.65 33.36 15.41
N LEU C 107 -31.50 33.07 14.82
CA LEU C 107 -31.27 31.74 14.23
C LEU C 107 -31.58 30.56 15.16
N TYR C 108 -31.23 30.64 16.44
CA TYR C 108 -31.40 29.50 17.35
C TYR C 108 -32.88 29.11 17.48
N GLN C 109 -33.77 30.08 17.33
CA GLN C 109 -35.19 29.80 17.36
C GLN C 109 -35.63 29.00 16.14
N LEU C 110 -35.10 29.36 14.99
CA LEU C 110 -35.47 28.72 13.73
C LEU C 110 -34.96 27.29 13.71
N LEU C 111 -33.85 27.04 14.41
CA LEU C 111 -33.25 25.71 14.49
C LEU C 111 -33.99 24.73 15.42
N GLY C 112 -34.93 25.23 16.23
CA GLY C 112 -35.64 24.38 17.18
C GLY C 112 -35.64 24.89 18.62
N GLY C 113 -35.10 26.08 18.83
CA GLY C 113 -35.23 26.77 20.10
C GLY C 113 -34.07 26.47 21.00
N LYS C 114 -33.97 27.15 22.13
CA LYS C 114 -32.82 26.94 22.99
C LYS C 114 -32.87 25.62 23.76
N SER C 115 -31.71 24.99 23.85
CA SER C 115 -31.50 23.83 24.69
C SER C 115 -30.72 24.21 25.94
N ARG C 116 -30.17 25.43 25.96
CA ARG C 116 -29.39 25.89 27.10
C ARG C 116 -29.46 27.42 27.22
N GLU C 117 -29.25 27.92 28.43
CA GLU C 117 -29.36 29.35 28.70
C GLU C 117 -28.09 30.12 28.35
N ARG C 118 -26.97 29.40 28.22
CA ARG C 118 -25.71 30.03 27.87
C ARG C 118 -24.72 28.98 27.35
N VAL C 119 -23.65 29.47 26.72
CA VAL C 119 -22.74 28.61 25.99
C VAL C 119 -21.31 28.63 26.56
N MET C 120 -20.90 27.53 27.18
CA MET C 120 -19.58 27.48 27.79
C MET C 120 -18.47 27.52 26.75
N THR C 121 -17.40 28.24 27.06
CA THR C 121 -16.25 28.40 26.16
C THR C 121 -14.94 27.97 26.80
N TYR C 122 -13.88 27.92 26.00
CA TYR C 122 -12.54 27.79 26.56
C TYR C 122 -11.59 28.81 25.96
N ALA C 123 -10.56 29.18 26.71
CA ALA C 123 -9.59 30.16 26.25
C ALA C 123 -8.27 29.47 26.01
N HIS C 124 -7.46 30.05 25.11
CA HIS C 124 -6.09 29.58 24.92
C HIS C 124 -5.19 30.18 25.98
N CYS C 125 -4.32 29.34 26.55
CA CYS C 125 -3.35 29.77 27.54
C CYS C 125 -2.01 29.19 27.12
N THR C 126 -1.12 30.06 26.64
CA THR C 126 0.14 29.63 26.05
C THR C 126 1.30 30.32 26.72
N GLY C 127 2.39 29.58 26.91
CA GLY C 127 3.55 30.09 27.61
C GLY C 127 4.78 29.33 27.18
N GLN C 128 5.94 29.98 27.29
CA GLN C 128 7.17 29.31 26.87
C GLN C 128 7.52 28.23 27.87
N THR C 129 7.55 28.59 29.15
CA THR C 129 7.77 27.61 30.20
C THR C 129 6.43 27.18 30.79
N ILE C 130 6.43 26.07 31.52
CA ILE C 130 5.25 25.65 32.26
C ILE C 130 4.77 26.80 33.14
N GLU C 131 5.72 27.46 33.81
CA GLU C 131 5.37 28.60 34.65
C GLU C 131 4.65 29.72 33.89
N ASP C 132 5.16 30.11 32.72
CA ASP C 132 4.50 31.14 31.91
C ASP C 132 3.06 30.76 31.60
N CYS C 133 2.85 29.50 31.24
CA CYS C 133 1.50 29.01 30.94
C CYS C 133 0.60 29.13 32.17
N LEU C 134 1.11 28.68 33.32
CA LEU C 134 0.35 28.82 34.56
C LEU C 134 -0.12 30.27 34.79
N GLY C 135 0.70 31.23 34.40
CA GLY C 135 0.35 32.63 34.50
C GLY C 135 -0.85 32.99 33.66
N GLU C 136 -0.88 32.47 32.42
CA GLU C 136 -2.02 32.71 31.53
C GLU C 136 -3.31 32.05 32.03
N VAL C 137 -3.21 30.83 32.53
CA VAL C 137 -4.38 30.19 33.12
C VAL C 137 -5.02 31.11 34.17
N ALA C 138 -4.17 31.64 35.07
CA ALA C 138 -4.65 32.48 36.16
C ALA C 138 -5.43 33.68 35.66
N ARG C 139 -4.88 34.39 34.69
CA ARG C 139 -5.55 35.59 34.19
C ARG C 139 -6.80 35.26 33.38
N HIS C 140 -6.82 34.12 32.72
CA HIS C 140 -8.06 33.72 32.02
C HIS C 140 -9.12 33.24 33.01
N VAL C 141 -8.70 32.56 34.07
CA VAL C 141 -9.60 32.23 35.16
C VAL C 141 -10.21 33.50 35.77
N GLU C 142 -9.41 34.55 35.86
CA GLU C 142 -9.86 35.83 36.41
C GLU C 142 -10.90 36.48 35.49
N LEU C 143 -10.85 36.14 34.20
CA LEU C 143 -11.81 36.68 33.24
C LEU C 143 -13.12 35.88 33.24
N GLY C 144 -13.14 34.77 33.97
CA GLY C 144 -14.35 33.97 34.10
C GLY C 144 -14.37 32.63 33.34
N TYR C 145 -13.35 32.37 32.53
CA TYR C 145 -13.27 31.10 31.80
C TYR C 145 -13.29 29.89 32.77
N ARG C 146 -14.17 28.92 32.50
CA ARG C 146 -14.29 27.70 33.32
C ARG C 146 -13.45 26.58 32.74
N ALA C 147 -12.84 26.86 31.60
CA ALA C 147 -12.13 25.84 30.82
C ALA C 147 -11.00 26.52 30.10
N VAL C 148 -9.84 25.86 30.07
CA VAL C 148 -8.67 26.44 29.43
C VAL C 148 -7.92 25.39 28.63
N ARG C 149 -7.39 25.81 27.51
CA ARG C 149 -6.57 24.97 26.65
C ARG C 149 -5.13 25.37 26.90
N VAL C 150 -4.32 24.44 27.40
CA VAL C 150 -2.98 24.77 27.86
C VAL C 150 -1.87 24.27 26.94
N GLN C 151 -0.89 25.14 26.73
CA GLN C 151 0.23 24.84 25.84
C GLN C 151 1.52 25.46 26.41
N SER C 152 2.61 24.69 26.40
CA SER C 152 3.91 25.24 26.76
C SER C 152 4.97 24.88 25.74
N GLY C 153 6.11 25.56 25.79
CA GLY C 153 7.24 25.23 24.96
C GLY C 153 7.84 23.90 25.37
N VAL C 154 8.69 23.33 24.53
CA VAL C 154 9.35 22.07 24.85
C VAL C 154 10.85 22.35 24.98
N PRO C 155 11.41 22.14 26.19
CA PRO C 155 12.82 22.42 26.45
C PRO C 155 13.71 21.62 25.52
N GLY C 156 14.74 22.26 24.95
CA GLY C 156 15.60 21.61 23.99
C GLY C 156 15.03 21.68 22.58
N ILE C 157 14.05 22.57 22.39
CA ILE C 157 13.42 22.74 21.07
C ILE C 157 12.89 24.17 20.85
N SER C 177 5.10 36.23 5.75
CA SER C 177 4.22 36.06 4.59
C SER C 177 4.27 34.67 3.96
N LEU C 178 5.44 34.05 4.00
CA LEU C 178 5.61 32.65 3.59
C LEU C 178 5.56 31.81 4.86
N PRO C 179 5.38 30.49 4.72
CA PRO C 179 5.31 29.67 5.94
C PRO C 179 6.57 29.78 6.78
N ALA C 180 6.41 30.09 8.07
CA ALA C 180 7.51 29.98 9.02
C ALA C 180 7.87 28.50 9.13
N GLU C 181 9.10 28.19 9.51
CA GLU C 181 9.49 26.80 9.66
C GLU C 181 9.85 26.47 11.11
N HIS C 182 9.09 25.56 11.72
CA HIS C 182 9.34 25.20 13.10
C HIS C 182 10.07 23.87 13.15
N VAL C 183 10.81 23.64 14.23
CA VAL C 183 11.45 22.35 14.46
C VAL C 183 10.74 21.64 15.60
N TRP C 184 10.66 20.32 15.49
CA TRP C 184 9.84 19.50 16.39
C TRP C 184 10.55 18.23 16.82
N SER C 185 10.36 17.87 18.09
CA SER C 185 10.83 16.60 18.63
C SER C 185 9.69 15.93 19.37
N THR C 186 9.18 14.83 18.84
CA THR C 186 8.12 14.09 19.53
C THR C 186 8.58 13.59 20.89
N GLU C 187 9.75 12.96 20.95
CA GLU C 187 10.24 12.35 22.17
C GLU C 187 10.39 13.33 23.34
N LYS C 188 10.92 14.52 23.06
CA LYS C 188 11.08 15.50 24.13
C LYS C 188 9.71 15.99 24.58
N TYR C 189 8.81 16.18 23.61
CA TYR C 189 7.44 16.61 23.93
C TYR C 189 6.68 15.61 24.77
N LEU C 190 6.78 14.33 24.42
CA LEU C 190 6.06 13.33 25.18
C LEU C 190 6.57 13.28 26.62
N ASN C 191 7.86 13.57 26.81
CA ASN C 191 8.42 13.55 28.15
C ASN C 191 8.01 14.77 28.96
N HIS C 192 7.73 15.86 28.27
CA HIS C 192 7.48 17.13 28.94
C HIS C 192 5.99 17.40 29.22
N ALA C 193 5.12 17.12 28.25
CA ALA C 193 3.71 17.48 28.37
C ALA C 193 2.98 17.08 29.68
N PRO C 194 3.19 15.84 30.15
CA PRO C 194 2.46 15.45 31.37
C PRO C 194 2.84 16.33 32.56
N LYS C 195 4.06 16.85 32.58
CA LYS C 195 4.49 17.77 33.64
C LYS C 195 3.67 19.05 33.65
N LEU C 196 3.23 19.52 32.48
CA LEU C 196 2.40 20.72 32.41
C LEU C 196 1.02 20.53 33.08
N PHE C 197 0.35 19.42 32.79
CA PHE C 197 -0.96 19.16 33.36
C PHE C 197 -0.91 18.94 34.88
N ALA C 198 0.13 18.26 35.34
CA ALA C 198 0.34 18.09 36.78
C ALA C 198 0.46 19.45 37.45
N ALA C 199 1.20 20.36 36.83
CA ALA C 199 1.37 21.70 37.36
C ALA C 199 0.04 22.47 37.35
N VAL C 200 -0.76 22.29 36.30
CA VAL C 200 -2.08 22.91 36.22
C VAL C 200 -3.01 22.44 37.34
N ARG C 201 -3.10 21.13 37.54
CA ARG C 201 -3.92 20.57 38.62
C ARG C 201 -3.41 21.03 40.00
N GLU C 202 -2.09 21.05 40.18
CA GLU C 202 -1.51 21.41 41.46
C GLU C 202 -1.85 22.84 41.85
N ARG C 203 -1.84 23.75 40.89
CA ARG C 203 -2.10 25.16 41.21
C ARG C 203 -3.58 25.53 41.21
N PHE C 204 -4.35 24.89 40.34
CA PHE C 204 -5.71 25.34 40.08
C PHE C 204 -6.81 24.36 40.51
N GLY C 205 -6.41 23.17 40.94
CA GLY C 205 -7.37 22.21 41.47
C GLY C 205 -8.15 21.48 40.39
N ASP C 206 -9.17 20.75 40.82
CA ASP C 206 -9.84 19.77 39.97
C ASP C 206 -11.05 20.27 39.21
N ASP C 207 -11.65 21.38 39.63
CA ASP C 207 -12.90 21.83 39.00
C ASP C 207 -12.71 22.48 37.64
N LEU C 208 -11.57 23.11 37.42
CA LEU C 208 -11.26 23.70 36.11
C LEU C 208 -11.23 22.64 35.00
N HIS C 209 -11.87 22.92 33.87
CA HIS C 209 -11.77 22.02 32.70
C HIS C 209 -10.46 22.32 31.98
N VAL C 210 -9.65 21.30 31.76
CA VAL C 210 -8.34 21.51 31.16
C VAL C 210 -8.23 20.74 29.84
N LEU C 211 -7.94 21.47 28.77
CA LEU C 211 -7.87 20.94 27.41
C LEU C 211 -6.46 21.01 26.88
N HIS C 212 -6.08 20.07 26.02
CA HIS C 212 -4.78 20.13 25.38
C HIS C 212 -4.85 19.75 23.89
N ASP C 213 -4.11 20.50 23.06
CA ASP C 213 -4.10 20.30 21.62
C ASP C 213 -2.74 19.71 21.21
N VAL C 214 -2.74 18.43 20.82
CA VAL C 214 -1.54 17.75 20.36
C VAL C 214 -1.14 18.26 18.98
N HIS C 215 -2.13 18.68 18.21
CA HIS C 215 -1.89 19.36 16.94
C HIS C 215 -1.16 18.53 15.86
N HIS C 216 -1.59 17.27 15.72
CA HIS C 216 -1.26 16.41 14.58
C HIS C 216 0.09 15.71 14.61
N ARG C 217 0.83 15.86 15.70
CA ARG C 217 2.27 15.52 15.68
C ARG C 217 2.67 14.08 16.01
N LEU C 218 1.76 13.31 16.60
CA LEU C 218 2.07 11.97 17.10
C LEU C 218 1.63 10.86 16.15
N THR C 219 2.25 9.70 16.27
CA THR C 219 1.70 8.47 15.72
C THR C 219 0.69 7.93 16.73
N PRO C 220 -0.20 7.03 16.29
CA PRO C 220 -1.22 6.46 17.19
C PRO C 220 -0.69 5.87 18.49
N ILE C 221 0.34 5.03 18.46
CA ILE C 221 0.82 4.40 19.69
C ILE C 221 1.44 5.43 20.63
N GLU C 222 2.04 6.47 20.08
CA GLU C 222 2.56 7.60 20.84
C GLU C 222 1.42 8.36 21.49
N ALA C 223 0.32 8.51 20.76
CA ALA C 223 -0.86 9.18 21.28
C ALA C 223 -1.52 8.35 22.39
N ALA C 224 -1.50 7.03 22.19
CA ALA C 224 -1.97 6.07 23.19
C ALA C 224 -1.16 6.26 24.49
N ARG C 225 0.16 6.38 24.32
CA ARG C 225 1.06 6.56 25.45
C ARG C 225 0.77 7.88 26.18
N LEU C 226 0.68 8.98 25.45
CA LEU C 226 0.34 10.26 26.05
C LEU C 226 -1.00 10.24 26.77
N GLY C 227 -2.03 9.68 26.12
CA GLY C 227 -3.35 9.62 26.74
C GLY C 227 -3.33 8.92 28.09
N LYS C 228 -2.64 7.79 28.14
CA LYS C 228 -2.48 7.02 29.37
C LYS C 228 -1.72 7.82 30.42
N ALA C 229 -0.67 8.52 29.99
CA ALA C 229 0.15 9.29 30.90
C ALA C 229 -0.62 10.48 31.50
N VAL C 230 -1.64 10.96 30.79
CA VAL C 230 -2.38 12.12 31.27
C VAL C 230 -3.72 11.78 31.93
N GLU C 231 -4.02 10.49 32.03
CA GLU C 231 -5.25 10.07 32.71
C GLU C 231 -5.45 10.67 34.10
N PRO C 232 -4.38 10.71 34.93
CA PRO C 232 -4.54 11.25 36.29
C PRO C 232 -4.97 12.73 36.33
N TYR C 233 -4.69 13.49 35.28
CA TYR C 233 -5.04 14.90 35.28
C TYR C 233 -6.43 15.18 34.70
N HIS C 234 -7.08 14.13 34.20
CA HIS C 234 -8.47 14.21 33.73
C HIS C 234 -8.75 15.36 32.77
N LEU C 235 -8.11 15.32 31.61
CA LEU C 235 -8.32 16.37 30.63
C LEU C 235 -9.75 16.32 30.10
N PHE C 236 -10.32 17.49 29.87
CA PHE C 236 -11.60 17.64 29.19
C PHE C 236 -11.49 16.99 27.81
N TRP C 237 -10.36 17.23 27.14
CA TRP C 237 -10.03 16.50 25.92
C TRP C 237 -8.56 16.58 25.51
N LEU C 238 -8.13 15.58 24.74
CA LEU C 238 -6.87 15.59 24.04
C LEU C 238 -7.24 15.68 22.57
N GLU C 239 -6.76 16.72 21.90
CA GLU C 239 -7.26 17.08 20.59
C GLU C 239 -6.26 16.80 19.49
N ASP C 240 -6.77 16.32 18.35
CA ASP C 240 -5.97 16.18 17.14
C ASP C 240 -4.66 15.41 17.40
N CYS C 241 -4.79 14.28 18.07
CA CYS C 241 -3.64 13.44 18.39
C CYS C 241 -2.80 13.08 17.19
N VAL C 242 -3.46 12.70 16.09
CA VAL C 242 -2.78 12.16 14.92
C VAL C 242 -3.51 12.66 13.67
N PRO C 243 -2.79 12.78 12.54
CA PRO C 243 -3.44 13.08 11.27
C PRO C 243 -4.44 11.98 10.96
N ALA C 244 -5.64 12.35 10.52
CA ALA C 244 -6.73 11.37 10.52
C ALA C 244 -7.45 11.22 9.19
N GLU C 245 -6.76 11.47 8.08
CA GLU C 245 -7.29 11.17 6.75
C GLU C 245 -7.67 9.69 6.71
N ASN C 246 -6.82 8.87 7.29
CA ASN C 246 -7.13 7.47 7.56
C ASN C 246 -7.77 7.37 8.94
N GLN C 247 -9.08 7.20 8.98
CA GLN C 247 -9.81 7.31 10.24
C GLN C 247 -9.48 6.20 11.24
N GLU C 248 -8.98 5.08 10.74
CA GLU C 248 -8.55 4.00 11.62
C GLU C 248 -7.35 4.42 12.49
N SER C 249 -6.73 5.53 12.14
CA SER C 249 -5.61 6.04 12.93
C SER C 249 -5.98 6.22 14.40
N LEU C 250 -7.27 6.42 14.68
CA LEU C 250 -7.73 6.69 16.05
C LEU C 250 -7.88 5.43 16.90
N ARG C 251 -8.02 4.28 16.25
N ARG C 251 -8.04 4.27 16.24
CA ARG C 251 -8.37 3.05 16.96
CA ARG C 251 -8.34 3.02 16.94
C ARG C 251 -7.41 2.65 18.09
C ARG C 251 -7.40 2.73 18.11
N LEU C 252 -6.10 2.65 17.82
CA LEU C 252 -5.13 2.28 18.84
C LEU C 252 -5.17 3.22 20.04
N ILE C 253 -5.49 4.49 19.80
CA ILE C 253 -5.54 5.44 20.90
C ILE C 253 -6.69 5.08 21.80
N ARG C 254 -7.84 4.84 21.18
CA ARG C 254 -9.10 4.61 21.88
C ARG C 254 -9.02 3.35 22.71
N GLU C 255 -8.39 2.33 22.14
CA GLU C 255 -8.24 1.08 22.82
C GLU C 255 -7.26 1.13 24.02
N HIS C 256 -6.40 2.15 24.09
CA HIS C 256 -5.42 2.17 25.18
C HIS C 256 -5.62 3.24 26.27
N THR C 257 -6.54 4.18 26.09
CA THR C 257 -6.68 5.22 27.11
C THR C 257 -8.12 5.67 27.27
N THR C 258 -8.46 6.10 28.48
CA THR C 258 -9.78 6.65 28.76
C THR C 258 -9.78 8.18 28.80
N THR C 259 -8.68 8.79 28.36
CA THR C 259 -8.64 10.22 28.21
C THR C 259 -9.54 10.58 27.03
N PRO C 260 -10.44 11.54 27.22
CA PRO C 260 -11.37 11.87 26.14
C PRO C 260 -10.66 12.46 24.92
N LEU C 261 -11.15 12.15 23.72
CA LEU C 261 -10.48 12.56 22.49
C LEU C 261 -11.33 13.50 21.63
N ALA C 262 -10.68 14.47 21.01
CA ALA C 262 -11.35 15.42 20.14
C ALA C 262 -10.64 15.44 18.81
N ILE C 263 -11.39 15.64 17.73
CA ILE C 263 -10.81 15.74 16.41
C ILE C 263 -11.71 16.50 15.44
N GLY C 264 -11.13 17.11 14.42
CA GLY C 264 -11.90 17.49 13.25
C GLY C 264 -11.84 18.90 12.69
N GLU C 265 -11.06 19.79 13.30
CA GLU C 265 -10.99 21.16 12.78
C GLU C 265 -10.47 21.20 11.34
N VAL C 266 -9.71 20.18 10.94
CA VAL C 266 -9.22 20.15 9.57
C VAL C 266 -10.15 19.41 8.59
N PHE C 267 -11.30 18.95 9.08
CA PHE C 267 -12.26 18.19 8.28
C PHE C 267 -13.23 19.13 7.60
N ASN C 268 -13.87 18.67 6.52
CA ASN C 268 -14.85 19.52 5.82
C ASN C 268 -16.10 18.75 5.44
N SER C 269 -16.12 17.45 5.75
CA SER C 269 -17.23 16.61 5.32
C SER C 269 -17.60 15.56 6.35
N ILE C 270 -18.89 15.23 6.43
CA ILE C 270 -19.33 14.15 7.29
C ILE C 270 -18.59 12.85 6.94
N HIS C 271 -18.16 12.73 5.70
CA HIS C 271 -17.43 11.54 5.28
C HIS C 271 -15.99 11.53 5.77
N ASP C 272 -15.56 12.63 6.39
CA ASP C 272 -14.25 12.67 7.04
C ASP C 272 -14.30 12.06 8.42
N CYS C 273 -15.50 11.85 8.95
CA CYS C 273 -15.60 11.47 10.35
C CYS C 273 -16.69 10.46 10.65
N ARG C 274 -17.41 10.01 9.62
CA ARG C 274 -18.52 9.10 9.85
C ARG C 274 -18.08 7.86 10.63
N GLU C 275 -16.95 7.27 10.24
CA GLU C 275 -16.47 6.06 10.92
C GLU C 275 -15.88 6.34 12.32
N LEU C 276 -15.19 7.45 12.48
CA LEU C 276 -14.68 7.87 13.80
C LEU C 276 -15.84 7.94 14.80
N ILE C 277 -16.98 8.47 14.34
CA ILE C 277 -18.16 8.58 15.18
C ILE C 277 -18.86 7.22 15.44
N GLN C 278 -19.13 6.45 14.38
CA GLN C 278 -19.89 5.23 14.53
C GLN C 278 -19.10 4.17 15.29
N ASN C 279 -17.78 4.21 15.20
CA ASN C 279 -16.96 3.25 15.95
C ASN C 279 -16.61 3.77 17.34
N GLN C 280 -17.18 4.90 17.71
CA GLN C 280 -16.91 5.51 19.01
C GLN C 280 -15.41 5.71 19.32
N TRP C 281 -14.70 6.32 18.38
CA TRP C 281 -13.28 6.56 18.58
C TRP C 281 -12.99 7.96 19.11
N ILE C 282 -14.02 8.81 19.19
CA ILE C 282 -13.86 10.19 19.66
C ILE C 282 -15.02 10.60 20.54
N ASP C 283 -14.80 11.67 21.31
CA ASP C 283 -15.81 12.15 22.25
C ASP C 283 -16.35 13.51 21.84
N TYR C 284 -15.54 14.26 21.07
CA TYR C 284 -15.95 15.56 20.56
C TYR C 284 -15.57 15.69 19.08
N ILE C 285 -16.48 16.25 18.28
CA ILE C 285 -16.21 16.55 16.89
C ILE C 285 -16.00 18.07 16.73
N ARG C 286 -14.91 18.47 16.10
CA ARG C 286 -14.47 19.88 16.07
C ARG C 286 -14.75 20.69 14.81
N MET C 287 -15.20 20.05 13.75
CA MET C 287 -15.39 20.71 12.47
C MET C 287 -16.37 21.87 12.66
N PRO C 288 -16.00 23.09 12.20
CA PRO C 288 -16.89 24.23 12.46
C PRO C 288 -17.77 24.57 11.27
N LEU C 289 -18.70 25.51 11.47
CA LEU C 289 -19.64 25.88 10.42
C LEU C 289 -18.99 26.27 9.10
N THR C 290 -18.00 27.16 9.14
CA THR C 290 -17.49 27.74 7.89
C THR C 290 -16.67 26.76 7.05
N HIS C 291 -16.04 25.77 7.68
CA HIS C 291 -15.28 24.78 6.93
C HIS C 291 -16.06 23.49 6.66
N GLY C 292 -17.15 23.30 7.41
CA GLY C 292 -17.89 22.06 7.38
C GLY C 292 -19.19 22.13 6.60
N GLY C 293 -19.24 23.02 5.60
CA GLY C 293 -20.41 23.10 4.74
C GLY C 293 -21.60 23.82 5.36
N GLY C 294 -21.37 24.50 6.46
CA GLY C 294 -22.40 25.35 7.05
C GLY C 294 -23.42 24.67 7.93
N ILE C 295 -24.49 25.41 8.21
CA ILE C 295 -25.55 24.95 9.10
C ILE C 295 -26.19 23.67 8.58
N THR C 296 -26.49 23.66 7.29
CA THR C 296 -27.18 22.54 6.69
C THR C 296 -26.41 21.24 6.95
N ALA C 297 -25.12 21.24 6.69
CA ALA C 297 -24.32 20.02 6.86
C ALA C 297 -24.01 19.70 8.32
N MET C 298 -23.78 20.72 9.14
CA MET C 298 -23.31 20.47 10.49
C MET C 298 -24.42 19.95 11.39
N ARG C 299 -25.65 20.32 11.07
CA ARG C 299 -26.77 19.69 11.77
C ARG C 299 -26.74 18.16 11.58
N ARG C 300 -26.50 17.71 10.35
CA ARG C 300 -26.40 16.28 10.09
C ARG C 300 -25.24 15.66 10.85
N VAL C 301 -24.10 16.34 10.86
CA VAL C 301 -22.95 15.84 11.59
C VAL C 301 -23.25 15.72 13.08
N ALA C 302 -23.85 16.75 13.66
CA ALA C 302 -24.14 16.77 15.10
C ALA C 302 -25.15 15.69 15.48
N ASP C 303 -26.13 15.46 14.61
CA ASP C 303 -27.11 14.43 14.84
C ASP C 303 -26.48 13.01 14.80
N LEU C 304 -25.61 12.75 13.84
CA LEU C 304 -24.94 11.45 13.80
C LEU C 304 -24.07 11.31 15.05
N ALA C 305 -23.35 12.36 15.39
CA ALA C 305 -22.54 12.36 16.60
C ALA C 305 -23.37 11.95 17.83
N SER C 306 -24.59 12.47 17.94
CA SER C 306 -25.41 12.24 19.14
C SER C 306 -25.90 10.80 19.37
N LEU C 307 -26.02 10.00 18.31
CA LEU C 307 -26.31 8.58 18.45
C LEU C 307 -25.22 7.81 19.19
N TYR C 308 -24.01 8.37 19.22
CA TYR C 308 -22.86 7.67 19.77
C TYR C 308 -22.24 8.43 20.96
N HIS C 309 -23.02 9.34 21.52
CA HIS C 309 -22.63 10.13 22.71
C HIS C 309 -21.50 11.14 22.44
N VAL C 310 -21.29 11.44 21.16
CA VAL C 310 -20.28 12.41 20.75
C VAL C 310 -20.87 13.83 20.83
N ARG C 311 -20.12 14.76 21.41
CA ARG C 311 -20.59 16.13 21.60
C ARG C 311 -19.87 17.13 20.68
N THR C 312 -20.49 18.29 20.46
CA THR C 312 -19.86 19.31 19.62
C THR C 312 -18.79 20.11 20.37
N GLY C 313 -17.70 20.40 19.66
CA GLY C 313 -16.64 21.26 20.16
C GLY C 313 -16.08 22.10 19.01
N PHE C 314 -16.90 23.00 18.50
CA PHE C 314 -16.53 23.87 17.38
C PHE C 314 -15.17 24.52 17.50
N HIS C 315 -14.34 24.29 16.47
CA HIS C 315 -13.16 25.10 16.19
C HIS C 315 -13.58 26.55 16.16
N GLY C 316 -12.95 27.39 16.97
CA GLY C 316 -13.30 28.80 17.01
C GLY C 316 -12.09 29.70 17.20
N PRO C 317 -11.19 29.70 16.21
CA PRO C 317 -9.96 30.48 16.30
C PRO C 317 -10.23 31.88 15.76
N THR C 318 -9.22 32.73 15.69
CA THR C 318 -9.40 34.05 15.13
C THR C 318 -9.62 33.98 13.62
N ASP C 319 -9.19 32.89 12.98
CA ASP C 319 -9.28 32.78 11.51
C ASP C 319 -10.64 32.30 10.99
N LEU C 320 -11.61 32.17 11.88
CA LEU C 320 -13.02 32.18 11.46
C LEU C 320 -13.59 33.50 11.96
N SER C 321 -14.34 34.19 11.10
CA SER C 321 -14.79 35.54 11.41
C SER C 321 -15.91 35.57 12.45
N PRO C 322 -16.22 36.77 12.96
CA PRO C 322 -17.40 36.94 13.81
C PRO C 322 -18.70 36.46 13.13
N VAL C 323 -18.72 36.39 11.81
CA VAL C 323 -19.91 35.84 11.16
C VAL C 323 -20.09 34.38 11.57
N CYS C 324 -19.02 33.61 11.46
CA CYS C 324 -19.09 32.21 11.87
C CYS C 324 -19.40 32.09 13.37
N LEU C 325 -18.66 32.84 14.19
CA LEU C 325 -18.84 32.76 15.64
C LEU C 325 -20.29 33.02 16.04
N GLY C 326 -20.90 34.07 15.48
CA GLY C 326 -22.28 34.38 15.80
C GLY C 326 -23.19 33.22 15.46
N ALA C 327 -23.03 32.72 14.23
CA ALA C 327 -23.82 31.59 13.76
C ALA C 327 -23.53 30.37 14.62
N ALA C 328 -22.27 30.21 15.01
CA ALA C 328 -21.86 29.09 15.86
C ALA C 328 -22.55 29.15 17.23
N ILE C 329 -22.70 30.36 17.76
CA ILE C 329 -23.34 30.54 19.05
C ILE C 329 -24.84 30.23 18.99
N HIS C 330 -25.51 30.64 17.92
CA HIS C 330 -26.89 30.20 17.71
C HIS C 330 -27.01 28.67 17.67
N PHE C 331 -26.19 28.06 16.81
CA PHE C 331 -26.15 26.61 16.73
C PHE C 331 -25.85 25.99 18.10
N ASP C 332 -24.83 26.50 18.79
CA ASP C 332 -24.46 25.98 20.11
C ASP C 332 -25.64 26.06 21.08
N THR C 333 -26.49 27.06 20.89
CA THR C 333 -27.61 27.31 21.78
C THR C 333 -28.74 26.29 21.61
N TRP C 334 -28.98 25.87 20.37
CA TRP C 334 -30.01 24.87 20.08
C TRP C 334 -29.53 23.42 20.23
N VAL C 335 -28.38 23.10 19.67
CA VAL C 335 -27.95 21.70 19.58
C VAL C 335 -27.97 20.93 20.90
N PRO C 336 -28.67 19.80 20.90
CA PRO C 336 -28.81 18.97 22.09
C PRO C 336 -27.44 18.58 22.64
N ASN C 337 -26.60 18.01 21.79
CA ASN C 337 -25.31 17.48 22.24
C ASN C 337 -24.15 18.48 22.18
N PHE C 338 -24.41 19.72 22.59
CA PHE C 338 -23.35 20.72 22.69
C PHE C 338 -22.31 20.29 23.73
N GLY C 339 -21.04 20.53 23.42
CA GLY C 339 -19.95 20.18 24.31
C GLY C 339 -19.27 21.42 24.86
N ILE C 340 -18.63 22.19 23.98
CA ILE C 340 -17.93 23.41 24.36
C ILE C 340 -17.69 24.23 23.09
N GLN C 341 -17.55 25.53 23.24
CA GLN C 341 -17.24 26.40 22.11
C GLN C 341 -15.88 27.02 22.33
N GLU C 342 -14.97 26.83 21.38
CA GLU C 342 -13.65 27.45 21.43
C GLU C 342 -13.75 28.98 21.29
N HIS C 343 -12.98 29.72 22.08
CA HIS C 343 -12.98 31.18 21.96
C HIS C 343 -11.60 31.79 21.93
N MET C 344 -11.17 32.18 20.73
CA MET C 344 -10.02 33.07 20.54
C MET C 344 -10.58 34.43 20.16
N PRO C 345 -10.50 35.41 21.07
CA PRO C 345 -11.16 36.70 20.81
C PRO C 345 -10.53 37.43 19.61
N HIS C 346 -11.38 38.03 18.78
CA HIS C 346 -10.90 38.77 17.62
C HIS C 346 -10.34 40.13 18.04
N THR C 347 -9.63 40.79 17.14
CA THR C 347 -9.11 42.12 17.42
C THR C 347 -10.24 43.15 17.45
N ASP C 348 -10.00 44.30 18.05
CA ASP C 348 -11.00 45.37 18.07
C ASP C 348 -11.41 45.75 16.65
N GLU C 349 -10.42 45.83 15.77
CA GLU C 349 -10.67 46.19 14.38
C GLU C 349 -11.60 45.15 13.74
N THR C 350 -11.33 43.86 13.93
CA THR C 350 -12.19 42.80 13.42
C THR C 350 -13.63 42.90 13.97
N ASP C 351 -13.77 43.07 15.28
CA ASP C 351 -15.10 43.23 15.87
C ASP C 351 -15.86 44.43 15.27
N ALA C 352 -15.12 45.45 14.82
CA ALA C 352 -15.74 46.63 14.21
C ALA C 352 -16.19 46.40 12.77
N VAL C 353 -15.42 45.59 12.03
CA VAL C 353 -15.81 45.25 10.65
C VAL C 353 -17.09 44.42 10.66
N PHE C 354 -17.24 43.60 11.69
CA PHE C 354 -18.36 42.66 11.75
C PHE C 354 -19.17 42.90 13.01
N PRO C 355 -19.99 43.96 13.02
CA PRO C 355 -20.81 44.26 14.19
C PRO C 355 -21.69 43.05 14.51
N HIS C 356 -21.87 42.74 15.79
CA HIS C 356 -22.56 41.52 16.18
C HIS C 356 -23.29 41.69 17.51
N ASP C 357 -24.28 40.84 17.76
CA ASP C 357 -25.05 40.97 19.00
C ASP C 357 -24.95 39.79 19.97
N TYR C 358 -24.02 38.86 19.73
CA TYR C 358 -23.74 37.86 20.76
C TYR C 358 -22.94 38.54 21.85
N ARG C 359 -23.08 38.07 23.08
CA ARG C 359 -22.36 38.69 24.19
C ARG C 359 -21.51 37.68 24.94
N PHE C 360 -20.39 38.14 25.48
CA PHE C 360 -19.56 37.29 26.30
C PHE C 360 -19.66 37.78 27.73
N GLU C 361 -20.04 36.88 28.64
CA GLU C 361 -20.14 37.20 30.05
C GLU C 361 -19.71 36.00 30.89
N ASP C 362 -18.79 36.22 31.82
CA ASP C 362 -18.48 35.22 32.82
C ASP C 362 -18.12 33.87 32.20
N GLY C 363 -17.32 33.90 31.15
CA GLY C 363 -16.80 32.68 30.54
C GLY C 363 -17.76 31.99 29.59
N HIS C 364 -18.89 32.62 29.30
CA HIS C 364 -19.93 32.01 28.45
C HIS C 364 -20.41 32.94 27.37
N PHE C 365 -20.94 32.38 26.28
CA PHE C 365 -21.60 33.20 25.28
C PHE C 365 -23.10 33.19 25.52
N LEU C 366 -23.72 34.34 25.30
CA LEU C 366 -25.18 34.44 25.23
C LEU C 366 -25.54 34.71 23.77
N ALA C 367 -26.40 33.87 23.18
CA ALA C 367 -26.75 34.05 21.78
C ALA C 367 -27.47 35.39 21.59
N GLY C 368 -27.28 36.03 20.43
CA GLY C 368 -28.01 37.23 20.10
C GLY C 368 -29.51 37.02 19.92
N GLU C 369 -30.28 38.09 20.07
CA GLU C 369 -31.73 38.00 19.95
C GLU C 369 -32.28 38.67 18.69
N SER C 370 -31.42 39.30 17.89
CA SER C 370 -31.82 39.90 16.61
C SER C 370 -32.11 38.80 15.60
N PRO C 371 -33.08 39.04 14.69
CA PRO C 371 -33.36 38.09 13.62
C PRO C 371 -32.09 37.83 12.79
N GLY C 372 -31.90 36.59 12.35
CA GLY C 372 -30.70 36.24 11.62
C GLY C 372 -29.68 35.64 12.57
N HIS C 373 -28.42 35.55 12.15
CA HIS C 373 -27.37 35.11 13.06
C HIS C 373 -26.84 36.28 13.86
N GLY C 374 -27.35 37.47 13.58
CA GLY C 374 -27.04 38.65 14.38
C GLY C 374 -25.75 39.35 14.02
N VAL C 375 -25.10 38.91 12.94
CA VAL C 375 -23.86 39.52 12.49
C VAL C 375 -24.07 40.27 11.17
N ASP C 376 -23.38 41.39 11.01
CA ASP C 376 -23.39 42.09 9.73
C ASP C 376 -21.95 42.47 9.39
N ILE C 377 -21.75 43.07 8.22
CA ILE C 377 -20.43 43.53 7.84
C ILE C 377 -20.48 45.00 7.45
N ASP C 378 -19.56 45.79 8.01
CA ASP C 378 -19.42 47.19 7.64
C ASP C 378 -18.48 47.26 6.43
N GLU C 379 -19.06 47.31 5.23
CA GLU C 379 -18.27 47.26 4.00
C GLU C 379 -17.29 48.43 3.83
N GLU C 380 -17.73 49.63 4.16
CA GLU C 380 -16.87 50.81 4.08
C GLU C 380 -15.64 50.68 4.96
N LEU C 381 -15.83 50.20 6.19
CA LEU C 381 -14.70 49.98 7.08
C LEU C 381 -13.82 48.83 6.56
N ALA C 382 -14.44 47.78 6.05
CA ALA C 382 -13.68 46.67 5.49
C ALA C 382 -12.72 47.13 4.37
N ALA C 383 -13.16 48.09 3.55
CA ALA C 383 -12.32 48.57 2.45
C ALA C 383 -11.06 49.32 2.92
N LYS C 384 -11.02 49.76 4.18
CA LYS C 384 -9.82 50.38 4.71
C LYS C 384 -8.70 49.38 4.97
N TYR C 385 -9.02 48.10 5.03
CA TYR C 385 -8.02 47.07 5.32
C TYR C 385 -7.91 46.06 4.18
N PRO C 386 -7.00 46.31 3.23
CA PRO C 386 -6.85 45.39 2.10
C PRO C 386 -6.13 44.11 2.48
N TYR C 387 -6.44 43.04 1.75
CA TYR C 387 -5.75 41.76 1.87
C TYR C 387 -4.25 41.86 2.10
N GLU C 388 -3.73 41.07 3.05
CA GLU C 388 -2.28 40.92 3.19
C GLU C 388 -1.93 39.43 3.30
N ARG C 389 -1.24 38.90 2.30
CA ARG C 389 -0.89 37.48 2.33
C ARG C 389 -0.22 37.06 3.63
N ALA C 390 -0.74 35.99 4.25
CA ALA C 390 -0.09 35.34 5.39
C ALA C 390 -0.33 33.84 5.39
N SER C 391 0.73 33.06 5.48
CA SER C 391 0.65 31.59 5.42
C SER C 391 0.85 30.96 6.80
N LEU C 392 0.24 29.79 7.02
CA LEU C 392 0.44 29.01 8.24
C LEU C 392 1.85 28.41 8.22
N PRO C 393 2.40 28.09 9.41
CA PRO C 393 3.75 27.54 9.52
C PRO C 393 3.83 26.10 9.03
N VAL C 394 5.04 25.61 8.76
CA VAL C 394 5.26 24.19 8.57
C VAL C 394 6.19 23.70 9.66
N ASN C 395 6.18 22.40 9.87
CA ASN C 395 6.95 21.81 10.94
C ASN C 395 7.97 20.87 10.31
N ARG C 396 9.17 20.85 10.84
CA ARG C 396 10.15 19.87 10.40
C ARG C 396 10.76 19.17 11.62
N LEU C 397 11.13 17.91 11.44
CA LEU C 397 11.84 17.19 12.48
C LEU C 397 13.28 17.67 12.53
N GLU C 398 14.00 17.26 13.56
CA GLU C 398 15.38 17.69 13.72
C GLU C 398 16.27 17.32 12.53
N ASP C 399 15.92 16.25 11.80
CA ASP C 399 16.70 15.87 10.62
C ASP C 399 16.24 16.59 9.34
N GLY C 400 15.23 17.45 9.47
CA GLY C 400 14.75 18.23 8.33
C GLY C 400 13.54 17.63 7.62
N THR C 401 13.05 16.49 8.13
CA THR C 401 11.87 15.83 7.58
C THR C 401 10.63 16.73 7.70
N LEU C 402 9.94 16.95 6.60
CA LEU C 402 8.74 17.80 6.62
C LEU C 402 7.63 17.04 7.36
N TRP C 403 7.26 17.56 8.53
CA TRP C 403 6.35 16.85 9.43
C TRP C 403 4.96 17.53 9.48
N HIS C 404 4.15 17.16 10.47
CA HIS C 404 2.83 17.76 10.60
C HIS C 404 2.90 18.94 11.56
N TRP C 405 2.36 20.08 11.14
CA TRP C 405 2.30 21.23 12.03
C TRP C 405 0.97 21.21 12.75
N LEU D 3 21.25 -44.03 16.30
CA LEU D 3 21.91 -44.23 15.02
C LEU D 3 22.23 -42.92 14.27
N LYS D 4 23.51 -42.60 14.20
CA LYS D 4 23.96 -41.32 13.67
C LYS D 4 24.20 -41.33 12.17
N ILE D 5 24.05 -40.15 11.56
CA ILE D 5 24.35 -39.95 10.15
C ILE D 5 25.85 -39.90 9.93
N ARG D 6 26.32 -40.73 9.01
CA ARG D 6 27.74 -40.83 8.70
C ARG D 6 28.04 -40.05 7.42
N ASP D 7 27.13 -40.14 6.46
CA ASP D 7 27.35 -39.47 5.19
C ASP D 7 26.02 -38.89 4.68
N ALA D 8 26.11 -37.83 3.89
CA ALA D 8 24.95 -37.29 3.19
C ALA D 8 25.44 -36.46 2.01
N TYR D 9 24.78 -36.59 0.86
CA TYR D 9 25.18 -35.89 -0.34
C TYR D 9 24.06 -35.83 -1.38
N THR D 10 24.20 -34.94 -2.36
CA THR D 10 23.21 -34.80 -3.41
C THR D 10 23.64 -35.53 -4.67
N ILE D 11 22.65 -35.98 -5.43
CA ILE D 11 22.89 -36.51 -6.76
C ILE D 11 22.05 -35.69 -7.71
N VAL D 12 22.71 -35.09 -8.71
CA VAL D 12 22.03 -34.36 -9.76
C VAL D 12 22.04 -35.23 -11.01
N THR D 13 20.91 -35.35 -11.69
CA THR D 13 20.85 -36.17 -12.89
C THR D 13 19.74 -35.71 -13.81
N CYS D 14 19.86 -36.01 -15.10
CA CYS D 14 18.90 -35.55 -16.09
C CYS D 14 18.49 -36.63 -17.09
N PRO D 15 17.86 -37.71 -16.60
CA PRO D 15 17.34 -38.78 -17.46
C PRO D 15 15.98 -38.41 -18.03
N GLY D 16 15.94 -37.42 -18.92
CA GLY D 16 14.67 -36.91 -19.45
C GLY D 16 14.43 -35.49 -18.99
N ARG D 17 14.81 -35.20 -17.75
CA ARG D 17 14.77 -33.84 -17.22
C ARG D 17 15.57 -33.80 -15.92
N ASN D 18 15.75 -32.61 -15.37
CA ASN D 18 16.58 -32.46 -14.18
C ASN D 18 15.91 -32.96 -12.90
N PHE D 19 16.63 -33.79 -12.15
CA PHE D 19 16.23 -34.15 -10.79
C PHE D 19 17.38 -33.98 -9.83
N VAL D 20 17.07 -33.46 -8.64
CA VAL D 20 18.05 -33.42 -7.57
C VAL D 20 17.55 -34.29 -6.41
N THR D 21 18.43 -35.15 -5.91
CA THR D 21 18.08 -36.11 -4.87
C THR D 21 19.07 -35.97 -3.70
N LEU D 22 18.60 -36.19 -2.48
CA LEU D 22 19.47 -36.22 -1.31
C LEU D 22 19.52 -37.61 -0.69
N LYS D 23 20.71 -38.14 -0.48
CA LYS D 23 20.85 -39.42 0.21
C LYS D 23 21.51 -39.25 1.59
N ILE D 24 20.99 -39.97 2.57
CA ILE D 24 21.57 -39.96 3.90
C ILE D 24 21.95 -41.40 4.28
N VAL D 25 23.18 -41.57 4.76
CA VAL D 25 23.67 -42.89 5.13
C VAL D 25 24.04 -42.88 6.61
N THR D 26 23.54 -43.85 7.36
CA THR D 26 23.81 -43.92 8.79
C THR D 26 25.07 -44.72 9.08
N GLU D 27 25.51 -44.74 10.34
CA GLU D 27 26.73 -45.42 10.74
C GLU D 27 26.67 -46.92 10.46
N SER D 28 25.47 -47.44 10.27
CA SER D 28 25.30 -48.87 10.05
C SER D 28 25.23 -49.20 8.57
N GLY D 29 25.22 -48.17 7.74
CA GLY D 29 25.13 -48.36 6.30
C GLY D 29 23.72 -48.25 5.74
N THR D 30 22.73 -48.25 6.63
CA THR D 30 21.34 -48.06 6.19
C THR D 30 21.21 -46.66 5.62
N HIS D 31 20.38 -46.50 4.59
CA HIS D 31 20.28 -45.22 3.92
C HIS D 31 18.85 -44.86 3.53
N GLY D 32 18.63 -43.57 3.25
CA GLY D 32 17.34 -43.07 2.81
C GLY D 32 17.54 -41.98 1.78
N ILE D 33 16.57 -41.77 0.91
CA ILE D 33 16.66 -40.70 -0.09
C ILE D 33 15.44 -39.79 -0.05
N GLY D 34 15.61 -38.56 -0.52
CA GLY D 34 14.53 -37.57 -0.55
C GLY D 34 14.65 -36.71 -1.78
N ASP D 35 13.51 -36.37 -2.37
CA ASP D 35 13.51 -35.51 -3.56
C ASP D 35 13.84 -34.08 -3.18
N ALA D 36 14.69 -33.44 -3.97
CA ALA D 36 15.10 -32.06 -3.74
C ALA D 36 14.92 -31.20 -4.99
N THR D 37 14.11 -31.69 -5.92
CA THR D 37 13.94 -31.02 -7.21
C THR D 37 13.06 -29.78 -7.19
N LEU D 38 13.63 -28.64 -7.60
CA LEU D 38 12.89 -27.39 -7.80
C LEU D 38 12.99 -26.93 -9.26
N ASN D 39 11.97 -27.24 -10.04
CA ASN D 39 12.01 -27.02 -11.49
C ASN D 39 12.51 -25.64 -11.87
N GLY D 40 13.54 -25.58 -12.70
CA GLY D 40 14.00 -24.31 -13.22
C GLY D 40 14.91 -23.52 -12.29
N ARG D 41 15.04 -23.98 -11.04
CA ARG D 41 15.93 -23.38 -10.06
C ARG D 41 16.77 -24.47 -9.38
N GLU D 42 16.95 -25.60 -10.07
CA GLU D 42 17.48 -26.82 -9.44
C GLU D 42 18.76 -26.66 -8.64
N MET D 43 19.70 -25.89 -9.17
CA MET D 43 21.03 -25.81 -8.58
C MET D 43 21.08 -24.92 -7.34
N ALA D 44 20.09 -24.05 -7.18
CA ALA D 44 20.01 -23.24 -5.97
C ALA D 44 19.77 -24.15 -4.76
N VAL D 45 18.94 -25.18 -4.95
CA VAL D 45 18.67 -26.13 -3.87
C VAL D 45 19.89 -27.06 -3.65
N ALA D 46 20.47 -27.55 -4.74
CA ALA D 46 21.67 -28.39 -4.64
C ALA D 46 22.72 -27.71 -3.77
N ALA D 47 22.95 -26.43 -4.02
CA ALA D 47 23.93 -25.63 -3.27
C ALA D 47 23.50 -25.35 -1.83
N TYR D 48 22.20 -25.09 -1.64
CA TYR D 48 21.67 -24.87 -0.29
C TYR D 48 21.97 -26.12 0.51
N LEU D 49 21.70 -27.27 -0.09
CA LEU D 49 22.00 -28.56 0.52
C LEU D 49 23.50 -28.83 0.67
N ASP D 50 24.23 -28.83 -0.44
CA ASP D 50 25.66 -29.14 -0.47
C ASP D 50 26.50 -28.29 0.45
N GLU D 51 26.27 -26.99 0.44
CA GLU D 51 27.18 -26.08 1.12
C GLU D 51 26.77 -25.71 2.55
N HIS D 52 25.49 -25.88 2.87
CA HIS D 52 24.98 -25.36 4.13
C HIS D 52 24.32 -26.40 5.04
N VAL D 53 23.49 -27.25 4.45
CA VAL D 53 22.73 -28.22 5.22
C VAL D 53 23.49 -29.53 5.46
N VAL D 54 23.94 -30.16 4.39
CA VAL D 54 24.66 -31.43 4.50
C VAL D 54 25.76 -31.43 5.58
N PRO D 55 26.63 -30.42 5.59
CA PRO D 55 27.69 -30.45 6.61
C PRO D 55 27.18 -30.42 8.05
N ALA D 56 25.99 -29.86 8.27
CA ALA D 56 25.41 -29.82 9.60
C ALA D 56 24.66 -31.12 9.96
N LEU D 57 24.38 -31.95 8.95
CA LEU D 57 23.71 -33.24 9.18
C LEU D 57 24.65 -34.31 9.74
N ILE D 58 25.93 -34.24 9.37
CA ILE D 58 26.90 -35.25 9.77
C ILE D 58 26.93 -35.36 11.29
N GLY D 59 26.82 -36.59 11.80
CA GLY D 59 26.93 -36.80 13.23
C GLY D 59 25.62 -36.64 13.98
N ARG D 60 24.57 -36.20 13.30
CA ARG D 60 23.28 -36.09 13.95
C ARG D 60 22.63 -37.47 14.05
N ASP D 61 21.76 -37.61 15.05
CA ASP D 61 20.94 -38.81 15.24
C ASP D 61 19.89 -38.88 14.14
N ALA D 62 19.96 -39.91 13.32
CA ALA D 62 19.06 -40.02 12.17
C ALA D 62 17.59 -40.16 12.57
N GLY D 63 17.36 -40.64 13.80
CA GLY D 63 16.02 -40.91 14.25
C GLY D 63 15.25 -39.69 14.76
N ARG D 64 15.96 -38.59 14.96
N ARG D 64 15.95 -38.58 14.97
CA ARG D 64 15.33 -37.37 15.45
CA ARG D 64 15.31 -37.37 15.47
C ARG D 64 14.77 -36.55 14.30
C ARG D 64 14.76 -36.55 14.30
N ILE D 65 13.71 -37.07 13.66
CA ILE D 65 13.14 -36.42 12.50
C ILE D 65 12.59 -35.02 12.80
N GLU D 66 11.79 -34.94 13.86
CA GLU D 66 11.20 -33.67 14.30
C GLU D 66 12.26 -32.63 14.65
N ASP D 67 13.22 -33.01 15.48
CA ASP D 67 14.27 -32.08 15.90
C ASP D 67 15.05 -31.60 14.69
N THR D 68 15.31 -32.50 13.74
CA THR D 68 16.05 -32.13 12.55
C THR D 68 15.27 -31.10 11.72
N TRP D 69 13.95 -31.34 11.58
CA TRP D 69 13.07 -30.45 10.82
C TRP D 69 13.07 -29.07 11.46
N GLN D 70 12.86 -29.02 12.76
CA GLN D 70 12.83 -27.75 13.48
C GLN D 70 14.19 -27.06 13.40
N TYR D 71 15.26 -27.86 13.40
CA TYR D 71 16.63 -27.35 13.38
C TYR D 71 16.95 -26.66 12.05
N LEU D 72 16.53 -27.28 10.95
CA LEU D 72 16.72 -26.67 9.63
C LEU D 72 15.73 -25.52 9.36
N TYR D 73 14.50 -25.67 9.85
CA TYR D 73 13.48 -24.64 9.60
C TYR D 73 13.73 -23.39 10.42
N ARG D 74 13.82 -23.54 11.73
CA ARG D 74 14.13 -22.43 12.61
C ARG D 74 15.59 -21.98 12.48
N GLY D 75 16.49 -22.95 12.34
CA GLY D 75 17.91 -22.64 12.40
C GLY D 75 18.42 -21.87 11.19
N ALA D 76 17.73 -21.98 10.05
CA ALA D 76 18.13 -21.22 8.87
C ALA D 76 18.02 -19.72 9.14
N TYR D 77 17.20 -19.36 10.13
CA TYR D 77 16.95 -17.96 10.47
C TYR D 77 16.04 -17.26 9.46
N TRP D 78 16.37 -17.36 8.17
CA TRP D 78 15.49 -16.89 7.11
C TRP D 78 14.52 -18.04 6.80
N ARG D 79 13.27 -17.88 7.23
CA ARG D 79 12.31 -19.01 7.20
C ARG D 79 11.48 -19.02 5.92
N ARG D 80 11.09 -20.22 5.49
CA ARG D 80 10.17 -20.42 4.35
C ARG D 80 10.87 -20.20 3.02
N GLY D 81 10.12 -20.38 1.93
CA GLY D 81 10.68 -20.11 0.62
C GLY D 81 10.88 -21.41 -0.15
N PRO D 82 10.91 -21.33 -1.49
CA PRO D 82 10.95 -22.58 -2.25
C PRO D 82 12.31 -23.29 -2.18
N VAL D 83 13.40 -22.53 -2.15
CA VAL D 83 14.71 -23.16 -2.06
C VAL D 83 14.88 -23.74 -0.66
N THR D 84 14.58 -22.92 0.34
CA THR D 84 14.59 -23.35 1.74
C THR D 84 13.78 -24.62 2.01
N MET D 85 12.50 -24.59 1.65
CA MET D 85 11.59 -25.66 2.07
C MET D 85 11.79 -26.92 1.23
N THR D 86 12.36 -26.79 0.05
CA THR D 86 12.71 -27.96 -0.77
C THR D 86 13.92 -28.68 -0.19
N ALA D 87 14.89 -27.91 0.31
CA ALA D 87 16.05 -28.50 0.96
C ALA D 87 15.63 -29.23 2.24
N ILE D 88 14.67 -28.64 2.94
CA ILE D 88 14.18 -29.22 4.18
C ILE D 88 13.35 -30.49 3.92
N ALA D 89 12.54 -30.48 2.86
CA ALA D 89 11.73 -31.64 2.49
C ALA D 89 12.62 -32.82 2.13
N ALA D 90 13.71 -32.54 1.43
CA ALA D 90 14.62 -33.59 0.98
C ALA D 90 15.16 -34.35 2.18
N VAL D 91 15.65 -33.61 3.18
CA VAL D 91 16.17 -34.20 4.39
C VAL D 91 15.08 -35.00 5.09
N ASP D 92 13.91 -34.37 5.26
CA ASP D 92 12.80 -34.99 5.95
C ASP D 92 12.35 -36.30 5.27
N MET D 93 12.25 -36.27 3.95
CA MET D 93 11.81 -37.44 3.21
C MET D 93 12.82 -38.58 3.40
N ALA D 94 14.11 -38.24 3.36
CA ALA D 94 15.15 -39.25 3.54
C ALA D 94 15.14 -39.84 4.94
N LEU D 95 14.82 -39.02 5.94
CA LEU D 95 14.77 -39.49 7.32
C LEU D 95 13.57 -40.38 7.57
N TRP D 96 12.42 -40.05 6.98
CA TRP D 96 11.27 -40.95 7.10
C TRP D 96 11.54 -42.27 6.39
N ASP D 97 12.19 -42.19 5.23
CA ASP D 97 12.61 -43.39 4.53
C ASP D 97 13.42 -44.28 5.50
N ILE D 98 14.49 -43.71 6.06
CA ILE D 98 15.29 -44.43 7.05
C ILE D 98 14.48 -44.98 8.22
N LYS D 99 13.53 -44.21 8.74
CA LYS D 99 12.79 -44.65 9.93
C LYS D 99 11.83 -45.81 9.61
N ALA D 100 11.21 -45.76 8.44
CA ALA D 100 10.34 -46.83 7.98
C ALA D 100 11.13 -48.14 7.77
N LYS D 101 12.31 -48.03 7.21
CA LYS D 101 13.17 -49.20 7.02
C LYS D 101 13.59 -49.80 8.36
N ALA D 102 14.01 -48.94 9.29
CA ALA D 102 14.37 -49.37 10.62
C ALA D 102 13.18 -50.07 11.29
N ALA D 103 11.99 -49.58 11.03
CA ALA D 103 10.77 -50.15 11.58
C ALA D 103 10.33 -51.41 10.83
N GLY D 104 10.99 -51.70 9.72
CA GLY D 104 10.58 -52.82 8.88
C GLY D 104 9.19 -52.67 8.27
N MET D 105 8.77 -51.43 8.03
CA MET D 105 7.43 -51.18 7.53
C MET D 105 7.45 -50.28 6.30
N PRO D 106 6.49 -50.48 5.38
CA PRO D 106 6.33 -49.46 4.34
C PRO D 106 5.87 -48.15 5.00
N LEU D 107 6.22 -47.02 4.41
CA LEU D 107 5.95 -45.73 5.05
C LEU D 107 4.50 -45.54 5.52
N TYR D 108 3.53 -45.98 4.72
CA TYR D 108 2.12 -45.76 5.09
C TYR D 108 1.74 -46.41 6.44
N GLN D 109 2.34 -47.55 6.76
CA GLN D 109 2.08 -48.21 8.04
C GLN D 109 2.53 -47.31 9.19
N LEU D 110 3.70 -46.69 9.00
CA LEU D 110 4.29 -45.80 9.99
C LEU D 110 3.40 -44.59 10.23
N LEU D 111 2.76 -44.10 9.17
CA LEU D 111 1.94 -42.90 9.27
C LEU D 111 0.64 -43.16 10.02
N GLY D 112 0.28 -44.44 10.15
CA GLY D 112 -0.96 -44.81 10.82
C GLY D 112 -1.83 -45.82 10.07
N GLY D 113 -1.25 -46.49 9.07
CA GLY D 113 -1.98 -47.54 8.36
C GLY D 113 -2.79 -47.05 7.18
N LYS D 114 -3.30 -47.98 6.37
CA LYS D 114 -4.03 -47.58 5.19
C LYS D 114 -5.46 -47.13 5.47
N SER D 115 -5.87 -46.06 4.80
CA SER D 115 -7.23 -45.57 4.87
C SER D 115 -8.04 -45.94 3.62
N ARG D 116 -7.35 -46.45 2.61
CA ARG D 116 -8.00 -46.80 1.34
C ARG D 116 -7.22 -47.89 0.62
N GLU D 117 -7.88 -48.59 -0.28
CA GLU D 117 -7.26 -49.73 -0.96
C GLU D 117 -6.44 -49.29 -2.17
N ARG D 118 -6.78 -48.13 -2.73
CA ARG D 118 -6.05 -47.62 -3.88
C ARG D 118 -6.18 -46.11 -3.97
N VAL D 119 -5.31 -45.50 -4.77
CA VAL D 119 -5.21 -44.04 -4.87
C VAL D 119 -5.60 -43.53 -6.25
N MET D 120 -6.74 -42.86 -6.33
CA MET D 120 -7.23 -42.37 -7.62
C MET D 120 -6.32 -41.25 -8.16
N THR D 121 -6.09 -41.29 -9.47
CA THR D 121 -5.23 -40.31 -10.12
C THR D 121 -5.98 -39.56 -11.19
N TYR D 122 -5.39 -38.47 -11.66
CA TYR D 122 -5.88 -37.85 -12.88
C TYR D 122 -4.72 -37.68 -13.85
N ALA D 123 -5.05 -37.67 -15.15
CA ALA D 123 -4.05 -37.51 -16.21
C ALA D 123 -4.27 -36.19 -16.94
N HIS D 124 -3.21 -35.70 -17.60
CA HIS D 124 -3.31 -34.50 -18.42
C HIS D 124 -3.79 -34.84 -19.82
N CYS D 125 -4.83 -34.13 -20.27
CA CYS D 125 -5.28 -34.22 -21.64
C CYS D 125 -5.25 -32.85 -22.28
N THR D 126 -4.22 -32.59 -23.08
CA THR D 126 -4.07 -31.29 -23.71
C THR D 126 -4.15 -31.40 -25.24
N GLY D 127 -4.73 -30.39 -25.87
CA GLY D 127 -4.79 -30.33 -27.32
C GLY D 127 -4.76 -28.90 -27.84
N GLN D 128 -4.35 -28.76 -29.10
CA GLN D 128 -4.41 -27.46 -29.76
C GLN D 128 -5.86 -26.96 -29.80
N THR D 129 -6.74 -27.78 -30.35
CA THR D 129 -8.14 -27.42 -30.44
C THR D 129 -8.94 -28.26 -29.46
N ILE D 130 -10.18 -27.82 -29.22
CA ILE D 130 -11.10 -28.58 -28.39
C ILE D 130 -11.12 -30.05 -28.83
N GLU D 131 -11.25 -30.27 -30.13
CA GLU D 131 -11.31 -31.64 -30.66
C GLU D 131 -10.04 -32.45 -30.35
N ASP D 132 -8.87 -31.84 -30.53
CA ASP D 132 -7.60 -32.48 -30.17
C ASP D 132 -7.65 -32.98 -28.72
N CYS D 133 -8.21 -32.15 -27.84
CA CYS D 133 -8.26 -32.47 -26.43
C CYS D 133 -9.17 -33.67 -26.18
N LEU D 134 -10.35 -33.65 -26.81
CA LEU D 134 -11.27 -34.78 -26.68
C LEU D 134 -10.58 -36.09 -27.06
N GLY D 135 -9.83 -36.09 -28.16
CA GLY D 135 -9.08 -37.26 -28.58
C GLY D 135 -8.14 -37.72 -27.48
N GLU D 136 -7.51 -36.78 -26.80
CA GLU D 136 -6.63 -37.11 -25.67
C GLU D 136 -7.43 -37.64 -24.47
N VAL D 137 -8.57 -37.02 -24.20
CA VAL D 137 -9.47 -37.54 -23.18
C VAL D 137 -9.83 -38.99 -23.47
N ALA D 138 -10.27 -39.27 -24.69
CA ALA D 138 -10.64 -40.64 -25.05
C ALA D 138 -9.53 -41.64 -24.75
N ARG D 139 -8.29 -41.30 -25.08
CA ARG D 139 -7.24 -42.31 -24.94
C ARG D 139 -6.79 -42.48 -23.51
N HIS D 140 -7.01 -41.48 -22.68
CA HIS D 140 -6.71 -41.65 -21.26
C HIS D 140 -7.86 -42.39 -20.56
N VAL D 141 -9.07 -42.21 -21.04
CA VAL D 141 -10.19 -43.00 -20.53
C VAL D 141 -9.98 -44.48 -20.85
N GLU D 142 -9.40 -44.75 -22.02
CA GLU D 142 -9.10 -46.12 -22.43
C GLU D 142 -7.99 -46.76 -21.59
N LEU D 143 -7.13 -45.93 -21.01
CA LEU D 143 -6.07 -46.42 -20.12
C LEU D 143 -6.57 -46.68 -18.69
N GLY D 144 -7.79 -46.23 -18.38
CA GLY D 144 -8.37 -46.50 -17.08
C GLY D 144 -8.50 -45.31 -16.14
N TYR D 145 -8.07 -44.15 -16.58
CA TYR D 145 -8.21 -42.92 -15.78
C TYR D 145 -9.69 -42.57 -15.57
N ARG D 146 -10.09 -42.41 -14.30
CA ARG D 146 -11.45 -41.96 -13.96
C ARG D 146 -11.53 -40.44 -13.95
N ALA D 147 -10.40 -39.77 -14.14
CA ALA D 147 -10.34 -38.31 -14.01
C ALA D 147 -9.32 -37.74 -14.98
N VAL D 148 -9.68 -36.62 -15.60
CA VAL D 148 -8.79 -36.01 -16.57
C VAL D 148 -8.74 -34.51 -16.38
N ARG D 149 -7.55 -33.96 -16.60
CA ARG D 149 -7.36 -32.53 -16.56
C ARG D 149 -7.30 -32.01 -18.00
N VAL D 150 -8.25 -31.16 -18.38
CA VAL D 150 -8.36 -30.77 -19.77
C VAL D 150 -7.90 -29.35 -20.05
N GLN D 151 -7.10 -29.21 -21.10
CA GLN D 151 -6.61 -27.91 -21.54
C GLN D 151 -6.60 -27.88 -23.05
N SER D 152 -7.11 -26.81 -23.63
CA SER D 152 -7.03 -26.61 -25.08
C SER D 152 -6.42 -25.25 -25.42
N GLY D 153 -6.02 -25.09 -26.67
CA GLY D 153 -5.52 -23.81 -27.13
C GLY D 153 -6.66 -22.81 -27.23
N VAL D 154 -6.33 -21.53 -27.16
CA VAL D 154 -7.32 -20.46 -27.32
C VAL D 154 -7.15 -19.84 -28.70
N PRO D 155 -8.21 -19.85 -29.52
CA PRO D 155 -8.10 -19.23 -30.84
C PRO D 155 -7.75 -17.74 -30.74
N GLY D 156 -6.89 -17.25 -31.63
CA GLY D 156 -6.41 -15.87 -31.53
C GLY D 156 -5.31 -15.73 -30.50
N SER D 177 16.44 -23.59 -23.46
CA SER D 177 17.26 -23.48 -22.25
C SER D 177 16.97 -22.23 -21.42
N LEU D 178 16.60 -21.15 -22.08
CA LEU D 178 16.15 -19.94 -21.39
C LEU D 178 14.63 -19.90 -21.46
N PRO D 179 13.99 -19.08 -20.59
CA PRO D 179 12.52 -19.08 -20.59
C PRO D 179 12.00 -18.81 -21.99
N ALA D 180 11.07 -19.63 -22.46
CA ALA D 180 10.37 -19.35 -23.69
C ALA D 180 9.36 -18.26 -23.35
N GLU D 181 8.90 -17.52 -24.34
CA GLU D 181 7.94 -16.45 -24.08
C GLU D 181 6.60 -16.66 -24.79
N HIS D 182 5.55 -16.84 -24.01
CA HIS D 182 4.22 -17.06 -24.56
C HIS D 182 3.38 -15.78 -24.49
N VAL D 183 2.38 -15.70 -25.37
CA VAL D 183 1.49 -14.55 -25.41
C VAL D 183 0.12 -14.96 -24.88
N TRP D 184 -0.54 -14.05 -24.16
CA TRP D 184 -1.77 -14.41 -23.47
C TRP D 184 -2.85 -13.34 -23.60
N SER D 185 -4.09 -13.81 -23.68
CA SER D 185 -5.26 -12.93 -23.67
C SER D 185 -6.31 -13.50 -22.75
N THR D 186 -6.61 -12.80 -21.67
CA THR D 186 -7.61 -13.28 -20.72
C THR D 186 -9.00 -13.32 -21.35
N GLU D 187 -9.35 -12.26 -22.07
CA GLU D 187 -10.71 -12.11 -22.58
C GLU D 187 -11.11 -13.20 -23.59
N LYS D 188 -10.18 -13.60 -24.44
CA LYS D 188 -10.47 -14.64 -25.43
C LYS D 188 -10.56 -15.98 -24.72
N TYR D 189 -9.71 -16.17 -23.72
CA TYR D 189 -9.74 -17.39 -22.93
C TYR D 189 -11.07 -17.56 -22.20
N LEU D 190 -11.54 -16.51 -21.54
CA LEU D 190 -12.77 -16.62 -20.75
C LEU D 190 -13.98 -16.98 -21.63
N ASN D 191 -14.00 -16.47 -22.85
CA ASN D 191 -15.10 -16.82 -23.76
C ASN D 191 -14.94 -18.21 -24.34
N HIS D 192 -13.71 -18.68 -24.44
CA HIS D 192 -13.46 -19.97 -25.05
C HIS D 192 -13.59 -21.15 -24.10
N ALA D 193 -13.08 -21.00 -22.88
CA ALA D 193 -12.93 -22.13 -21.95
C ALA D 193 -14.21 -22.93 -21.66
N PRO D 194 -15.35 -22.25 -21.40
CA PRO D 194 -16.56 -23.01 -21.13
C PRO D 194 -16.92 -23.97 -22.27
N LYS D 195 -16.57 -23.60 -23.50
CA LYS D 195 -16.87 -24.45 -24.66
C LYS D 195 -16.13 -25.78 -24.58
N LEU D 196 -14.92 -25.75 -24.03
CA LEU D 196 -14.15 -26.99 -23.87
C LEU D 196 -14.91 -27.96 -22.95
N PHE D 197 -15.38 -27.45 -21.81
CA PHE D 197 -16.03 -28.32 -20.83
C PHE D 197 -17.39 -28.84 -21.31
N ALA D 198 -18.16 -27.97 -21.96
CA ALA D 198 -19.40 -28.40 -22.60
C ALA D 198 -19.13 -29.56 -23.54
N ALA D 199 -18.11 -29.42 -24.38
CA ALA D 199 -17.74 -30.47 -25.35
C ALA D 199 -17.31 -31.76 -24.66
N VAL D 200 -16.52 -31.65 -23.59
CA VAL D 200 -16.12 -32.84 -22.83
C VAL D 200 -17.36 -33.54 -22.26
N ARG D 201 -18.33 -32.78 -21.77
CA ARG D 201 -19.52 -33.39 -21.18
C ARG D 201 -20.40 -34.07 -22.24
N GLU D 202 -20.56 -33.41 -23.37
CA GLU D 202 -21.41 -33.95 -24.43
C GLU D 202 -20.82 -35.26 -24.97
N ARG D 203 -19.51 -35.32 -25.11
CA ARG D 203 -18.88 -36.53 -25.64
C ARG D 203 -18.73 -37.64 -24.60
N PHE D 204 -18.33 -37.28 -23.38
CA PHE D 204 -17.93 -38.30 -22.41
C PHE D 204 -18.90 -38.52 -21.24
N GLY D 205 -19.92 -37.68 -21.11
CA GLY D 205 -20.93 -37.90 -20.10
C GLY D 205 -20.54 -37.38 -18.73
N ASP D 206 -21.33 -37.74 -17.71
CA ASP D 206 -21.28 -37.11 -16.40
C ASP D 206 -20.45 -37.80 -15.33
N ASP D 207 -20.07 -39.05 -15.56
CA ASP D 207 -19.42 -39.82 -14.49
C ASP D 207 -17.91 -39.54 -14.42
N LEU D 208 -17.32 -39.22 -15.56
CA LEU D 208 -15.91 -38.86 -15.62
C LEU D 208 -15.62 -37.62 -14.77
N HIS D 209 -14.55 -37.66 -13.99
CA HIS D 209 -14.13 -36.48 -13.24
C HIS D 209 -13.32 -35.54 -14.14
N VAL D 210 -13.75 -34.29 -14.25
CA VAL D 210 -13.12 -33.32 -15.15
C VAL D 210 -12.51 -32.12 -14.42
N LEU D 211 -11.20 -31.96 -14.55
CA LEU D 211 -10.47 -30.87 -13.90
C LEU D 211 -9.96 -29.85 -14.92
N HIS D 212 -9.66 -28.63 -14.45
CA HIS D 212 -9.10 -27.60 -15.31
C HIS D 212 -8.12 -26.75 -14.52
N ASP D 213 -7.00 -26.42 -15.15
CA ASP D 213 -5.96 -25.64 -14.49
C ASP D 213 -5.91 -24.24 -15.10
N VAL D 214 -6.40 -23.24 -14.36
CA VAL D 214 -6.38 -21.85 -14.84
C VAL D 214 -4.96 -21.26 -14.89
N HIS D 215 -4.08 -21.78 -14.04
CA HIS D 215 -2.68 -21.44 -14.08
C HIS D 215 -2.38 -19.95 -13.87
N HIS D 216 -3.04 -19.35 -12.88
CA HIS D 216 -2.63 -18.06 -12.34
C HIS D 216 -3.00 -16.81 -13.17
N ARG D 217 -3.75 -17.00 -14.24
CA ARG D 217 -3.85 -15.95 -15.25
C ARG D 217 -4.95 -14.93 -15.02
N LEU D 218 -5.87 -15.21 -14.11
CA LEU D 218 -7.05 -14.37 -13.95
C LEU D 218 -6.97 -13.46 -12.72
N THR D 219 -7.77 -12.39 -12.73
CA THR D 219 -8.05 -11.67 -11.49
C THR D 219 -9.21 -12.38 -10.77
N PRO D 220 -9.40 -12.10 -9.48
CA PRO D 220 -10.50 -12.74 -8.73
C PRO D 220 -11.88 -12.62 -9.39
N ILE D 221 -12.30 -11.42 -9.82
CA ILE D 221 -13.65 -11.33 -10.39
C ILE D 221 -13.73 -12.02 -11.75
N GLU D 222 -12.60 -12.17 -12.43
CA GLU D 222 -12.55 -12.92 -13.69
C GLU D 222 -12.70 -14.40 -13.40
N ALA D 223 -12.07 -14.86 -12.32
CA ALA D 223 -12.20 -16.25 -11.91
C ALA D 223 -13.61 -16.53 -11.40
N ALA D 224 -14.22 -15.51 -10.80
CA ALA D 224 -15.59 -15.62 -10.32
C ALA D 224 -16.51 -15.88 -11.51
N ARG D 225 -16.33 -15.09 -12.56
CA ARG D 225 -17.11 -15.24 -13.77
C ARG D 225 -16.90 -16.60 -14.40
N LEU D 226 -15.64 -17.02 -14.54
CA LEU D 226 -15.37 -18.34 -15.10
C LEU D 226 -16.01 -19.46 -14.26
N GLY D 227 -15.79 -19.43 -12.94
CA GLY D 227 -16.44 -20.38 -12.06
C GLY D 227 -17.93 -20.53 -12.33
N LYS D 228 -18.64 -19.41 -12.40
CA LYS D 228 -20.09 -19.41 -12.63
C LYS D 228 -20.45 -19.98 -13.99
N ALA D 229 -19.67 -19.60 -15.00
CA ALA D 229 -19.85 -20.10 -16.35
C ALA D 229 -19.69 -21.63 -16.44
N VAL D 230 -18.79 -22.20 -15.64
CA VAL D 230 -18.54 -23.64 -15.73
C VAL D 230 -19.33 -24.48 -14.72
N GLU D 231 -20.18 -23.85 -13.92
CA GLU D 231 -20.99 -24.61 -12.95
C GLU D 231 -21.78 -25.78 -13.56
N PRO D 232 -22.42 -25.57 -14.72
CA PRO D 232 -23.23 -26.65 -15.31
C PRO D 232 -22.41 -27.88 -15.68
N TYR D 233 -21.10 -27.76 -15.78
CA TYR D 233 -20.27 -28.89 -16.18
C TYR D 233 -19.70 -29.63 -14.99
N HIS D 234 -19.85 -29.03 -13.81
CA HIS D 234 -19.55 -29.75 -12.56
C HIS D 234 -18.10 -30.26 -12.54
N LEU D 235 -17.16 -29.33 -12.54
CA LEU D 235 -15.75 -29.67 -12.53
C LEU D 235 -15.32 -30.26 -11.18
N PHE D 236 -14.42 -31.24 -11.22
CA PHE D 236 -13.83 -31.77 -9.99
C PHE D 236 -13.14 -30.64 -9.25
N TRP D 237 -12.42 -29.80 -10.00
CA TRP D 237 -11.87 -28.55 -9.46
C TRP D 237 -11.47 -27.57 -10.56
N LEU D 238 -11.39 -26.30 -10.18
CA LEU D 238 -10.83 -25.22 -10.98
C LEU D 238 -9.57 -24.85 -10.21
N GLU D 239 -8.41 -24.99 -10.85
CA GLU D 239 -7.14 -24.92 -10.12
C GLU D 239 -6.36 -23.62 -10.37
N ASP D 240 -5.78 -23.07 -9.31
CA ASP D 240 -4.88 -21.94 -9.42
C ASP D 240 -5.48 -20.77 -10.20
N CYS D 241 -6.69 -20.37 -9.81
CA CYS D 241 -7.39 -19.29 -10.51
C CYS D 241 -6.60 -18.00 -10.58
N VAL D 242 -6.00 -17.63 -9.45
CA VAL D 242 -5.34 -16.35 -9.35
C VAL D 242 -4.12 -16.48 -8.46
N PRO D 243 -3.10 -15.64 -8.68
CA PRO D 243 -1.91 -15.68 -7.81
C PRO D 243 -2.39 -15.43 -6.40
N ALA D 244 -1.83 -16.16 -5.45
CA ALA D 244 -2.40 -16.13 -4.11
C ALA D 244 -1.41 -15.84 -2.99
N GLU D 245 -0.37 -15.07 -3.30
CA GLU D 245 0.54 -14.58 -2.26
C GLU D 245 -0.31 -13.78 -1.28
N ASN D 246 -1.26 -13.02 -1.80
CA ASN D 246 -2.30 -12.44 -0.97
C ASN D 246 -3.46 -13.45 -0.94
N GLN D 247 -3.63 -14.10 0.20
CA GLN D 247 -4.59 -15.19 0.30
C GLN D 247 -6.03 -14.71 0.14
N GLU D 248 -6.30 -13.46 0.53
CA GLU D 248 -7.63 -12.87 0.34
C GLU D 248 -8.06 -12.88 -1.14
N SER D 249 -7.12 -13.15 -2.03
CA SER D 249 -7.42 -13.21 -3.46
C SER D 249 -8.53 -14.18 -3.80
N LEU D 250 -8.71 -15.22 -2.97
CA LEU D 250 -9.73 -16.25 -3.25
C LEU D 250 -11.16 -15.85 -2.84
N ARG D 251 -11.29 -14.87 -1.94
N ARG D 251 -11.27 -14.88 -1.93
CA ARG D 251 -12.59 -14.55 -1.35
CA ARG D 251 -12.57 -14.49 -1.36
C ARG D 251 -13.70 -14.25 -2.34
C ARG D 251 -13.66 -14.30 -2.39
N LEU D 252 -13.43 -13.40 -3.33
CA LEU D 252 -14.42 -13.02 -4.33
C LEU D 252 -14.83 -14.22 -5.19
N ILE D 253 -13.89 -15.12 -5.46
CA ILE D 253 -14.23 -16.32 -6.22
C ILE D 253 -15.20 -17.19 -5.41
N ARG D 254 -14.84 -17.45 -4.16
CA ARG D 254 -15.62 -18.35 -3.32
C ARG D 254 -17.01 -17.79 -3.08
N GLU D 255 -17.12 -16.48 -2.96
CA GLU D 255 -18.43 -15.88 -2.70
C GLU D 255 -19.36 -15.89 -3.92
N HIS D 256 -18.81 -16.09 -5.11
CA HIS D 256 -19.60 -16.02 -6.34
C HIS D 256 -19.85 -17.34 -7.09
N THR D 257 -19.14 -18.41 -6.74
CA THR D 257 -19.31 -19.69 -7.46
C THR D 257 -19.33 -20.91 -6.55
N THR D 258 -20.07 -21.92 -6.96
CA THR D 258 -20.07 -23.21 -6.25
C THR D 258 -19.17 -24.23 -6.97
N THR D 259 -18.43 -23.78 -7.99
CA THR D 259 -17.42 -24.66 -8.60
C THR D 259 -16.28 -24.89 -7.59
N PRO D 260 -15.88 -26.15 -7.39
CA PRO D 260 -14.87 -26.44 -6.37
C PRO D 260 -13.53 -25.82 -6.75
N LEU D 261 -12.77 -25.34 -5.78
CA LEU D 261 -11.53 -24.63 -6.11
C LEU D 261 -10.32 -25.37 -5.56
N ALA D 262 -9.22 -25.34 -6.31
CA ALA D 262 -8.00 -25.99 -5.86
C ALA D 262 -6.83 -25.02 -6.01
N ILE D 263 -5.87 -25.12 -5.09
CA ILE D 263 -4.73 -24.23 -5.14
C ILE D 263 -3.54 -24.74 -4.35
N GLY D 264 -2.34 -24.33 -4.76
CA GLY D 264 -1.20 -24.38 -3.87
C GLY D 264 0.04 -25.16 -4.31
N GLU D 265 0.10 -25.55 -5.58
CA GLU D 265 1.33 -26.17 -6.09
C GLU D 265 2.55 -25.25 -5.97
N VAL D 266 2.32 -23.94 -5.94
CA VAL D 266 3.46 -23.02 -5.82
C VAL D 266 3.79 -22.60 -4.38
N PHE D 267 3.10 -23.21 -3.41
CA PHE D 267 3.25 -22.89 -2.00
C PHE D 267 4.36 -23.74 -1.38
N ASN D 268 4.92 -23.31 -0.26
CA ASN D 268 5.95 -24.13 0.36
C ASN D 268 5.79 -24.24 1.88
N SER D 269 4.81 -23.53 2.43
CA SER D 269 4.62 -23.49 3.88
C SER D 269 3.13 -23.55 4.25
N ILE D 270 2.84 -24.02 5.46
CA ILE D 270 1.47 -23.94 5.98
C ILE D 270 1.02 -22.47 6.07
N HIS D 271 1.97 -21.57 6.27
CA HIS D 271 1.67 -20.15 6.34
C HIS D 271 1.25 -19.54 5.00
N ASP D 272 1.42 -20.29 3.91
CA ASP D 272 0.95 -19.84 2.60
C ASP D 272 -0.54 -20.07 2.41
N CYS D 273 -1.13 -20.91 3.25
CA CYS D 273 -2.50 -21.36 3.00
C CYS D 273 -3.36 -21.48 4.25
N ARG D 274 -2.81 -21.12 5.42
CA ARG D 274 -3.55 -21.24 6.65
C ARG D 274 -4.90 -20.51 6.59
N GLU D 275 -4.91 -19.33 6.00
CA GLU D 275 -6.12 -18.50 5.94
C GLU D 275 -7.06 -19.01 4.84
N LEU D 276 -6.49 -19.47 3.73
CA LEU D 276 -7.30 -20.04 2.66
C LEU D 276 -8.12 -21.21 3.19
N ILE D 277 -7.51 -22.01 4.07
CA ILE D 277 -8.17 -23.18 4.63
C ILE D 277 -9.21 -22.83 5.69
N GLN D 278 -8.81 -22.00 6.66
CA GLN D 278 -9.66 -21.68 7.80
C GLN D 278 -10.86 -20.85 7.36
N ASN D 279 -10.69 -20.07 6.31
CA ASN D 279 -11.78 -19.24 5.83
C ASN D 279 -12.63 -19.99 4.80
N GLN D 280 -12.25 -21.23 4.52
CA GLN D 280 -13.00 -22.08 3.59
C GLN D 280 -13.08 -21.44 2.22
N TRP D 281 -11.93 -21.08 1.70
CA TRP D 281 -11.85 -20.47 0.39
C TRP D 281 -11.46 -21.48 -0.69
N ILE D 282 -11.02 -22.67 -0.27
CA ILE D 282 -10.60 -23.70 -1.22
C ILE D 282 -11.13 -25.07 -0.83
N ASP D 283 -11.15 -26.01 -1.79
CA ASP D 283 -11.61 -27.35 -1.51
C ASP D 283 -10.50 -28.39 -1.54
N TYR D 284 -9.40 -28.05 -2.18
CA TYR D 284 -8.26 -28.95 -2.30
C TYR D 284 -6.99 -28.18 -2.14
N ILE D 285 -6.06 -28.74 -1.39
CA ILE D 285 -4.76 -28.11 -1.23
C ILE D 285 -3.73 -28.90 -2.06
N ARG D 286 -2.97 -28.21 -2.90
CA ARG D 286 -2.14 -28.85 -3.92
C ARG D 286 -0.67 -29.02 -3.56
N MET D 287 -0.23 -28.38 -2.47
CA MET D 287 1.18 -28.38 -2.12
C MET D 287 1.69 -29.81 -1.95
N PRO D 288 2.79 -30.15 -2.64
CA PRO D 288 3.32 -31.53 -2.60
C PRO D 288 4.47 -31.72 -1.60
N LEU D 289 4.90 -32.96 -1.41
CA LEU D 289 5.90 -33.28 -0.39
C LEU D 289 7.24 -32.56 -0.56
N THR D 290 7.81 -32.57 -1.76
CA THR D 290 9.17 -32.04 -1.93
C THR D 290 9.24 -30.52 -1.83
N HIS D 291 8.14 -29.84 -2.15
CA HIS D 291 8.11 -28.39 -2.06
C HIS D 291 7.49 -27.89 -0.77
N GLY D 292 6.78 -28.78 -0.07
CA GLY D 292 6.01 -28.40 1.09
C GLY D 292 6.68 -28.80 2.40
N GLY D 293 8.01 -28.96 2.38
CA GLY D 293 8.73 -29.32 3.58
C GLY D 293 8.56 -30.77 4.01
N GLY D 294 8.15 -31.63 3.09
CA GLY D 294 8.14 -33.06 3.34
C GLY D 294 6.99 -33.60 4.17
N ILE D 295 7.14 -34.85 4.61
CA ILE D 295 6.09 -35.55 5.35
C ILE D 295 5.72 -34.85 6.65
N THR D 296 6.74 -34.46 7.40
CA THR D 296 6.52 -33.85 8.70
C THR D 296 5.63 -32.61 8.61
N ALA D 297 5.85 -31.78 7.60
CA ALA D 297 5.06 -30.55 7.47
C ALA D 297 3.74 -30.79 6.75
N MET D 298 3.72 -31.72 5.80
CA MET D 298 2.49 -31.91 5.01
C MET D 298 1.44 -32.65 5.79
N ARG D 299 1.87 -33.46 6.75
CA ARG D 299 0.94 -34.04 7.68
C ARG D 299 0.16 -32.95 8.42
N ARG D 300 0.87 -31.94 8.92
CA ARG D 300 0.21 -30.83 9.61
C ARG D 300 -0.73 -30.05 8.71
N VAL D 301 -0.33 -29.85 7.46
CA VAL D 301 -1.19 -29.16 6.50
C VAL D 301 -2.47 -29.94 6.22
N ALA D 302 -2.33 -31.23 5.95
CA ALA D 302 -3.47 -32.08 5.66
C ALA D 302 -4.42 -32.12 6.87
N ASP D 303 -3.85 -32.08 8.08
CA ASP D 303 -4.68 -32.17 9.28
C ASP D 303 -5.47 -30.87 9.51
N LEU D 304 -4.84 -29.73 9.26
CA LEU D 304 -5.56 -28.46 9.33
C LEU D 304 -6.69 -28.45 8.29
N ALA D 305 -6.35 -28.81 7.06
CA ALA D 305 -7.35 -28.90 6.00
C ALA D 305 -8.57 -29.75 6.41
N SER D 306 -8.34 -30.91 7.02
CA SER D 306 -9.45 -31.79 7.39
C SER D 306 -10.51 -31.13 8.29
N LEU D 307 -10.09 -30.24 9.18
CA LEU D 307 -11.04 -29.52 10.02
C LEU D 307 -12.08 -28.74 9.23
N TYR D 308 -11.76 -28.45 7.96
CA TYR D 308 -12.61 -27.59 7.16
C TYR D 308 -13.05 -28.25 5.85
N HIS D 309 -13.01 -29.58 5.83
CA HIS D 309 -13.50 -30.36 4.68
C HIS D 309 -12.61 -30.23 3.46
N VAL D 310 -11.45 -29.62 3.63
CA VAL D 310 -10.52 -29.51 2.52
C VAL D 310 -9.78 -30.85 2.35
N ARG D 311 -9.59 -31.24 1.09
CA ARG D 311 -8.97 -32.53 0.76
C ARG D 311 -7.63 -32.32 0.08
N THR D 312 -6.77 -33.35 0.10
CA THR D 312 -5.48 -33.21 -0.55
C THR D 312 -5.59 -33.48 -2.04
N GLY D 313 -4.85 -32.69 -2.83
CA GLY D 313 -4.71 -32.90 -4.25
C GLY D 313 -3.26 -32.66 -4.69
N PHE D 314 -2.34 -33.50 -4.22
CA PHE D 314 -0.91 -33.32 -4.46
C PHE D 314 -0.55 -32.99 -5.91
N HIS D 315 0.23 -31.92 -6.09
CA HIS D 315 0.91 -31.63 -7.35
C HIS D 315 1.75 -32.85 -7.71
N GLY D 316 1.57 -33.40 -8.91
CA GLY D 316 2.30 -34.61 -9.32
C GLY D 316 2.84 -34.58 -10.75
N PRO D 317 3.70 -33.59 -11.05
CA PRO D 317 4.21 -33.47 -12.42
C PRO D 317 5.49 -34.28 -12.60
N THR D 318 6.08 -34.20 -13.79
CA THR D 318 7.34 -34.87 -14.05
C THR D 318 8.49 -34.23 -13.27
N ASP D 319 8.38 -32.95 -12.92
CA ASP D 319 9.48 -32.26 -12.24
C ASP D 319 9.58 -32.54 -10.73
N LEU D 320 8.76 -33.48 -10.27
CA LEU D 320 8.94 -34.10 -8.96
C LEU D 320 9.32 -35.54 -9.23
N SER D 321 10.38 -36.03 -8.61
CA SER D 321 10.93 -37.35 -8.95
C SER D 321 10.06 -38.50 -8.49
N PRO D 322 10.39 -39.72 -8.95
CA PRO D 322 9.73 -40.90 -8.39
C PRO D 322 9.92 -41.02 -6.88
N VAL D 323 11.00 -40.46 -6.33
CA VAL D 323 11.16 -40.49 -4.89
C VAL D 323 9.93 -39.82 -4.26
N CYS D 324 9.64 -38.60 -4.68
CA CYS D 324 8.45 -37.88 -4.21
C CYS D 324 7.16 -38.64 -4.47
N LEU D 325 6.99 -39.15 -5.68
CA LEU D 325 5.75 -39.85 -6.03
C LEU D 325 5.50 -41.08 -5.15
N GLY D 326 6.54 -41.86 -4.90
CA GLY D 326 6.39 -43.00 -4.01
C GLY D 326 6.00 -42.60 -2.61
N ALA D 327 6.67 -41.57 -2.09
CA ALA D 327 6.38 -41.10 -0.74
C ALA D 327 4.96 -40.54 -0.71
N ALA D 328 4.57 -39.89 -1.80
CA ALA D 328 3.25 -39.28 -1.87
C ALA D 328 2.18 -40.35 -1.91
N ILE D 329 2.50 -41.47 -2.53
CA ILE D 329 1.52 -42.53 -2.66
C ILE D 329 1.30 -43.18 -1.29
N HIS D 330 2.37 -43.35 -0.54
CA HIS D 330 2.25 -43.76 0.86
C HIS D 330 1.40 -42.78 1.68
N PHE D 331 1.70 -41.50 1.58
CA PHE D 331 0.93 -40.47 2.28
C PHE D 331 -0.54 -40.52 1.81
N ASP D 332 -0.77 -40.55 0.50
CA ASP D 332 -2.13 -40.63 -0.06
C ASP D 332 -2.89 -41.81 0.50
N THR D 333 -2.15 -42.87 0.81
CA THR D 333 -2.75 -44.13 1.23
C THR D 333 -3.24 -44.07 2.67
N TRP D 334 -2.55 -43.32 3.51
CA TRP D 334 -2.94 -43.17 4.91
C TRP D 334 -3.91 -42.00 5.15
N VAL D 335 -3.63 -40.86 4.55
CA VAL D 335 -4.32 -39.62 4.90
C VAL D 335 -5.85 -39.73 4.75
N PRO D 336 -6.57 -39.45 5.83
CA PRO D 336 -8.03 -39.59 5.81
C PRO D 336 -8.67 -38.73 4.73
N ASN D 337 -8.25 -37.47 4.63
CA ASN D 337 -8.88 -36.49 3.76
C ASN D 337 -8.21 -36.39 2.37
N PHE D 338 -7.93 -37.57 1.81
CA PHE D 338 -7.36 -37.68 0.47
C PHE D 338 -8.38 -37.23 -0.57
N GLY D 339 -7.93 -36.44 -1.55
CA GLY D 339 -8.82 -36.05 -2.64
C GLY D 339 -8.47 -36.80 -3.91
N ILE D 340 -7.27 -36.53 -4.42
CA ILE D 340 -6.82 -37.09 -5.70
C ILE D 340 -5.30 -36.95 -5.81
N GLN D 341 -4.69 -37.74 -6.67
CA GLN D 341 -3.26 -37.66 -6.89
C GLN D 341 -2.98 -37.39 -8.37
N GLU D 342 -2.33 -36.27 -8.66
CA GLU D 342 -1.96 -35.93 -10.03
C GLU D 342 -0.96 -36.94 -10.57
N HIS D 343 -1.12 -37.32 -11.83
CA HIS D 343 -0.16 -38.25 -12.43
C HIS D 343 0.28 -37.85 -13.83
N MET D 344 1.51 -37.36 -13.91
CA MET D 344 2.23 -37.19 -15.17
C MET D 344 3.32 -38.27 -15.22
N PRO D 345 3.19 -39.23 -16.12
CA PRO D 345 4.13 -40.36 -16.21
C PRO D 345 5.57 -39.91 -16.42
N HIS D 346 6.50 -40.49 -15.68
CA HIS D 346 7.93 -40.21 -15.89
C HIS D 346 8.43 -40.98 -17.13
N THR D 347 9.59 -40.59 -17.65
CA THR D 347 10.20 -41.29 -18.79
C THR D 347 10.73 -42.66 -18.33
N ASP D 348 10.95 -43.55 -19.29
CA ASP D 348 11.53 -44.85 -18.97
C ASP D 348 12.90 -44.72 -18.31
N GLU D 349 13.69 -43.76 -18.80
CA GLU D 349 15.02 -43.52 -18.25
C GLU D 349 14.91 -43.06 -16.81
N THR D 350 13.95 -42.17 -16.55
CA THR D 350 13.70 -41.69 -15.19
C THR D 350 13.31 -42.84 -14.27
N ASP D 351 12.34 -43.63 -14.72
CA ASP D 351 11.87 -44.77 -13.94
C ASP D 351 13.00 -45.78 -13.70
N ALA D 352 13.92 -45.90 -14.65
CA ALA D 352 15.07 -46.79 -14.49
C ALA D 352 16.05 -46.26 -13.43
N VAL D 353 16.26 -44.95 -13.41
CA VAL D 353 17.18 -44.36 -12.45
C VAL D 353 16.64 -44.41 -11.02
N PHE D 354 15.32 -44.47 -10.90
CA PHE D 354 14.63 -44.46 -9.61
C PHE D 354 13.75 -45.68 -9.41
N PRO D 355 14.35 -46.86 -9.25
CA PRO D 355 13.58 -48.10 -9.10
C PRO D 355 12.61 -47.95 -7.95
N HIS D 356 11.38 -48.42 -8.14
CA HIS D 356 10.33 -48.19 -7.14
C HIS D 356 9.33 -49.34 -7.09
N ASP D 357 8.64 -49.49 -5.97
CA ASP D 357 7.67 -50.56 -5.86
C ASP D 357 6.21 -50.11 -5.78
N TYR D 358 5.92 -48.83 -6.06
CA TYR D 358 4.53 -48.44 -6.25
C TYR D 358 4.06 -48.90 -7.64
N ARG D 359 2.75 -49.14 -7.79
CA ARG D 359 2.21 -49.64 -9.04
C ARG D 359 1.05 -48.81 -9.56
N PHE D 360 0.97 -48.66 -10.88
CA PHE D 360 -0.19 -48.05 -11.51
C PHE D 360 -1.02 -49.15 -12.15
N GLU D 361 -2.29 -49.22 -11.79
CA GLU D 361 -3.23 -50.14 -12.42
C GLU D 361 -4.59 -49.47 -12.57
N ASP D 362 -5.18 -49.59 -13.76
CA ASP D 362 -6.58 -49.23 -13.96
C ASP D 362 -6.90 -47.87 -13.32
N GLY D 363 -6.08 -46.87 -13.64
CA GLY D 363 -6.34 -45.49 -13.23
C GLY D 363 -5.93 -45.14 -11.80
N HIS D 364 -5.33 -46.09 -11.08
CA HIS D 364 -5.02 -45.88 -9.66
C HIS D 364 -3.61 -46.29 -9.30
N PHE D 365 -3.06 -45.65 -8.26
CA PHE D 365 -1.81 -46.10 -7.67
C PHE D 365 -2.06 -47.06 -6.50
N LEU D 366 -1.21 -48.07 -6.38
CA LEU D 366 -1.17 -48.93 -5.21
C LEU D 366 0.17 -48.70 -4.53
N ALA D 367 0.15 -48.48 -3.22
CA ALA D 367 1.38 -48.27 -2.44
C ALA D 367 2.26 -49.54 -2.39
N GLY D 368 3.56 -49.36 -2.50
CA GLY D 368 4.48 -50.48 -2.32
C GLY D 368 4.38 -51.07 -0.92
N GLU D 369 4.93 -52.28 -0.74
CA GLU D 369 4.93 -52.93 0.56
C GLU D 369 6.34 -53.08 1.14
N SER D 370 7.34 -52.57 0.42
CA SER D 370 8.74 -52.61 0.88
C SER D 370 8.93 -51.63 2.02
N PRO D 371 9.79 -51.97 2.99
CA PRO D 371 10.07 -51.03 4.07
C PRO D 371 10.66 -49.72 3.53
N GLY D 372 10.29 -48.58 4.11
CA GLY D 372 10.65 -47.28 3.58
C GLY D 372 9.57 -46.74 2.65
N HIS D 373 9.89 -45.69 1.88
CA HIS D 373 8.93 -45.24 0.87
C HIS D 373 9.00 -46.10 -0.39
N GLY D 374 10.01 -46.98 -0.45
CA GLY D 374 10.08 -47.98 -1.48
C GLY D 374 10.70 -47.52 -2.78
N VAL D 375 11.35 -46.36 -2.74
CA VAL D 375 12.05 -45.85 -3.93
C VAL D 375 13.54 -45.82 -3.65
N ASP D 376 14.33 -46.06 -4.70
CA ASP D 376 15.78 -45.92 -4.57
C ASP D 376 16.38 -45.23 -5.78
N ILE D 377 17.67 -44.93 -5.68
CA ILE D 377 18.36 -44.32 -6.80
C ILE D 377 19.54 -45.19 -7.21
N ASP D 378 19.58 -45.51 -8.50
CA ASP D 378 20.72 -46.20 -9.11
C ASP D 378 21.77 -45.15 -9.48
N GLU D 379 22.75 -44.96 -8.62
CA GLU D 379 23.71 -43.87 -8.78
C GLU D 379 24.57 -43.99 -10.04
N GLU D 380 25.01 -45.21 -10.35
CA GLU D 380 25.82 -45.45 -11.52
C GLU D 380 25.04 -45.08 -12.77
N LEU D 381 23.76 -45.42 -12.80
CA LEU D 381 22.94 -45.07 -13.96
C LEU D 381 22.68 -43.56 -13.98
N ALA D 382 22.54 -42.97 -12.81
CA ALA D 382 22.23 -41.55 -12.71
C ALA D 382 23.38 -40.70 -13.26
N ALA D 383 24.61 -41.19 -13.08
CA ALA D 383 25.77 -40.45 -13.53
C ALA D 383 25.92 -40.47 -15.06
N LYS D 384 25.07 -41.24 -15.74
CA LYS D 384 25.12 -41.30 -17.21
C LYS D 384 24.31 -40.17 -17.87
N TYR D 385 23.56 -39.44 -17.07
CA TYR D 385 22.74 -38.35 -17.59
C TYR D 385 23.08 -37.05 -16.85
N PRO D 386 23.97 -36.24 -17.42
CA PRO D 386 24.40 -35.00 -16.76
C PRO D 386 23.31 -33.95 -16.79
N TYR D 387 23.36 -33.05 -15.82
CA TYR D 387 22.46 -31.91 -15.74
C TYR D 387 22.44 -31.10 -17.04
N GLU D 388 21.24 -30.75 -17.52
CA GLU D 388 21.07 -29.79 -18.63
C GLU D 388 20.15 -28.66 -18.18
N ARG D 389 20.66 -27.43 -18.15
CA ARG D 389 19.84 -26.28 -17.76
C ARG D 389 18.54 -26.20 -18.57
N ALA D 390 17.40 -26.11 -17.89
CA ALA D 390 16.14 -25.82 -18.55
C ALA D 390 15.27 -24.93 -17.65
N SER D 391 14.65 -23.94 -18.27
CA SER D 391 13.84 -22.97 -17.54
C SER D 391 12.37 -23.06 -17.90
N LEU D 392 11.51 -22.64 -16.98
CA LEU D 392 10.08 -22.54 -17.25
C LEU D 392 9.77 -21.33 -18.14
N PRO D 393 8.68 -21.41 -18.90
CA PRO D 393 8.30 -20.30 -19.77
C PRO D 393 7.86 -19.11 -18.95
N VAL D 394 7.84 -17.94 -19.57
CA VAL D 394 7.13 -16.79 -19.01
C VAL D 394 5.97 -16.44 -19.93
N ASN D 395 5.09 -15.58 -19.42
CA ASN D 395 3.87 -15.25 -20.14
C ASN D 395 3.75 -13.75 -20.27
N ARG D 396 3.45 -13.26 -21.46
CA ARG D 396 3.24 -11.82 -21.63
C ARG D 396 1.87 -11.56 -22.23
N LEU D 397 1.28 -10.43 -21.89
CA LEU D 397 0.04 -10.02 -22.53
C LEU D 397 0.36 -9.48 -23.91
N GLU D 398 -0.69 -9.16 -24.67
CA GLU D 398 -0.49 -8.74 -26.04
C GLU D 398 0.24 -7.41 -26.16
N ASP D 399 0.23 -6.62 -25.09
CA ASP D 399 0.92 -5.33 -25.12
C ASP D 399 2.37 -5.45 -24.64
N GLY D 400 2.76 -6.66 -24.24
CA GLY D 400 4.10 -6.92 -23.75
C GLY D 400 4.20 -7.01 -22.23
N THR D 401 3.10 -6.74 -21.53
CA THR D 401 3.10 -6.83 -20.06
C THR D 401 3.54 -8.21 -19.60
N LEU D 402 4.57 -8.25 -18.77
CA LEU D 402 4.98 -9.50 -18.13
C LEU D 402 3.89 -9.97 -17.15
N TRP D 403 3.34 -11.14 -17.43
CA TRP D 403 2.15 -11.61 -16.72
C TRP D 403 2.47 -12.90 -15.96
N HIS D 404 1.44 -13.54 -15.43
CA HIS D 404 1.63 -14.80 -14.73
C HIS D 404 1.58 -15.95 -15.72
N TRP D 405 2.57 -16.85 -15.66
CA TRP D 405 2.52 -18.02 -16.50
C TRP D 405 1.87 -19.19 -15.76
#